data_2P63
# 
_entry.id   2P63 
# 
_audit_conform.dict_name       mmcif_pdbx.dic 
_audit_conform.dict_version    5.398 
_audit_conform.dict_location   http://mmcif.pdb.org/dictionaries/ascii/mmcif_pdbx.dic 
# 
loop_
_database_2.database_id 
_database_2.database_code 
_database_2.pdbx_database_accession 
_database_2.pdbx_DOI 
PDB   2P63         pdb_00002p63 10.2210/pdb2p63/pdb 
RCSB  RCSB042012   ?            ?                   
WWPDB D_1000042012 ?            ?                   
# 
loop_
_pdbx_audit_revision_history.ordinal 
_pdbx_audit_revision_history.data_content_type 
_pdbx_audit_revision_history.major_revision 
_pdbx_audit_revision_history.minor_revision 
_pdbx_audit_revision_history.revision_date 
1 'Structure model' 1 0 2007-06-19 
2 'Structure model' 1 1 2008-05-01 
3 'Structure model' 1 2 2011-07-13 
4 'Structure model' 1 3 2024-11-06 
# 
_pdbx_audit_revision_details.ordinal             1 
_pdbx_audit_revision_details.revision_ordinal    1 
_pdbx_audit_revision_details.data_content_type   'Structure model' 
_pdbx_audit_revision_details.provider            repository 
_pdbx_audit_revision_details.type                'Initial release' 
_pdbx_audit_revision_details.description         ? 
_pdbx_audit_revision_details.details             ? 
# 
loop_
_pdbx_audit_revision_group.ordinal 
_pdbx_audit_revision_group.revision_ordinal 
_pdbx_audit_revision_group.data_content_type 
_pdbx_audit_revision_group.group 
1 2 'Structure model' 'Version format compliance' 
2 3 'Structure model' 'Derived calculations'      
3 3 'Structure model' 'Version format compliance' 
4 4 'Structure model' 'Data collection'           
5 4 'Structure model' 'Database references'       
6 4 'Structure model' 'Derived calculations'      
7 4 'Structure model' 'Refinement description'    
8 4 'Structure model' 'Structure summary'         
# 
loop_
_pdbx_audit_revision_category.ordinal 
_pdbx_audit_revision_category.revision_ordinal 
_pdbx_audit_revision_category.data_content_type 
_pdbx_audit_revision_category.category 
1 4 'Structure model' chem_comp_atom            
2 4 'Structure model' chem_comp_bond            
3 4 'Structure model' database_2                
4 4 'Structure model' pdbx_entry_details        
5 4 'Structure model' pdbx_modification_feature 
6 4 'Structure model' struct_conn               
7 4 'Structure model' struct_ncs_dom_lim        
8 4 'Structure model' struct_ref_seq_dif        
# 
loop_
_pdbx_audit_revision_item.ordinal 
_pdbx_audit_revision_item.revision_ordinal 
_pdbx_audit_revision_item.data_content_type 
_pdbx_audit_revision_item.item 
1 4 'Structure model' '_database_2.pdbx_DOI'                 
2 4 'Structure model' '_database_2.pdbx_database_accession'  
3 4 'Structure model' '_struct_conn.pdbx_leaving_atom_flag'  
4 4 'Structure model' '_struct_ncs_dom_lim.beg_auth_comp_id' 
5 4 'Structure model' '_struct_ncs_dom_lim.end_auth_comp_id' 
6 4 'Structure model' '_struct_ref_seq_dif.details'          
# 
_pdbx_database_status.status_code                     REL 
_pdbx_database_status.entry_id                        2P63 
_pdbx_database_status.recvd_initial_deposition_date   2007-03-16 
_pdbx_database_status.deposit_site                    RCSB 
_pdbx_database_status.process_site                    RCSB 
_pdbx_database_status.status_code_sf                  REL 
_pdbx_database_status.status_code_mr                  ? 
_pdbx_database_status.SG_entry                        ? 
_pdbx_database_status.pdb_format_compatible           Y 
_pdbx_database_status.status_code_cs                  ? 
_pdbx_database_status.status_code_nmr_data            ? 
_pdbx_database_status.methods_development_category    ? 
# 
loop_
_audit_author.name 
_audit_author.pdbx_ordinal 
'Orlicky, S.'    1 
'Neculai, D.'    2 
'Ceccarelli, D.' 3 
# 
_citation.id                        primary 
_citation.title                     
'Suprafacial orientation of the SCFCdc4 dimer accommodates multiple geometries for substrate ubiquitination.' 
_citation.journal_abbrev            'Cell(Cambridge,Mass.)' 
_citation.journal_volume            129 
_citation.page_first                1165 
_citation.page_last                 1176 
_citation.year                      2007 
_citation.journal_id_ASTM           CELLB5 
_citation.country                   US 
_citation.journal_id_ISSN           0092-8674 
_citation.journal_id_CSD            0998 
_citation.book_publisher            ? 
_citation.pdbx_database_id_PubMed   17574027 
_citation.pdbx_database_id_DOI      10.1016/j.cell.2007.04.042 
# 
loop_
_citation_author.citation_id 
_citation_author.name 
_citation_author.ordinal 
_citation_author.identifier_ORCID 
primary 'Tang, X.'       1  ? 
primary 'Orlicky, S.'    2  ? 
primary 'Lin, Z.'        3  ? 
primary 'Willems, A.'    4  ? 
primary 'Neculai, D.'    5  ? 
primary 'Ceccarelli, D.' 6  ? 
primary 'Mercurio, F.'   7  ? 
primary 'Shilton, B.H.'  8  ? 
primary 'Sicheri, F.'    9  ? 
primary 'Tyers, M.'      10 ? 
# 
loop_
_entity.id 
_entity.type 
_entity.src_method 
_entity.pdbx_description 
_entity.formula_weight 
_entity.pdbx_number_of_molecules 
_entity.pdbx_ec 
_entity.pdbx_mutation 
_entity.pdbx_fragment 
_entity.details 
1 polymer man 'Cell division control protein 4' 6429.942 4  ? ? 'D Domain' ? 
2 water   nat water                             18.015   37 ? ? ?          ? 
# 
_entity_name_com.entity_id   1 
_entity_name_com.name        'F-box protein CDC4, E3 ubiquitin ligase complex SCF subunit CDC4' 
# 
_entity_poly.entity_id                      1 
_entity_poly.type                           'polypeptide(L)' 
_entity_poly.nstd_linkage                   no 
_entity_poly.nstd_monomer                   yes 
_entity_poly.pdbx_seq_one_letter_code       'GA(MSE)GSPEYLSDEIFSAINNNLPHAYFKNLLFRLVAN(MSE)DRSELSDLGTLIKDNLKRD' 
_entity_poly.pdbx_seq_one_letter_code_can   GAMGSPEYLSDEIFSAINNNLPHAYFKNLLFRLVANMDRSELSDLGTLIKDNLKRD 
_entity_poly.pdbx_strand_id                 A,B,C,D 
_entity_poly.pdbx_target_identifier         ? 
# 
_pdbx_entity_nonpoly.entity_id   2 
_pdbx_entity_nonpoly.name        water 
_pdbx_entity_nonpoly.comp_id     HOH 
# 
loop_
_entity_poly_seq.entity_id 
_entity_poly_seq.num 
_entity_poly_seq.mon_id 
_entity_poly_seq.hetero 
1 1  GLY n 
1 2  ALA n 
1 3  MSE n 
1 4  GLY n 
1 5  SER n 
1 6  PRO n 
1 7  GLU n 
1 8  TYR n 
1 9  LEU n 
1 10 SER n 
1 11 ASP n 
1 12 GLU n 
1 13 ILE n 
1 14 PHE n 
1 15 SER n 
1 16 ALA n 
1 17 ILE n 
1 18 ASN n 
1 19 ASN n 
1 20 ASN n 
1 21 LEU n 
1 22 PRO n 
1 23 HIS n 
1 24 ALA n 
1 25 TYR n 
1 26 PHE n 
1 27 LYS n 
1 28 ASN n 
1 29 LEU n 
1 30 LEU n 
1 31 PHE n 
1 32 ARG n 
1 33 LEU n 
1 34 VAL n 
1 35 ALA n 
1 36 ASN n 
1 37 MSE n 
1 38 ASP n 
1 39 ARG n 
1 40 SER n 
1 41 GLU n 
1 42 LEU n 
1 43 SER n 
1 44 ASP n 
1 45 LEU n 
1 46 GLY n 
1 47 THR n 
1 48 LEU n 
1 49 ILE n 
1 50 LYS n 
1 51 ASP n 
1 52 ASN n 
1 53 LEU n 
1 54 LYS n 
1 55 ARG n 
1 56 ASP n 
# 
_entity_src_gen.entity_id                          1 
_entity_src_gen.pdbx_src_id                        1 
_entity_src_gen.pdbx_alt_source_flag               sample 
_entity_src_gen.pdbx_seq_type                      ? 
_entity_src_gen.pdbx_beg_seq_num                   ? 
_entity_src_gen.pdbx_end_seq_num                   ? 
_entity_src_gen.gene_src_common_name               
;baker's yeast
;
_entity_src_gen.gene_src_genus                     Saccharomyces 
_entity_src_gen.pdbx_gene_src_gene                 CDC4 
_entity_src_gen.gene_src_species                   ? 
_entity_src_gen.gene_src_strain                    ? 
_entity_src_gen.gene_src_tissue                    ? 
_entity_src_gen.gene_src_tissue_fraction           ? 
_entity_src_gen.gene_src_details                   ? 
_entity_src_gen.pdbx_gene_src_fragment             ? 
_entity_src_gen.pdbx_gene_src_scientific_name      'Saccharomyces cerevisiae' 
_entity_src_gen.pdbx_gene_src_ncbi_taxonomy_id     4932 
_entity_src_gen.pdbx_gene_src_variant              ? 
_entity_src_gen.pdbx_gene_src_cell_line            ? 
_entity_src_gen.pdbx_gene_src_atcc                 ? 
_entity_src_gen.pdbx_gene_src_organ                ? 
_entity_src_gen.pdbx_gene_src_organelle            ? 
_entity_src_gen.pdbx_gene_src_cell                 ? 
_entity_src_gen.pdbx_gene_src_cellular_location    ? 
_entity_src_gen.host_org_common_name               ? 
_entity_src_gen.pdbx_host_org_scientific_name      'Escherichia coli BL21(DE3)' 
_entity_src_gen.pdbx_host_org_ncbi_taxonomy_id     469008 
_entity_src_gen.host_org_genus                     Escherichia 
_entity_src_gen.pdbx_host_org_gene                 ? 
_entity_src_gen.pdbx_host_org_organ                ? 
_entity_src_gen.host_org_species                   'Escherichia coli' 
_entity_src_gen.pdbx_host_org_tissue               ? 
_entity_src_gen.pdbx_host_org_tissue_fraction      ? 
_entity_src_gen.pdbx_host_org_strain               'BL21(DE3)' 
_entity_src_gen.pdbx_host_org_variant              ? 
_entity_src_gen.pdbx_host_org_cell_line            ? 
_entity_src_gen.pdbx_host_org_atcc                 ? 
_entity_src_gen.pdbx_host_org_culture_collection   ? 
_entity_src_gen.pdbx_host_org_cell                 ? 
_entity_src_gen.pdbx_host_org_organelle            ? 
_entity_src_gen.pdbx_host_org_cellular_location    ? 
_entity_src_gen.pdbx_host_org_vector_type          Plasmid 
_entity_src_gen.pdbx_host_org_vector               ? 
_entity_src_gen.host_org_details                   ? 
_entity_src_gen.expression_system_id               ? 
_entity_src_gen.plasmid_name                       PGEX 
_entity_src_gen.plasmid_details                    ? 
_entity_src_gen.pdbx_description                   ? 
# 
loop_
_chem_comp.id 
_chem_comp.type 
_chem_comp.mon_nstd_flag 
_chem_comp.name 
_chem_comp.pdbx_synonyms 
_chem_comp.formula 
_chem_comp.formula_weight 
ALA 'L-peptide linking' y ALANINE          ? 'C3 H7 N O2'     89.093  
ARG 'L-peptide linking' y ARGININE         ? 'C6 H15 N4 O2 1' 175.209 
ASN 'L-peptide linking' y ASPARAGINE       ? 'C4 H8 N2 O3'    132.118 
ASP 'L-peptide linking' y 'ASPARTIC ACID'  ? 'C4 H7 N O4'     133.103 
GLU 'L-peptide linking' y 'GLUTAMIC ACID'  ? 'C5 H9 N O4'     147.129 
GLY 'peptide linking'   y GLYCINE          ? 'C2 H5 N O2'     75.067  
HIS 'L-peptide linking' y HISTIDINE        ? 'C6 H10 N3 O2 1' 156.162 
HOH non-polymer         . WATER            ? 'H2 O'           18.015  
ILE 'L-peptide linking' y ISOLEUCINE       ? 'C6 H13 N O2'    131.173 
LEU 'L-peptide linking' y LEUCINE          ? 'C6 H13 N O2'    131.173 
LYS 'L-peptide linking' y LYSINE           ? 'C6 H15 N2 O2 1' 147.195 
MSE 'L-peptide linking' n SELENOMETHIONINE ? 'C5 H11 N O2 Se' 196.106 
PHE 'L-peptide linking' y PHENYLALANINE    ? 'C9 H11 N O2'    165.189 
PRO 'L-peptide linking' y PROLINE          ? 'C5 H9 N O2'     115.130 
SER 'L-peptide linking' y SERINE           ? 'C3 H7 N O3'     105.093 
THR 'L-peptide linking' y THREONINE        ? 'C4 H9 N O3'     119.119 
TYR 'L-peptide linking' y TYROSINE         ? 'C9 H11 N O3'    181.189 
VAL 'L-peptide linking' y VALINE           ? 'C5 H11 N O2'    117.146 
# 
loop_
_pdbx_poly_seq_scheme.asym_id 
_pdbx_poly_seq_scheme.entity_id 
_pdbx_poly_seq_scheme.seq_id 
_pdbx_poly_seq_scheme.mon_id 
_pdbx_poly_seq_scheme.ndb_seq_num 
_pdbx_poly_seq_scheme.pdb_seq_num 
_pdbx_poly_seq_scheme.auth_seq_num 
_pdbx_poly_seq_scheme.pdb_mon_id 
_pdbx_poly_seq_scheme.auth_mon_id 
_pdbx_poly_seq_scheme.pdb_strand_id 
_pdbx_poly_seq_scheme.pdb_ins_code 
_pdbx_poly_seq_scheme.hetero 
A 1 1  GLY 1  218 ?   ?   ?   A . n 
A 1 2  ALA 2  219 ?   ?   ?   A . n 
A 1 3  MSE 3  220 ?   ?   ?   A . n 
A 1 4  GLY 4  221 221 GLY GLY A . n 
A 1 5  SER 5  222 222 SER SER A . n 
A 1 6  PRO 6  223 223 PRO PRO A . n 
A 1 7  GLU 7  224 224 GLU GLU A . n 
A 1 8  TYR 8  225 225 TYR TYR A . n 
A 1 9  LEU 9  226 226 LEU LEU A . n 
A 1 10 SER 10 227 227 SER SER A . n 
A 1 11 ASP 11 228 228 ASP ASP A . n 
A 1 12 GLU 12 229 229 GLU GLU A . n 
A 1 13 ILE 13 230 230 ILE ILE A . n 
A 1 14 PHE 14 231 231 PHE PHE A . n 
A 1 15 SER 15 232 232 SER SER A . n 
A 1 16 ALA 16 233 233 ALA ALA A . n 
A 1 17 ILE 17 234 234 ILE ILE A . n 
A 1 18 ASN 18 235 235 ASN ASN A . n 
A 1 19 ASN 19 236 236 ASN ASN A . n 
A 1 20 ASN 20 237 237 ASN ASN A . n 
A 1 21 LEU 21 238 238 LEU LEU A . n 
A 1 22 PRO 22 239 239 PRO PRO A . n 
A 1 23 HIS 23 240 240 HIS HIS A . n 
A 1 24 ALA 24 241 241 ALA ALA A . n 
A 1 25 TYR 25 242 242 TYR TYR A . n 
A 1 26 PHE 26 243 243 PHE PHE A . n 
A 1 27 LYS 27 244 244 LYS LYS A . n 
A 1 28 ASN 28 245 245 ASN ASN A . n 
A 1 29 LEU 29 246 246 LEU LEU A . n 
A 1 30 LEU 30 247 247 LEU LEU A . n 
A 1 31 PHE 31 248 248 PHE PHE A . n 
A 1 32 ARG 32 249 249 ARG ARG A . n 
A 1 33 LEU 33 250 250 LEU LEU A . n 
A 1 34 VAL 34 251 251 VAL VAL A . n 
A 1 35 ALA 35 252 252 ALA ALA A . n 
A 1 36 ASN 36 253 253 ASN ASN A . n 
A 1 37 MSE 37 254 254 MSE MSE A . n 
A 1 38 ASP 38 255 255 ASP ASP A . n 
A 1 39 ARG 39 256 256 ARG ARG A . n 
A 1 40 SER 40 257 257 SER SER A . n 
A 1 41 GLU 41 258 258 GLU GLU A . n 
A 1 42 LEU 42 259 259 LEU LEU A . n 
A 1 43 SER 43 260 260 SER SER A . n 
A 1 44 ASP 44 261 261 ASP ASP A . n 
A 1 45 LEU 45 262 262 LEU LEU A . n 
A 1 46 GLY 46 263 263 GLY GLY A . n 
A 1 47 THR 47 264 264 THR THR A . n 
A 1 48 LEU 48 265 265 LEU LEU A . n 
A 1 49 ILE 49 266 266 ILE ILE A . n 
A 1 50 LYS 50 267 267 LYS LYS A . n 
A 1 51 ASP 51 268 268 ASP ASP A . n 
A 1 52 ASN 52 269 269 ASN ASN A . n 
A 1 53 LEU 53 270 270 LEU LEU A . n 
A 1 54 LYS 54 271 271 LYS LYS A . n 
A 1 55 ARG 55 272 272 ARG ARG A . n 
A 1 56 ASP 56 273 ?   ?   ?   A . n 
B 1 1  GLY 1  218 ?   ?   ?   B . n 
B 1 2  ALA 2  219 ?   ?   ?   B . n 
B 1 3  MSE 3  220 ?   ?   ?   B . n 
B 1 4  GLY 4  221 ?   ?   ?   B . n 
B 1 5  SER 5  222 222 SER SER B . n 
B 1 6  PRO 6  223 223 PRO PRO B . n 
B 1 7  GLU 7  224 224 GLU GLU B . n 
B 1 8  TYR 8  225 225 TYR TYR B . n 
B 1 9  LEU 9  226 226 LEU LEU B . n 
B 1 10 SER 10 227 227 SER SER B . n 
B 1 11 ASP 11 228 228 ASP ASP B . n 
B 1 12 GLU 12 229 229 GLU GLU B . n 
B 1 13 ILE 13 230 230 ILE ILE B . n 
B 1 14 PHE 14 231 231 PHE PHE B . n 
B 1 15 SER 15 232 232 SER SER B . n 
B 1 16 ALA 16 233 233 ALA ALA B . n 
B 1 17 ILE 17 234 234 ILE ILE B . n 
B 1 18 ASN 18 235 235 ASN ASN B . n 
B 1 19 ASN 19 236 236 ASN ASN B . n 
B 1 20 ASN 20 237 237 ASN ASN B . n 
B 1 21 LEU 21 238 238 LEU LEU B . n 
B 1 22 PRO 22 239 239 PRO PRO B . n 
B 1 23 HIS 23 240 240 HIS HIS B . n 
B 1 24 ALA 24 241 241 ALA ALA B . n 
B 1 25 TYR 25 242 242 TYR TYR B . n 
B 1 26 PHE 26 243 243 PHE PHE B . n 
B 1 27 LYS 27 244 244 LYS LYS B . n 
B 1 28 ASN 28 245 245 ASN ASN B . n 
B 1 29 LEU 29 246 246 LEU LEU B . n 
B 1 30 LEU 30 247 247 LEU LEU B . n 
B 1 31 PHE 31 248 248 PHE PHE B . n 
B 1 32 ARG 32 249 249 ARG ARG B . n 
B 1 33 LEU 33 250 250 LEU LEU B . n 
B 1 34 VAL 34 251 251 VAL VAL B . n 
B 1 35 ALA 35 252 252 ALA ALA B . n 
B 1 36 ASN 36 253 253 ASN ASN B . n 
B 1 37 MSE 37 254 254 MSE MSE B . n 
B 1 38 ASP 38 255 255 ASP ASP B . n 
B 1 39 ARG 39 256 256 ARG ARG B . n 
B 1 40 SER 40 257 257 SER SER B . n 
B 1 41 GLU 41 258 258 GLU GLU B . n 
B 1 42 LEU 42 259 259 LEU LEU B . n 
B 1 43 SER 43 260 260 SER SER B . n 
B 1 44 ASP 44 261 261 ASP ASP B . n 
B 1 45 LEU 45 262 262 LEU LEU B . n 
B 1 46 GLY 46 263 263 GLY GLY B . n 
B 1 47 THR 47 264 264 THR THR B . n 
B 1 48 LEU 48 265 265 LEU LEU B . n 
B 1 49 ILE 49 266 266 ILE ILE B . n 
B 1 50 LYS 50 267 267 LYS LYS B . n 
B 1 51 ASP 51 268 268 ASP ASP B . n 
B 1 52 ASN 52 269 269 ASN ASN B . n 
B 1 53 LEU 53 270 270 LEU LEU B . n 
B 1 54 LYS 54 271 271 LYS LYS B . n 
B 1 55 ARG 55 272 272 ARG ARG B . n 
B 1 56 ASP 56 273 ?   ?   ?   B . n 
C 1 1  GLY 1  218 ?   ?   ?   C . n 
C 1 2  ALA 2  219 ?   ?   ?   C . n 
C 1 3  MSE 3  220 ?   ?   ?   C . n 
C 1 4  GLY 4  221 221 GLY GLY C . n 
C 1 5  SER 5  222 222 SER SER C . n 
C 1 6  PRO 6  223 223 PRO PRO C . n 
C 1 7  GLU 7  224 224 GLU GLU C . n 
C 1 8  TYR 8  225 225 TYR TYR C . n 
C 1 9  LEU 9  226 226 LEU LEU C . n 
C 1 10 SER 10 227 227 SER SER C . n 
C 1 11 ASP 11 228 228 ASP ASP C . n 
C 1 12 GLU 12 229 229 GLU GLU C . n 
C 1 13 ILE 13 230 230 ILE ILE C . n 
C 1 14 PHE 14 231 231 PHE PHE C . n 
C 1 15 SER 15 232 232 SER SER C . n 
C 1 16 ALA 16 233 233 ALA ALA C . n 
C 1 17 ILE 17 234 234 ILE ILE C . n 
C 1 18 ASN 18 235 235 ASN ASN C . n 
C 1 19 ASN 19 236 236 ASN ASN C . n 
C 1 20 ASN 20 237 237 ASN ASN C . n 
C 1 21 LEU 21 238 238 LEU LEU C . n 
C 1 22 PRO 22 239 239 PRO PRO C . n 
C 1 23 HIS 23 240 240 HIS HIS C . n 
C 1 24 ALA 24 241 241 ALA ALA C . n 
C 1 25 TYR 25 242 242 TYR TYR C . n 
C 1 26 PHE 26 243 243 PHE PHE C . n 
C 1 27 LYS 27 244 244 LYS LYS C . n 
C 1 28 ASN 28 245 245 ASN ASN C . n 
C 1 29 LEU 29 246 246 LEU LEU C . n 
C 1 30 LEU 30 247 247 LEU LEU C . n 
C 1 31 PHE 31 248 248 PHE PHE C . n 
C 1 32 ARG 32 249 249 ARG ARG C . n 
C 1 33 LEU 33 250 250 LEU LEU C . n 
C 1 34 VAL 34 251 251 VAL VAL C . n 
C 1 35 ALA 35 252 252 ALA ALA C . n 
C 1 36 ASN 36 253 253 ASN ASN C . n 
C 1 37 MSE 37 254 254 MSE MSE C . n 
C 1 38 ASP 38 255 255 ASP ASP C . n 
C 1 39 ARG 39 256 256 ARG ARG C . n 
C 1 40 SER 40 257 257 SER SER C . n 
C 1 41 GLU 41 258 258 GLU GLU C . n 
C 1 42 LEU 42 259 259 LEU LEU C . n 
C 1 43 SER 43 260 260 SER SER C . n 
C 1 44 ASP 44 261 261 ASP ASP C . n 
C 1 45 LEU 45 262 262 LEU LEU C . n 
C 1 46 GLY 46 263 263 GLY GLY C . n 
C 1 47 THR 47 264 264 THR THR C . n 
C 1 48 LEU 48 265 265 LEU LEU C . n 
C 1 49 ILE 49 266 266 ILE ILE C . n 
C 1 50 LYS 50 267 267 LYS LYS C . n 
C 1 51 ASP 51 268 268 ASP ASP C . n 
C 1 52 ASN 52 269 269 ASN ASN C . n 
C 1 53 LEU 53 270 270 LEU LEU C . n 
C 1 54 LYS 54 271 271 LYS LYS C . n 
C 1 55 ARG 55 272 272 ARG ARG C . n 
C 1 56 ASP 56 273 273 ASP ASP C . n 
D 1 1  GLY 1  218 ?   ?   ?   D . n 
D 1 2  ALA 2  219 ?   ?   ?   D . n 
D 1 3  MSE 3  220 ?   ?   ?   D . n 
D 1 4  GLY 4  221 ?   ?   ?   D . n 
D 1 5  SER 5  222 ?   ?   ?   D . n 
D 1 6  PRO 6  223 223 PRO PRO D . n 
D 1 7  GLU 7  224 224 GLU GLU D . n 
D 1 8  TYR 8  225 225 TYR TYR D . n 
D 1 9  LEU 9  226 226 LEU LEU D . n 
D 1 10 SER 10 227 227 SER SER D . n 
D 1 11 ASP 11 228 228 ASP ASP D . n 
D 1 12 GLU 12 229 229 GLU GLU D . n 
D 1 13 ILE 13 230 230 ILE ILE D . n 
D 1 14 PHE 14 231 231 PHE PHE D . n 
D 1 15 SER 15 232 232 SER SER D . n 
D 1 16 ALA 16 233 233 ALA ALA D . n 
D 1 17 ILE 17 234 234 ILE ILE D . n 
D 1 18 ASN 18 235 235 ASN ASN D . n 
D 1 19 ASN 19 236 236 ASN ASN D . n 
D 1 20 ASN 20 237 237 ASN ASN D . n 
D 1 21 LEU 21 238 238 LEU LEU D . n 
D 1 22 PRO 22 239 239 PRO PRO D . n 
D 1 23 HIS 23 240 240 HIS HIS D . n 
D 1 24 ALA 24 241 241 ALA ALA D . n 
D 1 25 TYR 25 242 242 TYR TYR D . n 
D 1 26 PHE 26 243 243 PHE PHE D . n 
D 1 27 LYS 27 244 244 LYS LYS D . n 
D 1 28 ASN 28 245 245 ASN ASN D . n 
D 1 29 LEU 29 246 246 LEU LEU D . n 
D 1 30 LEU 30 247 247 LEU LEU D . n 
D 1 31 PHE 31 248 248 PHE PHE D . n 
D 1 32 ARG 32 249 249 ARG ARG D . n 
D 1 33 LEU 33 250 250 LEU LEU D . n 
D 1 34 VAL 34 251 251 VAL VAL D . n 
D 1 35 ALA 35 252 252 ALA ALA D . n 
D 1 36 ASN 36 253 253 ASN ASN D . n 
D 1 37 MSE 37 254 254 MSE MSE D . n 
D 1 38 ASP 38 255 255 ASP ASP D . n 
D 1 39 ARG 39 256 256 ARG ARG D . n 
D 1 40 SER 40 257 257 SER SER D . n 
D 1 41 GLU 41 258 258 GLU GLU D . n 
D 1 42 LEU 42 259 259 LEU LEU D . n 
D 1 43 SER 43 260 260 SER SER D . n 
D 1 44 ASP 44 261 261 ASP ASP D . n 
D 1 45 LEU 45 262 262 LEU LEU D . n 
D 1 46 GLY 46 263 263 GLY GLY D . n 
D 1 47 THR 47 264 264 THR THR D . n 
D 1 48 LEU 48 265 265 LEU LEU D . n 
D 1 49 ILE 49 266 266 ILE ILE D . n 
D 1 50 LYS 50 267 267 LYS LYS D . n 
D 1 51 ASP 51 268 268 ASP ASP D . n 
D 1 52 ASN 52 269 269 ASN ASN D . n 
D 1 53 LEU 53 270 270 LEU LEU D . n 
D 1 54 LYS 54 271 271 LYS LYS D . n 
D 1 55 ARG 55 272 272 ARG ARG D . n 
D 1 56 ASP 56 273 273 ASP ASP D . n 
# 
loop_
_pdbx_nonpoly_scheme.asym_id 
_pdbx_nonpoly_scheme.entity_id 
_pdbx_nonpoly_scheme.mon_id 
_pdbx_nonpoly_scheme.ndb_seq_num 
_pdbx_nonpoly_scheme.pdb_seq_num 
_pdbx_nonpoly_scheme.auth_seq_num 
_pdbx_nonpoly_scheme.pdb_mon_id 
_pdbx_nonpoly_scheme.auth_mon_id 
_pdbx_nonpoly_scheme.pdb_strand_id 
_pdbx_nonpoly_scheme.pdb_ins_code 
E 2 HOH 1  3  3  HOH HOH A . 
E 2 HOH 2  9  9  HOH HOH A . 
E 2 HOH 3  12 12 HOH HOH A . 
E 2 HOH 4  14 14 HOH HOH A . 
E 2 HOH 5  15 15 HOH HOH A . 
E 2 HOH 6  16 16 HOH HOH A . 
E 2 HOH 7  17 17 HOH HOH A . 
E 2 HOH 8  21 21 HOH HOH A . 
E 2 HOH 9  23 23 HOH HOH A . 
E 2 HOH 10 25 25 HOH HOH A . 
E 2 HOH 11 27 27 HOH HOH A . 
E 2 HOH 12 30 30 HOH HOH A . 
E 2 HOH 13 33 33 HOH HOH A . 
F 2 HOH 1  18 18 HOH HOH B . 
F 2 HOH 2  19 19 HOH HOH B . 
F 2 HOH 3  22 22 HOH HOH B . 
F 2 HOH 4  29 29 HOH HOH B . 
F 2 HOH 5  37 37 HOH HOH B . 
G 2 HOH 1  1  1  HOH HOH C . 
G 2 HOH 2  2  2  HOH HOH C . 
G 2 HOH 3  4  4  HOH HOH C . 
G 2 HOH 4  5  5  HOH HOH C . 
G 2 HOH 5  6  6  HOH HOH C . 
G 2 HOH 6  7  7  HOH HOH C . 
G 2 HOH 7  8  8  HOH HOH C . 
G 2 HOH 8  11 11 HOH HOH C . 
G 2 HOH 9  13 13 HOH HOH C . 
G 2 HOH 10 26 26 HOH HOH C . 
G 2 HOH 11 32 32 HOH HOH C . 
G 2 HOH 12 34 34 HOH HOH C . 
G 2 HOH 13 35 35 HOH HOH C . 
G 2 HOH 14 36 36 HOH HOH C . 
H 2 HOH 1  10 10 HOH HOH D . 
H 2 HOH 2  20 20 HOH HOH D . 
H 2 HOH 3  24 24 HOH HOH D . 
H 2 HOH 4  28 28 HOH HOH D . 
H 2 HOH 5  31 31 HOH HOH D . 
# 
loop_
_software.name 
_software.classification 
_software.version 
_software.citation_id 
_software.pdbx_ordinal 
REFMAC      refinement        5.2.0019              ? 1 
EPICS-based 'data collection' 'beamline control'    ? 2 
data        'data collection' 'acquisition systems' ? 3 
HKL-2000    'data reduction'  .                     ? 4 
HKL-2000    'data scaling'    .                     ? 5 
SHELXD      phasing           .                     ? 6 
# 
_cell.entry_id           2P63 
_cell.length_a           37.816 
_cell.length_b           37.816 
_cell.length_c           298.118 
_cell.angle_alpha        90.00 
_cell.angle_beta         90.00 
_cell.angle_gamma        120.00 
_cell.Z_PDB              24 
_cell.pdbx_unique_axis   ? 
_cell.length_a_esd       ? 
_cell.length_b_esd       ? 
_cell.length_c_esd       ? 
_cell.angle_alpha_esd    ? 
_cell.angle_beta_esd     ? 
_cell.angle_gamma_esd    ? 
# 
_symmetry.entry_id                         2P63 
_symmetry.space_group_name_H-M             'P 61' 
_symmetry.pdbx_full_space_group_name_H-M   ? 
_symmetry.cell_setting                     ? 
_symmetry.Int_Tables_number                169 
_symmetry.space_group_name_Hall            ? 
# 
_exptl.entry_id          2P63 
_exptl.method            'X-RAY DIFFRACTION' 
_exptl.crystals_number   1 
# 
_exptl_crystal.id                    1 
_exptl_crystal.density_meas          ? 
_exptl_crystal.density_Matthews      2.41 
_exptl_crystal.density_percent_sol   49.03 
_exptl_crystal.description           ? 
_exptl_crystal.F_000                 ? 
_exptl_crystal.preparation           ? 
# 
_exptl_crystal_grow.crystal_id      1 
_exptl_crystal_grow.method          'VAPOR DIFFUSION, HANGING DROP' 
_exptl_crystal_grow.temp            300 
_exptl_crystal_grow.temp_details    ? 
_exptl_crystal_grow.pH              8.5 
_exptl_crystal_grow.pdbx_details    '50%MPD, 100 mM (NH4)H2PO4 ph 8.5, VAPOR DIFFUSION, HANGING DROP, temperature 300K' 
_exptl_crystal_grow.pdbx_pH_range   . 
# 
_diffrn.id                     1 
_diffrn.ambient_temp           100 
_diffrn.ambient_temp_details   ? 
_diffrn.crystal_id             1 
# 
_diffrn_detector.diffrn_id              1 
_diffrn_detector.detector               CCD 
_diffrn_detector.type                   SBC 
_diffrn_detector.pdbx_collection_date   2005-06-29 
_diffrn_detector.details                
'Rosenbaum-Rock double-crystal monochromator: Water cooled; sagitally focusing 2nd crystal, Rosenbaum-Rock vertical focusing mirror' 
# 
_diffrn_radiation.diffrn_id                        1 
_diffrn_radiation.wavelength_id                    1 
_diffrn_radiation.pdbx_monochromatic_or_laue_m_l   M 
_diffrn_radiation.monochromator                    'SAGITALLY FOCUSED Si(111)' 
_diffrn_radiation.pdbx_diffrn_protocol             'SINGLE WAVELENGTH' 
_diffrn_radiation.pdbx_scattering_type             x-ray 
# 
_diffrn_radiation_wavelength.id           1 
_diffrn_radiation_wavelength.wavelength   0.9788 
_diffrn_radiation_wavelength.wt           1.0 
# 
_diffrn_source.diffrn_id                   1 
_diffrn_source.source                      SYNCHROTRON 
_diffrn_source.type                        'APS BEAMLINE 19-BM' 
_diffrn_source.pdbx_synchrotron_site       APS 
_diffrn_source.pdbx_synchrotron_beamline   19-BM 
_diffrn_source.pdbx_wavelength             ? 
_diffrn_source.pdbx_wavelength_list        0.9788 
# 
_reflns.entry_id                     2P63 
_reflns.observed_criterion_sigma_F   8.4 
_reflns.observed_criterion_sigma_I   8.4 
_reflns.d_resolution_high            2.67 
_reflns.d_resolution_low             49.69 
_reflns.number_all                   6882 
_reflns.number_obs                   6756 
_reflns.percent_possible_obs         99.3 
_reflns.pdbx_Rmerge_I_obs            0.0702 
_reflns.pdbx_Rsym_value              0.0349 
_reflns.pdbx_netI_over_sigmaI        21.15 
_reflns.B_iso_Wilson_estimate        ? 
_reflns.pdbx_redundancy              9.81 
_reflns.R_free_details               ? 
_reflns.limit_h_max                  ? 
_reflns.limit_h_min                  ? 
_reflns.limit_k_max                  ? 
_reflns.limit_k_min                  ? 
_reflns.limit_l_max                  ? 
_reflns.limit_l_min                  ? 
_reflns.observed_criterion_F_max     ? 
_reflns.observed_criterion_F_min     ? 
_reflns.pdbx_chi_squared             ? 
_reflns.pdbx_scaling_rejects         ? 
_reflns.pdbx_ordinal                 1 
_reflns.pdbx_diffrn_id               1 
# 
_reflns_shell.d_res_high             2.67 
_reflns_shell.d_res_low              2.73 
_reflns_shell.percent_possible_all   98.0 
_reflns_shell.Rmerge_I_obs           0.1712 
_reflns_shell.pdbx_Rsym_value        0.1228 
_reflns_shell.meanI_over_sigI_obs    8.47 
_reflns_shell.pdbx_redundancy        6.95 
_reflns_shell.percent_possible_obs   ? 
_reflns_shell.number_unique_all      383 
_reflns_shell.number_measured_all    ? 
_reflns_shell.number_measured_obs    ? 
_reflns_shell.number_unique_obs      ? 
_reflns_shell.pdbx_chi_squared       ? 
_reflns_shell.pdbx_ordinal           1 
_reflns_shell.pdbx_diffrn_id         1 
# 
_refine.entry_id                                 2P63 
_refine.ls_number_reflns_obs                     6284 
_refine.ls_number_reflns_all                     6284 
_refine.pdbx_ls_sigma_I                          8.47 
_refine.pdbx_ls_sigma_F                          8.47 
_refine.pdbx_data_cutoff_high_absF               ? 
_refine.pdbx_data_cutoff_low_absF                ? 
_refine.pdbx_data_cutoff_high_rms_absF           ? 
_refine.ls_d_res_low                             49.69 
_refine.ls_d_res_high                            2.67 
_refine.ls_percent_reflns_obs                    99.08 
_refine.ls_R_factor_obs                          0.22396 
_refine.ls_R_factor_all                          0.22396 
_refine.ls_R_factor_R_work                       0.21974 
_refine.ls_R_factor_R_free                       0.27851 
_refine.ls_R_factor_R_free_error                 ? 
_refine.ls_R_factor_R_free_error_details         ? 
_refine.ls_percent_reflns_R_free                 7.0 
_refine.ls_number_reflns_R_free                  472 
_refine.ls_number_parameters                     ? 
_refine.ls_number_restraints                     ? 
_refine.occupancy_min                            ? 
_refine.occupancy_max                            ? 
_refine.correlation_coeff_Fo_to_Fc               0.923 
_refine.correlation_coeff_Fo_to_Fc_free          0.871 
_refine.B_iso_mean                               25.025 
_refine.aniso_B[1][1]                            3.17 
_refine.aniso_B[2][2]                            3.17 
_refine.aniso_B[3][3]                            -4.76 
_refine.aniso_B[1][2]                            1.59 
_refine.aniso_B[1][3]                            0.00 
_refine.aniso_B[2][3]                            0.00 
_refine.solvent_model_details                    'BABINET MODEL WITH MASK' 
_refine.solvent_model_param_ksol                 ? 
_refine.solvent_model_param_bsol                 ? 
_refine.pdbx_solvent_vdw_probe_radii             1.40 
_refine.pdbx_solvent_ion_probe_radii             0.80 
_refine.pdbx_solvent_shrinkage_radii             0.80 
_refine.pdbx_ls_cross_valid_method               THROUGHOUT 
_refine.details                                  ? 
_refine.pdbx_starting_model                      ? 
_refine.pdbx_method_to_determine_struct          SAD 
_refine.pdbx_isotropic_thermal_model             ? 
_refine.pdbx_stereochemistry_target_values       'MAXIMUM LIKELIHOOD' 
_refine.pdbx_stereochem_target_val_spec_case     ? 
_refine.pdbx_R_Free_selection_details            RANDOM 
_refine.pdbx_overall_ESU_R                       ? 
_refine.pdbx_overall_ESU_R_Free                  0.406 
_refine.overall_SU_ML                            0.316 
_refine.overall_SU_B                             25.966 
_refine.ls_redundancy_reflns_obs                 ? 
_refine.B_iso_min                                ? 
_refine.B_iso_max                                ? 
_refine.overall_SU_R_Cruickshank_DPI             ? 
_refine.overall_SU_R_free                        ? 
_refine.ls_wR_factor_R_free                      ? 
_refine.ls_wR_factor_R_work                      ? 
_refine.overall_FOM_free_R_set                   ? 
_refine.overall_FOM_work_R_set                   ? 
_refine.pdbx_refine_id                           'X-RAY DIFFRACTION' 
_refine.pdbx_diffrn_id                           1 
_refine.pdbx_TLS_residual_ADP_flag               ? 
_refine.pdbx_overall_phase_error                 ? 
_refine.pdbx_overall_SU_R_free_Cruickshank_DPI   ? 
_refine.pdbx_overall_SU_R_Blow_DPI               ? 
_refine.pdbx_overall_SU_R_free_Blow_DPI          ? 
# 
_refine_hist.pdbx_refine_id                   'X-RAY DIFFRACTION' 
_refine_hist.cycle_id                         LAST 
_refine_hist.pdbx_number_atoms_protein        1678 
_refine_hist.pdbx_number_atoms_nucleic_acid   0 
_refine_hist.pdbx_number_atoms_ligand         0 
_refine_hist.number_atoms_solvent             37 
_refine_hist.number_atoms_total               1715 
_refine_hist.d_res_high                       2.67 
_refine_hist.d_res_low                        49.69 
# 
loop_
_refine_ls_restr.type 
_refine_ls_restr.dev_ideal 
_refine_ls_restr.dev_ideal_target 
_refine_ls_restr.weight 
_refine_ls_restr.number 
_refine_ls_restr.pdbx_refine_id 
_refine_ls_restr.pdbx_restraint_function 
r_bond_refined_d         0.009  0.022  ? 1751 'X-RAY DIFFRACTION' ? 
r_angle_refined_deg      1.270  1.973  ? 2364 'X-RAY DIFFRACTION' ? 
r_dihedral_angle_1_deg   5.045  5.000  ? 211  'X-RAY DIFFRACTION' ? 
r_dihedral_angle_2_deg   36.380 24.516 ? 93   'X-RAY DIFFRACTION' ? 
r_dihedral_angle_3_deg   22.595 15.000 ? 315  'X-RAY DIFFRACTION' ? 
r_dihedral_angle_4_deg   23.917 15.000 ? 12   'X-RAY DIFFRACTION' ? 
r_chiral_restr           0.093  0.200  ? 261  'X-RAY DIFFRACTION' ? 
r_gen_planes_refined     0.004  0.020  ? 1334 'X-RAY DIFFRACTION' ? 
r_nbd_refined            0.221  0.200  ? 769  'X-RAY DIFFRACTION' ? 
r_nbtor_refined          0.303  0.200  ? 1205 'X-RAY DIFFRACTION' ? 
r_xyhbond_nbd_refined    0.148  0.200  ? 79   'X-RAY DIFFRACTION' ? 
r_symmetry_vdw_refined   0.169  0.200  ? 40   'X-RAY DIFFRACTION' ? 
r_symmetry_hbond_refined 0.148  0.200  ? 8    'X-RAY DIFFRACTION' ? 
r_mcbond_it              0.775  1.500  ? 1081 'X-RAY DIFFRACTION' ? 
r_mcangle_it             1.320  2.000  ? 1698 'X-RAY DIFFRACTION' ? 
r_scbond_it              1.264  3.000  ? 733  'X-RAY DIFFRACTION' ? 
r_scangle_it             2.044  4.500  ? 665  'X-RAY DIFFRACTION' ? 
# 
loop_
_refine_ls_restr_ncs.dom_id 
_refine_ls_restr_ncs.pdbx_auth_asym_id 
_refine_ls_restr_ncs.pdbx_number 
_refine_ls_restr_ncs.rms_dev_position 
_refine_ls_restr_ncs.weight_position 
_refine_ls_restr_ncs.pdbx_type 
_refine_ls_restr_ncs.pdbx_ens_id 
_refine_ls_restr_ncs.pdbx_refine_id 
_refine_ls_restr_ncs.pdbx_ordinal 
_refine_ls_restr_ncs.ncs_model_details 
_refine_ls_restr_ncs.rms_dev_B_iso 
_refine_ls_restr_ncs.weight_B_iso 
_refine_ls_restr_ncs.pdbx_asym_id 
_refine_ls_restr_ncs.pdbx_rms 
_refine_ls_restr_ncs.pdbx_weight 
1 A 360 0.02 0.05 'tight positional' 1 'X-RAY DIFFRACTION' 1 ? ? ? ? ? ? 
1 B 377 0.01 0.05 'tight positional' 2 'X-RAY DIFFRACTION' 2 ? ? ? ? ? ? 
1 A 360 0.03 0.50 'tight thermal'    1 'X-RAY DIFFRACTION' 3 ? ? ? ? ? ? 
1 B 377 0.03 0.50 'tight thermal'    2 'X-RAY DIFFRACTION' 4 ? ? ? ? ? ? 
# 
_refine_ls_shell.pdbx_total_number_of_bins_used   20 
_refine_ls_shell.d_res_high                       2.670 
_refine_ls_shell.d_res_low                        2.739 
_refine_ls_shell.number_reflns_R_work             473 
_refine_ls_shell.R_factor_R_work                  0.273 
_refine_ls_shell.percent_reflns_obs               98.63 
_refine_ls_shell.R_factor_R_free                  0.383 
_refine_ls_shell.R_factor_R_free_error            ? 
_refine_ls_shell.percent_reflns_R_free            ? 
_refine_ls_shell.number_reflns_R_free             31 
_refine_ls_shell.number_reflns_all                ? 
_refine_ls_shell.R_factor_all                     ? 
_refine_ls_shell.number_reflns_obs                ? 
_refine_ls_shell.redundancy_reflns_obs            ? 
_refine_ls_shell.pdbx_refine_id                   'X-RAY DIFFRACTION' 
# 
loop_
_struct_ncs_dom.pdbx_ens_id 
_struct_ncs_dom.id 
_struct_ncs_dom.details 
1 1 A 
1 2 C 
2 1 B 
2 2 D 
# 
loop_
_struct_ncs_dom_lim.pdbx_ens_id 
_struct_ncs_dom_lim.dom_id 
_struct_ncs_dom_lim.pdbx_component_id 
_struct_ncs_dom_lim.beg_label_asym_id 
_struct_ncs_dom_lim.beg_label_comp_id 
_struct_ncs_dom_lim.beg_label_seq_id 
_struct_ncs_dom_lim.beg_label_alt_id 
_struct_ncs_dom_lim.end_label_asym_id 
_struct_ncs_dom_lim.end_label_comp_id 
_struct_ncs_dom_lim.end_label_seq_id 
_struct_ncs_dom_lim.end_label_alt_id 
_struct_ncs_dom_lim.beg_auth_asym_id 
_struct_ncs_dom_lim.beg_auth_comp_id 
_struct_ncs_dom_lim.beg_auth_seq_id 
_struct_ncs_dom_lim.end_auth_asym_id 
_struct_ncs_dom_lim.end_auth_comp_id 
_struct_ncs_dom_lim.end_auth_seq_id 
_struct_ncs_dom_lim.pdbx_refine_code 
_struct_ncs_dom_lim.selection_details 
1 1 1 A SER 10 . A LYS 54 . A SER 227 A LYS 271 1 ? 
1 2 1 C SER 10 . C LYS 54 . C SER 227 C LYS 271 1 ? 
2 1 1 B SER 10 . B LYS 54 . B SER 227 B LYS 271 1 ? 
2 2 1 D SER 10 . D LYS 54 . D SER 227 D LYS 271 1 ? 
# 
loop_
_struct_ncs_ens.id 
_struct_ncs_ens.details 
1 ? 
2 ? 
# 
_struct.entry_id                  2P63 
_struct.title                     
'Suprafacial orientation of the SCFCdc4 dimer accommodates multiple geometries for substrate ubiquitination' 
_struct.pdbx_model_details        ? 
_struct.pdbx_CASP_flag            N 
_struct.pdbx_model_type_details   ? 
# 
_struct_keywords.entry_id        2P63 
_struct_keywords.pdbx_keywords   'CELL CYCLE' 
_struct_keywords.text            'ubiquitination, helix bundle, scf complex, CELL CYCLE' 
# 
loop_
_struct_asym.id 
_struct_asym.pdbx_blank_PDB_chainid_flag 
_struct_asym.pdbx_modified 
_struct_asym.entity_id 
_struct_asym.details 
A N N 1 ? 
B N N 1 ? 
C N N 1 ? 
D N N 1 ? 
E N N 2 ? 
F N N 2 ? 
G N N 2 ? 
H N N 2 ? 
# 
_struct_ref.id                         1 
_struct_ref.db_name                    UNP 
_struct_ref.db_code                    CDC4_YEAST 
_struct_ref.pdbx_db_accession          P07834 
_struct_ref.entity_id                  1 
_struct_ref.pdbx_seq_one_letter_code   SPEYLSDEIFSAINNNLPHAYFKNLLFRLVANMDRSELSDLGTLIKDNLKRD 
_struct_ref.pdbx_align_begin           222 
_struct_ref.pdbx_db_isoform            ? 
# 
loop_
_struct_ref_seq.align_id 
_struct_ref_seq.ref_id 
_struct_ref_seq.pdbx_PDB_id_code 
_struct_ref_seq.pdbx_strand_id 
_struct_ref_seq.seq_align_beg 
_struct_ref_seq.pdbx_seq_align_beg_ins_code 
_struct_ref_seq.seq_align_end 
_struct_ref_seq.pdbx_seq_align_end_ins_code 
_struct_ref_seq.pdbx_db_accession 
_struct_ref_seq.db_align_beg 
_struct_ref_seq.pdbx_db_align_beg_ins_code 
_struct_ref_seq.db_align_end 
_struct_ref_seq.pdbx_db_align_end_ins_code 
_struct_ref_seq.pdbx_auth_seq_align_beg 
_struct_ref_seq.pdbx_auth_seq_align_end 
1 1 2P63 A 5 ? 56 ? P07834 222 ? 273 ? 222 273 
2 1 2P63 B 5 ? 56 ? P07834 222 ? 273 ? 222 273 
3 1 2P63 C 5 ? 56 ? P07834 222 ? 273 ? 222 273 
4 1 2P63 D 5 ? 56 ? P07834 222 ? 273 ? 222 273 
# 
loop_
_struct_ref_seq_dif.align_id 
_struct_ref_seq_dif.pdbx_pdb_id_code 
_struct_ref_seq_dif.mon_id 
_struct_ref_seq_dif.pdbx_pdb_strand_id 
_struct_ref_seq_dif.seq_num 
_struct_ref_seq_dif.pdbx_pdb_ins_code 
_struct_ref_seq_dif.pdbx_seq_db_name 
_struct_ref_seq_dif.pdbx_seq_db_accession_code 
_struct_ref_seq_dif.db_mon_id 
_struct_ref_seq_dif.pdbx_seq_db_seq_num 
_struct_ref_seq_dif.details 
_struct_ref_seq_dif.pdbx_auth_seq_num 
_struct_ref_seq_dif.pdbx_ordinal 
1 2P63 GLY A 1  ? UNP P07834 ? ? 'cloning artifact' 218 1  
1 2P63 ALA A 2  ? UNP P07834 ? ? 'cloning artifact' 219 2  
1 2P63 MSE A 3  ? UNP P07834 ? ? 'cloning artifact' 220 3  
1 2P63 GLY A 4  ? UNP P07834 ? ? 'cloning artifact' 221 4  
1 2P63 MSE A 37 ? UNP P07834 ? ? 'modified residue' 254 5  
2 2P63 GLY B 1  ? UNP P07834 ? ? 'cloning artifact' 218 6  
2 2P63 ALA B 2  ? UNP P07834 ? ? 'cloning artifact' 219 7  
2 2P63 MSE B 3  ? UNP P07834 ? ? 'cloning artifact' 220 8  
2 2P63 GLY B 4  ? UNP P07834 ? ? 'cloning artifact' 221 9  
2 2P63 MSE B 37 ? UNP P07834 ? ? 'modified residue' 254 10 
3 2P63 GLY C 1  ? UNP P07834 ? ? 'cloning artifact' 218 11 
3 2P63 ALA C 2  ? UNP P07834 ? ? 'cloning artifact' 219 12 
3 2P63 MSE C 3  ? UNP P07834 ? ? 'cloning artifact' 220 13 
3 2P63 GLY C 4  ? UNP P07834 ? ? 'cloning artifact' 221 14 
3 2P63 MSE C 37 ? UNP P07834 ? ? 'modified residue' 254 15 
4 2P63 GLY D 1  ? UNP P07834 ? ? 'cloning artifact' 218 16 
4 2P63 ALA D 2  ? UNP P07834 ? ? 'cloning artifact' 219 17 
4 2P63 MSE D 3  ? UNP P07834 ? ? 'cloning artifact' 220 18 
4 2P63 GLY D 4  ? UNP P07834 ? ? 'cloning artifact' 221 19 
4 2P63 MSE D 37 ? UNP P07834 ? ? 'modified residue' 254 20 
# 
loop_
_pdbx_struct_assembly.id 
_pdbx_struct_assembly.details 
_pdbx_struct_assembly.method_details 
_pdbx_struct_assembly.oligomeric_details 
_pdbx_struct_assembly.oligomeric_count 
1 author_and_software_defined_assembly PQS  tetrameric 4 
2 software_defined_assembly            PISA dimeric    2 
3 software_defined_assembly            PISA dimeric    2 
# 
loop_
_pdbx_struct_assembly_prop.biol_id 
_pdbx_struct_assembly_prop.type 
_pdbx_struct_assembly_prop.value 
_pdbx_struct_assembly_prop.details 
2 'ABSA (A^2)' 3150 ? 
2 MORE         -25  ? 
2 'SSA (A^2)'  7310 ? 
3 'ABSA (A^2)' 2860 ? 
3 MORE         -24  ? 
3 'SSA (A^2)'  7300 ? 
# 
loop_
_pdbx_struct_assembly_gen.assembly_id 
_pdbx_struct_assembly_gen.oper_expression 
_pdbx_struct_assembly_gen.asym_id_list 
1 1 A,B,C,D,E,F,G,H 
2 1 C,D,G,H         
3 1 A,B,E,F         
# 
_pdbx_struct_oper_list.id                   1 
_pdbx_struct_oper_list.type                 'identity operation' 
_pdbx_struct_oper_list.name                 1_555 
_pdbx_struct_oper_list.symmetry_operation   x,y,z 
_pdbx_struct_oper_list.matrix[1][1]         1.0000000000 
_pdbx_struct_oper_list.matrix[1][2]         0.0000000000 
_pdbx_struct_oper_list.matrix[1][3]         0.0000000000 
_pdbx_struct_oper_list.vector[1]            0.0000000000 
_pdbx_struct_oper_list.matrix[2][1]         0.0000000000 
_pdbx_struct_oper_list.matrix[2][2]         1.0000000000 
_pdbx_struct_oper_list.matrix[2][3]         0.0000000000 
_pdbx_struct_oper_list.vector[2]            0.0000000000 
_pdbx_struct_oper_list.matrix[3][1]         0.0000000000 
_pdbx_struct_oper_list.matrix[3][2]         0.0000000000 
_pdbx_struct_oper_list.matrix[3][3]         1.0000000000 
_pdbx_struct_oper_list.vector[3]            0.0000000000 
# 
_struct_biol.id   1 
# 
loop_
_struct_conf.conf_type_id 
_struct_conf.id 
_struct_conf.pdbx_PDB_helix_id 
_struct_conf.beg_label_comp_id 
_struct_conf.beg_label_asym_id 
_struct_conf.beg_label_seq_id 
_struct_conf.pdbx_beg_PDB_ins_code 
_struct_conf.end_label_comp_id 
_struct_conf.end_label_asym_id 
_struct_conf.end_label_seq_id 
_struct_conf.pdbx_end_PDB_ins_code 
_struct_conf.beg_auth_comp_id 
_struct_conf.beg_auth_asym_id 
_struct_conf.beg_auth_seq_id 
_struct_conf.end_auth_comp_id 
_struct_conf.end_auth_asym_id 
_struct_conf.end_auth_seq_id 
_struct_conf.pdbx_PDB_helix_class 
_struct_conf.details 
_struct_conf.pdbx_PDB_helix_length 
HELX_P HELX_P1  1  SER A 10 ? ASN A 18 ? SER A 227 ASN A 235 1 ? 9  
HELX_P HELX_P2  2  ASN A 19 ? LEU A 21 ? ASN A 236 LEU A 238 5 ? 3  
HELX_P HELX_P3  3  PRO A 22 ? HIS A 23 ? PRO A 239 HIS A 240 5 ? 2  
HELX_P HELX_P4  4  ALA A 24 ? MSE A 37 ? ALA A 241 MSE A 254 1 ? 14 
HELX_P HELX_P5  5  ASP A 38 ? ARG A 55 ? ASP A 255 ARG A 272 1 ? 18 
HELX_P HELX_P6  6  SER B 10 ? ASN B 19 ? SER B 227 ASN B 236 1 ? 10 
HELX_P HELX_P7  7  ASN B 20 ? LEU B 21 ? ASN B 237 LEU B 238 5 ? 2  
HELX_P HELX_P8  8  PRO B 22 ? PHE B 26 ? PRO B 239 PHE B 243 5 ? 5  
HELX_P HELX_P9  9  ASN B 28 ? MSE B 37 ? ASN B 245 MSE B 254 1 ? 10 
HELX_P HELX_P10 10 ASP B 38 ? LEU B 53 ? ASP B 255 LEU B 270 1 ? 16 
HELX_P HELX_P11 11 SER C 10 ? ASN C 20 ? SER C 227 ASN C 237 1 ? 11 
HELX_P HELX_P12 12 ALA C 24 ? ASN C 36 ? ALA C 241 ASN C 253 1 ? 13 
HELX_P HELX_P13 13 ASP C 38 ? LYS C 54 ? ASP C 255 LYS C 271 1 ? 17 
HELX_P HELX_P14 14 SER D 10 ? ASN D 20 ? SER D 227 ASN D 237 1 ? 11 
HELX_P HELX_P15 15 LEU D 21 ? LYS D 27 ? LEU D 238 LYS D 244 5 ? 7  
HELX_P HELX_P16 16 ASN D 28 ? ASN D 36 ? ASN D 245 ASN D 253 1 ? 9  
HELX_P HELX_P17 17 ASP D 38 ? ARG D 55 ? ASP D 255 ARG D 272 1 ? 18 
# 
_struct_conf_type.id          HELX_P 
_struct_conf_type.criteria    ? 
_struct_conf_type.reference   ? 
# 
loop_
_struct_conn.id 
_struct_conn.conn_type_id 
_struct_conn.pdbx_leaving_atom_flag 
_struct_conn.pdbx_PDB_id 
_struct_conn.ptnr1_label_asym_id 
_struct_conn.ptnr1_label_comp_id 
_struct_conn.ptnr1_label_seq_id 
_struct_conn.ptnr1_label_atom_id 
_struct_conn.pdbx_ptnr1_label_alt_id 
_struct_conn.pdbx_ptnr1_PDB_ins_code 
_struct_conn.pdbx_ptnr1_standard_comp_id 
_struct_conn.ptnr1_symmetry 
_struct_conn.ptnr2_label_asym_id 
_struct_conn.ptnr2_label_comp_id 
_struct_conn.ptnr2_label_seq_id 
_struct_conn.ptnr2_label_atom_id 
_struct_conn.pdbx_ptnr2_label_alt_id 
_struct_conn.pdbx_ptnr2_PDB_ins_code 
_struct_conn.ptnr1_auth_asym_id 
_struct_conn.ptnr1_auth_comp_id 
_struct_conn.ptnr1_auth_seq_id 
_struct_conn.ptnr2_auth_asym_id 
_struct_conn.ptnr2_auth_comp_id 
_struct_conn.ptnr2_auth_seq_id 
_struct_conn.ptnr2_symmetry 
_struct_conn.pdbx_ptnr3_label_atom_id 
_struct_conn.pdbx_ptnr3_label_seq_id 
_struct_conn.pdbx_ptnr3_label_comp_id 
_struct_conn.pdbx_ptnr3_label_asym_id 
_struct_conn.pdbx_ptnr3_label_alt_id 
_struct_conn.pdbx_ptnr3_PDB_ins_code 
_struct_conn.details 
_struct_conn.pdbx_dist_value 
_struct_conn.pdbx_value_order 
_struct_conn.pdbx_role 
covale1 covale both ? A ASN 36 C ? ? ? 1_555 A MSE 37 N ? ? A ASN 253 A MSE 254 1_555 ? ? ? ? ? ? ? 1.326 ? ? 
covale2 covale both ? A MSE 37 C ? ? ? 1_555 A ASP 38 N ? ? A MSE 254 A ASP 255 1_555 ? ? ? ? ? ? ? 1.335 ? ? 
covale3 covale both ? B ASN 36 C ? ? ? 1_555 B MSE 37 N ? ? B ASN 253 B MSE 254 1_555 ? ? ? ? ? ? ? 1.326 ? ? 
covale4 covale both ? B MSE 37 C ? ? ? 1_555 B ASP 38 N ? ? B MSE 254 B ASP 255 1_555 ? ? ? ? ? ? ? 1.326 ? ? 
covale5 covale both ? C ASN 36 C ? ? ? 1_555 C MSE 37 N ? ? C ASN 253 C MSE 254 1_555 ? ? ? ? ? ? ? 1.328 ? ? 
covale6 covale both ? C MSE 37 C ? ? ? 1_555 C ASP 38 N ? ? C MSE 254 C ASP 255 1_555 ? ? ? ? ? ? ? 1.333 ? ? 
covale7 covale both ? D ASN 36 C ? ? ? 1_555 D MSE 37 N ? ? D ASN 253 D MSE 254 1_555 ? ? ? ? ? ? ? 1.324 ? ? 
covale8 covale both ? D MSE 37 C ? ? ? 1_555 D ASP 38 N ? ? D MSE 254 D ASP 255 1_555 ? ? ? ? ? ? ? 1.326 ? ? 
# 
_struct_conn_type.id          covale 
_struct_conn_type.criteria    ? 
_struct_conn_type.reference   ? 
# 
loop_
_pdbx_modification_feature.ordinal 
_pdbx_modification_feature.label_comp_id 
_pdbx_modification_feature.label_asym_id 
_pdbx_modification_feature.label_seq_id 
_pdbx_modification_feature.label_alt_id 
_pdbx_modification_feature.modified_residue_label_comp_id 
_pdbx_modification_feature.modified_residue_label_asym_id 
_pdbx_modification_feature.modified_residue_label_seq_id 
_pdbx_modification_feature.modified_residue_label_alt_id 
_pdbx_modification_feature.auth_comp_id 
_pdbx_modification_feature.auth_asym_id 
_pdbx_modification_feature.auth_seq_id 
_pdbx_modification_feature.PDB_ins_code 
_pdbx_modification_feature.symmetry 
_pdbx_modification_feature.modified_residue_auth_comp_id 
_pdbx_modification_feature.modified_residue_auth_asym_id 
_pdbx_modification_feature.modified_residue_auth_seq_id 
_pdbx_modification_feature.modified_residue_PDB_ins_code 
_pdbx_modification_feature.modified_residue_symmetry 
_pdbx_modification_feature.comp_id_linking_atom 
_pdbx_modification_feature.modified_residue_id_linking_atom 
_pdbx_modification_feature.modified_residue_id 
_pdbx_modification_feature.ref_pcm_id 
_pdbx_modification_feature.ref_comp_id 
_pdbx_modification_feature.type 
_pdbx_modification_feature.category 
1 MSE A 37 ? . . . . MSE A 254 ? 1_555 . . . . . . . MET 1 MSE Selenomethionine 'Named protein modification' 
2 MSE B 37 ? . . . . MSE B 254 ? 1_555 . . . . . . . MET 1 MSE Selenomethionine 'Named protein modification' 
3 MSE C 37 ? . . . . MSE C 254 ? 1_555 . . . . . . . MET 1 MSE Selenomethionine 'Named protein modification' 
4 MSE D 37 ? . . . . MSE D 254 ? 1_555 . . . . . . . MET 1 MSE Selenomethionine 'Named protein modification' 
# 
_pdbx_entry_details.entry_id                   2P63 
_pdbx_entry_details.compound_details           ? 
_pdbx_entry_details.source_details             ? 
_pdbx_entry_details.nonpolymer_details         ? 
_pdbx_entry_details.sequence_details           ? 
_pdbx_entry_details.has_ligand_of_interest     ? 
_pdbx_entry_details.has_protein_modification   Y 
# 
loop_
_pdbx_validate_torsion.id 
_pdbx_validate_torsion.PDB_model_num 
_pdbx_validate_torsion.auth_comp_id 
_pdbx_validate_torsion.auth_asym_id 
_pdbx_validate_torsion.auth_seq_id 
_pdbx_validate_torsion.PDB_ins_code 
_pdbx_validate_torsion.label_alt_id 
_pdbx_validate_torsion.phi 
_pdbx_validate_torsion.psi 
1 1 ASP A 255 ? ? -108.44 -169.00 
2 1 ASP B 228 ? ? -47.27  -73.60  
3 1 MSE B 254 ? ? -54.16  179.74  
4 1 GLU C 224 ? ? -147.54 12.61   
5 1 LYS C 271 ? ? -116.19 51.29   
6 1 ASN D 253 ? ? -89.72  43.05   
# 
loop_
_pdbx_struct_mod_residue.id 
_pdbx_struct_mod_residue.label_asym_id 
_pdbx_struct_mod_residue.label_comp_id 
_pdbx_struct_mod_residue.label_seq_id 
_pdbx_struct_mod_residue.auth_asym_id 
_pdbx_struct_mod_residue.auth_comp_id 
_pdbx_struct_mod_residue.auth_seq_id 
_pdbx_struct_mod_residue.PDB_ins_code 
_pdbx_struct_mod_residue.parent_comp_id 
_pdbx_struct_mod_residue.details 
1 A MSE 37 A MSE 254 ? MET SELENOMETHIONINE 
2 B MSE 37 B MSE 254 ? MET SELENOMETHIONINE 
3 C MSE 37 C MSE 254 ? MET SELENOMETHIONINE 
4 D MSE 37 D MSE 254 ? MET SELENOMETHIONINE 
# 
loop_
_pdbx_refine_tls.id 
_pdbx_refine_tls.details 
_pdbx_refine_tls.method 
_pdbx_refine_tls.origin_x 
_pdbx_refine_tls.origin_y 
_pdbx_refine_tls.origin_z 
_pdbx_refine_tls.T[1][1] 
_pdbx_refine_tls.T[2][2] 
_pdbx_refine_tls.T[3][3] 
_pdbx_refine_tls.T[1][2] 
_pdbx_refine_tls.T[1][3] 
_pdbx_refine_tls.T[2][3] 
_pdbx_refine_tls.L[1][1] 
_pdbx_refine_tls.L[2][2] 
_pdbx_refine_tls.L[3][3] 
_pdbx_refine_tls.L[1][2] 
_pdbx_refine_tls.L[1][3] 
_pdbx_refine_tls.L[2][3] 
_pdbx_refine_tls.S[1][1] 
_pdbx_refine_tls.S[1][2] 
_pdbx_refine_tls.S[1][3] 
_pdbx_refine_tls.S[2][1] 
_pdbx_refine_tls.S[2][2] 
_pdbx_refine_tls.S[2][3] 
_pdbx_refine_tls.S[3][1] 
_pdbx_refine_tls.S[3][2] 
_pdbx_refine_tls.S[3][3] 
_pdbx_refine_tls.pdbx_refine_id 
1 ? refined -12.1818 -4.0951 5.3166  0.0629  0.1448 0.2168 0.0100  -0.1088 0.0599  2.8909 1.2029  6.4941 -0.3716 0.5387  -2.7870 -0.1706 0.0185  0.1514 0.0791  -0.1157 0.0540  -0.0221 0.2920  0.2863  'X-RAY DIFFRACTION' 
2 ? refined -10.3840 -4.9639 4.4613  -0.0042 0.1957 0.0715 -0.0426 -0.1104 -0.0356 7.7202 5.5960  7.9741 -1.4915 0.3501  -6.3965 -0.1453 -0.5693 0.4750 -0.2110 0.2589  -0.0372 0.3622  -0.3794 -0.1136 'X-RAY DIFFRACTION' 
3 ? refined 12.1390  4.7317  -4.5776 0.0866  0.1776 0.1761 0.1125  0.0118  0.0319  2.0817 8.1794  0.6756 -0.2604 -0.8051 -1.6220 -0.2039 -0.1010 0.0710 0.0873  0.2193  0.3363  0.0111  0.1461  -0.0154 'X-RAY DIFFRACTION' 
4 ? refined 9.6934   3.7120  -5.5666 0.0321  0.1185 0.1351 0.1251  0.0634  -0.0738 8.2282 10.5966 3.7137 -1.0803 0.6837  -6.2281 -0.2642 -0.6798 0.4419 -0.5586 0.1843  -0.4635 0.2265  -0.0532 0.0798  'X-RAY DIFFRACTION' 
# 
loop_
_pdbx_refine_tls_group.id 
_pdbx_refine_tls_group.refine_tls_id 
_pdbx_refine_tls_group.beg_auth_asym_id 
_pdbx_refine_tls_group.beg_auth_seq_id 
_pdbx_refine_tls_group.beg_label_asym_id 
_pdbx_refine_tls_group.beg_label_seq_id 
_pdbx_refine_tls_group.end_auth_asym_id 
_pdbx_refine_tls_group.end_auth_seq_id 
_pdbx_refine_tls_group.end_label_asym_id 
_pdbx_refine_tls_group.end_label_seq_id 
_pdbx_refine_tls_group.selection 
_pdbx_refine_tls_group.pdbx_refine_id 
_pdbx_refine_tls_group.selection_details 
1 1 A 228 A 11 A 272 A 55 ? 'X-RAY DIFFRACTION' ? 
2 2 B 228 B 11 B 272 B 55 ? 'X-RAY DIFFRACTION' ? 
3 3 C 228 C 11 C 273 C 56 ? 'X-RAY DIFFRACTION' ? 
4 4 D 228 D 11 D 273 D 56 ? 'X-RAY DIFFRACTION' ? 
# 
loop_
_pdbx_unobs_or_zero_occ_residues.id 
_pdbx_unobs_or_zero_occ_residues.PDB_model_num 
_pdbx_unobs_or_zero_occ_residues.polymer_flag 
_pdbx_unobs_or_zero_occ_residues.occupancy_flag 
_pdbx_unobs_or_zero_occ_residues.auth_asym_id 
_pdbx_unobs_or_zero_occ_residues.auth_comp_id 
_pdbx_unobs_or_zero_occ_residues.auth_seq_id 
_pdbx_unobs_or_zero_occ_residues.PDB_ins_code 
_pdbx_unobs_or_zero_occ_residues.label_asym_id 
_pdbx_unobs_or_zero_occ_residues.label_comp_id 
_pdbx_unobs_or_zero_occ_residues.label_seq_id 
1  1 Y 1 A GLY 218 ? A GLY 1  
2  1 Y 1 A ALA 219 ? A ALA 2  
3  1 Y 1 A MSE 220 ? A MSE 3  
4  1 Y 1 A ASP 273 ? A ASP 56 
5  1 Y 1 B GLY 218 ? B GLY 1  
6  1 Y 1 B ALA 219 ? B ALA 2  
7  1 Y 1 B MSE 220 ? B MSE 3  
8  1 Y 1 B GLY 221 ? B GLY 4  
9  1 Y 1 B ASP 273 ? B ASP 56 
10 1 Y 1 C GLY 218 ? C GLY 1  
11 1 Y 1 C ALA 219 ? C ALA 2  
12 1 Y 1 C MSE 220 ? C MSE 3  
13 1 Y 1 D GLY 218 ? D GLY 1  
14 1 Y 1 D ALA 219 ? D ALA 2  
15 1 Y 1 D MSE 220 ? D MSE 3  
16 1 Y 1 D GLY 221 ? D GLY 4  
17 1 Y 1 D SER 222 ? D SER 5  
# 
loop_
_chem_comp_atom.comp_id 
_chem_comp_atom.atom_id 
_chem_comp_atom.type_symbol 
_chem_comp_atom.pdbx_aromatic_flag 
_chem_comp_atom.pdbx_stereo_config 
_chem_comp_atom.pdbx_ordinal 
ALA N    N  N N 1   
ALA CA   C  N S 2   
ALA C    C  N N 3   
ALA O    O  N N 4   
ALA CB   C  N N 5   
ALA OXT  O  N N 6   
ALA H    H  N N 7   
ALA H2   H  N N 8   
ALA HA   H  N N 9   
ALA HB1  H  N N 10  
ALA HB2  H  N N 11  
ALA HB3  H  N N 12  
ALA HXT  H  N N 13  
ARG N    N  N N 14  
ARG CA   C  N S 15  
ARG C    C  N N 16  
ARG O    O  N N 17  
ARG CB   C  N N 18  
ARG CG   C  N N 19  
ARG CD   C  N N 20  
ARG NE   N  N N 21  
ARG CZ   C  N N 22  
ARG NH1  N  N N 23  
ARG NH2  N  N N 24  
ARG OXT  O  N N 25  
ARG H    H  N N 26  
ARG H2   H  N N 27  
ARG HA   H  N N 28  
ARG HB2  H  N N 29  
ARG HB3  H  N N 30  
ARG HG2  H  N N 31  
ARG HG3  H  N N 32  
ARG HD2  H  N N 33  
ARG HD3  H  N N 34  
ARG HE   H  N N 35  
ARG HH11 H  N N 36  
ARG HH12 H  N N 37  
ARG HH21 H  N N 38  
ARG HH22 H  N N 39  
ARG HXT  H  N N 40  
ASN N    N  N N 41  
ASN CA   C  N S 42  
ASN C    C  N N 43  
ASN O    O  N N 44  
ASN CB   C  N N 45  
ASN CG   C  N N 46  
ASN OD1  O  N N 47  
ASN ND2  N  N N 48  
ASN OXT  O  N N 49  
ASN H    H  N N 50  
ASN H2   H  N N 51  
ASN HA   H  N N 52  
ASN HB2  H  N N 53  
ASN HB3  H  N N 54  
ASN HD21 H  N N 55  
ASN HD22 H  N N 56  
ASN HXT  H  N N 57  
ASP N    N  N N 58  
ASP CA   C  N S 59  
ASP C    C  N N 60  
ASP O    O  N N 61  
ASP CB   C  N N 62  
ASP CG   C  N N 63  
ASP OD1  O  N N 64  
ASP OD2  O  N N 65  
ASP OXT  O  N N 66  
ASP H    H  N N 67  
ASP H2   H  N N 68  
ASP HA   H  N N 69  
ASP HB2  H  N N 70  
ASP HB3  H  N N 71  
ASP HD2  H  N N 72  
ASP HXT  H  N N 73  
GLU N    N  N N 74  
GLU CA   C  N S 75  
GLU C    C  N N 76  
GLU O    O  N N 77  
GLU CB   C  N N 78  
GLU CG   C  N N 79  
GLU CD   C  N N 80  
GLU OE1  O  N N 81  
GLU OE2  O  N N 82  
GLU OXT  O  N N 83  
GLU H    H  N N 84  
GLU H2   H  N N 85  
GLU HA   H  N N 86  
GLU HB2  H  N N 87  
GLU HB3  H  N N 88  
GLU HG2  H  N N 89  
GLU HG3  H  N N 90  
GLU HE2  H  N N 91  
GLU HXT  H  N N 92  
GLY N    N  N N 93  
GLY CA   C  N N 94  
GLY C    C  N N 95  
GLY O    O  N N 96  
GLY OXT  O  N N 97  
GLY H    H  N N 98  
GLY H2   H  N N 99  
GLY HA2  H  N N 100 
GLY HA3  H  N N 101 
GLY HXT  H  N N 102 
HIS N    N  N N 103 
HIS CA   C  N S 104 
HIS C    C  N N 105 
HIS O    O  N N 106 
HIS CB   C  N N 107 
HIS CG   C  Y N 108 
HIS ND1  N  Y N 109 
HIS CD2  C  Y N 110 
HIS CE1  C  Y N 111 
HIS NE2  N  Y N 112 
HIS OXT  O  N N 113 
HIS H    H  N N 114 
HIS H2   H  N N 115 
HIS HA   H  N N 116 
HIS HB2  H  N N 117 
HIS HB3  H  N N 118 
HIS HD1  H  N N 119 
HIS HD2  H  N N 120 
HIS HE1  H  N N 121 
HIS HE2  H  N N 122 
HIS HXT  H  N N 123 
HOH O    O  N N 124 
HOH H1   H  N N 125 
HOH H2   H  N N 126 
ILE N    N  N N 127 
ILE CA   C  N S 128 
ILE C    C  N N 129 
ILE O    O  N N 130 
ILE CB   C  N S 131 
ILE CG1  C  N N 132 
ILE CG2  C  N N 133 
ILE CD1  C  N N 134 
ILE OXT  O  N N 135 
ILE H    H  N N 136 
ILE H2   H  N N 137 
ILE HA   H  N N 138 
ILE HB   H  N N 139 
ILE HG12 H  N N 140 
ILE HG13 H  N N 141 
ILE HG21 H  N N 142 
ILE HG22 H  N N 143 
ILE HG23 H  N N 144 
ILE HD11 H  N N 145 
ILE HD12 H  N N 146 
ILE HD13 H  N N 147 
ILE HXT  H  N N 148 
LEU N    N  N N 149 
LEU CA   C  N S 150 
LEU C    C  N N 151 
LEU O    O  N N 152 
LEU CB   C  N N 153 
LEU CG   C  N N 154 
LEU CD1  C  N N 155 
LEU CD2  C  N N 156 
LEU OXT  O  N N 157 
LEU H    H  N N 158 
LEU H2   H  N N 159 
LEU HA   H  N N 160 
LEU HB2  H  N N 161 
LEU HB3  H  N N 162 
LEU HG   H  N N 163 
LEU HD11 H  N N 164 
LEU HD12 H  N N 165 
LEU HD13 H  N N 166 
LEU HD21 H  N N 167 
LEU HD22 H  N N 168 
LEU HD23 H  N N 169 
LEU HXT  H  N N 170 
LYS N    N  N N 171 
LYS CA   C  N S 172 
LYS C    C  N N 173 
LYS O    O  N N 174 
LYS CB   C  N N 175 
LYS CG   C  N N 176 
LYS CD   C  N N 177 
LYS CE   C  N N 178 
LYS NZ   N  N N 179 
LYS OXT  O  N N 180 
LYS H    H  N N 181 
LYS H2   H  N N 182 
LYS HA   H  N N 183 
LYS HB2  H  N N 184 
LYS HB3  H  N N 185 
LYS HG2  H  N N 186 
LYS HG3  H  N N 187 
LYS HD2  H  N N 188 
LYS HD3  H  N N 189 
LYS HE2  H  N N 190 
LYS HE3  H  N N 191 
LYS HZ1  H  N N 192 
LYS HZ2  H  N N 193 
LYS HZ3  H  N N 194 
LYS HXT  H  N N 195 
MSE N    N  N N 196 
MSE CA   C  N S 197 
MSE C    C  N N 198 
MSE O    O  N N 199 
MSE OXT  O  N N 200 
MSE CB   C  N N 201 
MSE CG   C  N N 202 
MSE SE   SE N N 203 
MSE CE   C  N N 204 
MSE H    H  N N 205 
MSE H2   H  N N 206 
MSE HA   H  N N 207 
MSE HXT  H  N N 208 
MSE HB2  H  N N 209 
MSE HB3  H  N N 210 
MSE HG2  H  N N 211 
MSE HG3  H  N N 212 
MSE HE1  H  N N 213 
MSE HE2  H  N N 214 
MSE HE3  H  N N 215 
PHE N    N  N N 216 
PHE CA   C  N S 217 
PHE C    C  N N 218 
PHE O    O  N N 219 
PHE CB   C  N N 220 
PHE CG   C  Y N 221 
PHE CD1  C  Y N 222 
PHE CD2  C  Y N 223 
PHE CE1  C  Y N 224 
PHE CE2  C  Y N 225 
PHE CZ   C  Y N 226 
PHE OXT  O  N N 227 
PHE H    H  N N 228 
PHE H2   H  N N 229 
PHE HA   H  N N 230 
PHE HB2  H  N N 231 
PHE HB3  H  N N 232 
PHE HD1  H  N N 233 
PHE HD2  H  N N 234 
PHE HE1  H  N N 235 
PHE HE2  H  N N 236 
PHE HZ   H  N N 237 
PHE HXT  H  N N 238 
PRO N    N  N N 239 
PRO CA   C  N S 240 
PRO C    C  N N 241 
PRO O    O  N N 242 
PRO CB   C  N N 243 
PRO CG   C  N N 244 
PRO CD   C  N N 245 
PRO OXT  O  N N 246 
PRO H    H  N N 247 
PRO HA   H  N N 248 
PRO HB2  H  N N 249 
PRO HB3  H  N N 250 
PRO HG2  H  N N 251 
PRO HG3  H  N N 252 
PRO HD2  H  N N 253 
PRO HD3  H  N N 254 
PRO HXT  H  N N 255 
SER N    N  N N 256 
SER CA   C  N S 257 
SER C    C  N N 258 
SER O    O  N N 259 
SER CB   C  N N 260 
SER OG   O  N N 261 
SER OXT  O  N N 262 
SER H    H  N N 263 
SER H2   H  N N 264 
SER HA   H  N N 265 
SER HB2  H  N N 266 
SER HB3  H  N N 267 
SER HG   H  N N 268 
SER HXT  H  N N 269 
THR N    N  N N 270 
THR CA   C  N S 271 
THR C    C  N N 272 
THR O    O  N N 273 
THR CB   C  N R 274 
THR OG1  O  N N 275 
THR CG2  C  N N 276 
THR OXT  O  N N 277 
THR H    H  N N 278 
THR H2   H  N N 279 
THR HA   H  N N 280 
THR HB   H  N N 281 
THR HG1  H  N N 282 
THR HG21 H  N N 283 
THR HG22 H  N N 284 
THR HG23 H  N N 285 
THR HXT  H  N N 286 
TYR N    N  N N 287 
TYR CA   C  N S 288 
TYR C    C  N N 289 
TYR O    O  N N 290 
TYR CB   C  N N 291 
TYR CG   C  Y N 292 
TYR CD1  C  Y N 293 
TYR CD2  C  Y N 294 
TYR CE1  C  Y N 295 
TYR CE2  C  Y N 296 
TYR CZ   C  Y N 297 
TYR OH   O  N N 298 
TYR OXT  O  N N 299 
TYR H    H  N N 300 
TYR H2   H  N N 301 
TYR HA   H  N N 302 
TYR HB2  H  N N 303 
TYR HB3  H  N N 304 
TYR HD1  H  N N 305 
TYR HD2  H  N N 306 
TYR HE1  H  N N 307 
TYR HE2  H  N N 308 
TYR HH   H  N N 309 
TYR HXT  H  N N 310 
VAL N    N  N N 311 
VAL CA   C  N S 312 
VAL C    C  N N 313 
VAL O    O  N N 314 
VAL CB   C  N N 315 
VAL CG1  C  N N 316 
VAL CG2  C  N N 317 
VAL OXT  O  N N 318 
VAL H    H  N N 319 
VAL H2   H  N N 320 
VAL HA   H  N N 321 
VAL HB   H  N N 322 
VAL HG11 H  N N 323 
VAL HG12 H  N N 324 
VAL HG13 H  N N 325 
VAL HG21 H  N N 326 
VAL HG22 H  N N 327 
VAL HG23 H  N N 328 
VAL HXT  H  N N 329 
# 
loop_
_chem_comp_bond.comp_id 
_chem_comp_bond.atom_id_1 
_chem_comp_bond.atom_id_2 
_chem_comp_bond.value_order 
_chem_comp_bond.pdbx_aromatic_flag 
_chem_comp_bond.pdbx_stereo_config 
_chem_comp_bond.pdbx_ordinal 
ALA N   CA   sing N N 1   
ALA N   H    sing N N 2   
ALA N   H2   sing N N 3   
ALA CA  C    sing N N 4   
ALA CA  CB   sing N N 5   
ALA CA  HA   sing N N 6   
ALA C   O    doub N N 7   
ALA C   OXT  sing N N 8   
ALA CB  HB1  sing N N 9   
ALA CB  HB2  sing N N 10  
ALA CB  HB3  sing N N 11  
ALA OXT HXT  sing N N 12  
ARG N   CA   sing N N 13  
ARG N   H    sing N N 14  
ARG N   H2   sing N N 15  
ARG CA  C    sing N N 16  
ARG CA  CB   sing N N 17  
ARG CA  HA   sing N N 18  
ARG C   O    doub N N 19  
ARG C   OXT  sing N N 20  
ARG CB  CG   sing N N 21  
ARG CB  HB2  sing N N 22  
ARG CB  HB3  sing N N 23  
ARG CG  CD   sing N N 24  
ARG CG  HG2  sing N N 25  
ARG CG  HG3  sing N N 26  
ARG CD  NE   sing N N 27  
ARG CD  HD2  sing N N 28  
ARG CD  HD3  sing N N 29  
ARG NE  CZ   sing N N 30  
ARG NE  HE   sing N N 31  
ARG CZ  NH1  sing N N 32  
ARG CZ  NH2  doub N N 33  
ARG NH1 HH11 sing N N 34  
ARG NH1 HH12 sing N N 35  
ARG NH2 HH21 sing N N 36  
ARG NH2 HH22 sing N N 37  
ARG OXT HXT  sing N N 38  
ASN N   CA   sing N N 39  
ASN N   H    sing N N 40  
ASN N   H2   sing N N 41  
ASN CA  C    sing N N 42  
ASN CA  CB   sing N N 43  
ASN CA  HA   sing N N 44  
ASN C   O    doub N N 45  
ASN C   OXT  sing N N 46  
ASN CB  CG   sing N N 47  
ASN CB  HB2  sing N N 48  
ASN CB  HB3  sing N N 49  
ASN CG  OD1  doub N N 50  
ASN CG  ND2  sing N N 51  
ASN ND2 HD21 sing N N 52  
ASN ND2 HD22 sing N N 53  
ASN OXT HXT  sing N N 54  
ASP N   CA   sing N N 55  
ASP N   H    sing N N 56  
ASP N   H2   sing N N 57  
ASP CA  C    sing N N 58  
ASP CA  CB   sing N N 59  
ASP CA  HA   sing N N 60  
ASP C   O    doub N N 61  
ASP C   OXT  sing N N 62  
ASP CB  CG   sing N N 63  
ASP CB  HB2  sing N N 64  
ASP CB  HB3  sing N N 65  
ASP CG  OD1  doub N N 66  
ASP CG  OD2  sing N N 67  
ASP OD2 HD2  sing N N 68  
ASP OXT HXT  sing N N 69  
GLU N   CA   sing N N 70  
GLU N   H    sing N N 71  
GLU N   H2   sing N N 72  
GLU CA  C    sing N N 73  
GLU CA  CB   sing N N 74  
GLU CA  HA   sing N N 75  
GLU C   O    doub N N 76  
GLU C   OXT  sing N N 77  
GLU CB  CG   sing N N 78  
GLU CB  HB2  sing N N 79  
GLU CB  HB3  sing N N 80  
GLU CG  CD   sing N N 81  
GLU CG  HG2  sing N N 82  
GLU CG  HG3  sing N N 83  
GLU CD  OE1  doub N N 84  
GLU CD  OE2  sing N N 85  
GLU OE2 HE2  sing N N 86  
GLU OXT HXT  sing N N 87  
GLY N   CA   sing N N 88  
GLY N   H    sing N N 89  
GLY N   H2   sing N N 90  
GLY CA  C    sing N N 91  
GLY CA  HA2  sing N N 92  
GLY CA  HA3  sing N N 93  
GLY C   O    doub N N 94  
GLY C   OXT  sing N N 95  
GLY OXT HXT  sing N N 96  
HIS N   CA   sing N N 97  
HIS N   H    sing N N 98  
HIS N   H2   sing N N 99  
HIS CA  C    sing N N 100 
HIS CA  CB   sing N N 101 
HIS CA  HA   sing N N 102 
HIS C   O    doub N N 103 
HIS C   OXT  sing N N 104 
HIS CB  CG   sing N N 105 
HIS CB  HB2  sing N N 106 
HIS CB  HB3  sing N N 107 
HIS CG  ND1  sing Y N 108 
HIS CG  CD2  doub Y N 109 
HIS ND1 CE1  doub Y N 110 
HIS ND1 HD1  sing N N 111 
HIS CD2 NE2  sing Y N 112 
HIS CD2 HD2  sing N N 113 
HIS CE1 NE2  sing Y N 114 
HIS CE1 HE1  sing N N 115 
HIS NE2 HE2  sing N N 116 
HIS OXT HXT  sing N N 117 
HOH O   H1   sing N N 118 
HOH O   H2   sing N N 119 
ILE N   CA   sing N N 120 
ILE N   H    sing N N 121 
ILE N   H2   sing N N 122 
ILE CA  C    sing N N 123 
ILE CA  CB   sing N N 124 
ILE CA  HA   sing N N 125 
ILE C   O    doub N N 126 
ILE C   OXT  sing N N 127 
ILE CB  CG1  sing N N 128 
ILE CB  CG2  sing N N 129 
ILE CB  HB   sing N N 130 
ILE CG1 CD1  sing N N 131 
ILE CG1 HG12 sing N N 132 
ILE CG1 HG13 sing N N 133 
ILE CG2 HG21 sing N N 134 
ILE CG2 HG22 sing N N 135 
ILE CG2 HG23 sing N N 136 
ILE CD1 HD11 sing N N 137 
ILE CD1 HD12 sing N N 138 
ILE CD1 HD13 sing N N 139 
ILE OXT HXT  sing N N 140 
LEU N   CA   sing N N 141 
LEU N   H    sing N N 142 
LEU N   H2   sing N N 143 
LEU CA  C    sing N N 144 
LEU CA  CB   sing N N 145 
LEU CA  HA   sing N N 146 
LEU C   O    doub N N 147 
LEU C   OXT  sing N N 148 
LEU CB  CG   sing N N 149 
LEU CB  HB2  sing N N 150 
LEU CB  HB3  sing N N 151 
LEU CG  CD1  sing N N 152 
LEU CG  CD2  sing N N 153 
LEU CG  HG   sing N N 154 
LEU CD1 HD11 sing N N 155 
LEU CD1 HD12 sing N N 156 
LEU CD1 HD13 sing N N 157 
LEU CD2 HD21 sing N N 158 
LEU CD2 HD22 sing N N 159 
LEU CD2 HD23 sing N N 160 
LEU OXT HXT  sing N N 161 
LYS N   CA   sing N N 162 
LYS N   H    sing N N 163 
LYS N   H2   sing N N 164 
LYS CA  C    sing N N 165 
LYS CA  CB   sing N N 166 
LYS CA  HA   sing N N 167 
LYS C   O    doub N N 168 
LYS C   OXT  sing N N 169 
LYS CB  CG   sing N N 170 
LYS CB  HB2  sing N N 171 
LYS CB  HB3  sing N N 172 
LYS CG  CD   sing N N 173 
LYS CG  HG2  sing N N 174 
LYS CG  HG3  sing N N 175 
LYS CD  CE   sing N N 176 
LYS CD  HD2  sing N N 177 
LYS CD  HD3  sing N N 178 
LYS CE  NZ   sing N N 179 
LYS CE  HE2  sing N N 180 
LYS CE  HE3  sing N N 181 
LYS NZ  HZ1  sing N N 182 
LYS NZ  HZ2  sing N N 183 
LYS NZ  HZ3  sing N N 184 
LYS OXT HXT  sing N N 185 
MSE N   CA   sing N N 186 
MSE N   H    sing N N 187 
MSE N   H2   sing N N 188 
MSE CA  C    sing N N 189 
MSE CA  CB   sing N N 190 
MSE CA  HA   sing N N 191 
MSE C   O    doub N N 192 
MSE C   OXT  sing N N 193 
MSE OXT HXT  sing N N 194 
MSE CB  CG   sing N N 195 
MSE CB  HB2  sing N N 196 
MSE CB  HB3  sing N N 197 
MSE CG  SE   sing N N 198 
MSE CG  HG2  sing N N 199 
MSE CG  HG3  sing N N 200 
MSE SE  CE   sing N N 201 
MSE CE  HE1  sing N N 202 
MSE CE  HE2  sing N N 203 
MSE CE  HE3  sing N N 204 
PHE N   CA   sing N N 205 
PHE N   H    sing N N 206 
PHE N   H2   sing N N 207 
PHE CA  C    sing N N 208 
PHE CA  CB   sing N N 209 
PHE CA  HA   sing N N 210 
PHE C   O    doub N N 211 
PHE C   OXT  sing N N 212 
PHE CB  CG   sing N N 213 
PHE CB  HB2  sing N N 214 
PHE CB  HB3  sing N N 215 
PHE CG  CD1  doub Y N 216 
PHE CG  CD2  sing Y N 217 
PHE CD1 CE1  sing Y N 218 
PHE CD1 HD1  sing N N 219 
PHE CD2 CE2  doub Y N 220 
PHE CD2 HD2  sing N N 221 
PHE CE1 CZ   doub Y N 222 
PHE CE1 HE1  sing N N 223 
PHE CE2 CZ   sing Y N 224 
PHE CE2 HE2  sing N N 225 
PHE CZ  HZ   sing N N 226 
PHE OXT HXT  sing N N 227 
PRO N   CA   sing N N 228 
PRO N   CD   sing N N 229 
PRO N   H    sing N N 230 
PRO CA  C    sing N N 231 
PRO CA  CB   sing N N 232 
PRO CA  HA   sing N N 233 
PRO C   O    doub N N 234 
PRO C   OXT  sing N N 235 
PRO CB  CG   sing N N 236 
PRO CB  HB2  sing N N 237 
PRO CB  HB3  sing N N 238 
PRO CG  CD   sing N N 239 
PRO CG  HG2  sing N N 240 
PRO CG  HG3  sing N N 241 
PRO CD  HD2  sing N N 242 
PRO CD  HD3  sing N N 243 
PRO OXT HXT  sing N N 244 
SER N   CA   sing N N 245 
SER N   H    sing N N 246 
SER N   H2   sing N N 247 
SER CA  C    sing N N 248 
SER CA  CB   sing N N 249 
SER CA  HA   sing N N 250 
SER C   O    doub N N 251 
SER C   OXT  sing N N 252 
SER CB  OG   sing N N 253 
SER CB  HB2  sing N N 254 
SER CB  HB3  sing N N 255 
SER OG  HG   sing N N 256 
SER OXT HXT  sing N N 257 
THR N   CA   sing N N 258 
THR N   H    sing N N 259 
THR N   H2   sing N N 260 
THR CA  C    sing N N 261 
THR CA  CB   sing N N 262 
THR CA  HA   sing N N 263 
THR C   O    doub N N 264 
THR C   OXT  sing N N 265 
THR CB  OG1  sing N N 266 
THR CB  CG2  sing N N 267 
THR CB  HB   sing N N 268 
THR OG1 HG1  sing N N 269 
THR CG2 HG21 sing N N 270 
THR CG2 HG22 sing N N 271 
THR CG2 HG23 sing N N 272 
THR OXT HXT  sing N N 273 
TYR N   CA   sing N N 274 
TYR N   H    sing N N 275 
TYR N   H2   sing N N 276 
TYR CA  C    sing N N 277 
TYR CA  CB   sing N N 278 
TYR CA  HA   sing N N 279 
TYR C   O    doub N N 280 
TYR C   OXT  sing N N 281 
TYR CB  CG   sing N N 282 
TYR CB  HB2  sing N N 283 
TYR CB  HB3  sing N N 284 
TYR CG  CD1  doub Y N 285 
TYR CG  CD2  sing Y N 286 
TYR CD1 CE1  sing Y N 287 
TYR CD1 HD1  sing N N 288 
TYR CD2 CE2  doub Y N 289 
TYR CD2 HD2  sing N N 290 
TYR CE1 CZ   doub Y N 291 
TYR CE1 HE1  sing N N 292 
TYR CE2 CZ   sing Y N 293 
TYR CE2 HE2  sing N N 294 
TYR CZ  OH   sing N N 295 
TYR OH  HH   sing N N 296 
TYR OXT HXT  sing N N 297 
VAL N   CA   sing N N 298 
VAL N   H    sing N N 299 
VAL N   H2   sing N N 300 
VAL CA  C    sing N N 301 
VAL CA  CB   sing N N 302 
VAL CA  HA   sing N N 303 
VAL C   O    doub N N 304 
VAL C   OXT  sing N N 305 
VAL CB  CG1  sing N N 306 
VAL CB  CG2  sing N N 307 
VAL CB  HB   sing N N 308 
VAL CG1 HG11 sing N N 309 
VAL CG1 HG12 sing N N 310 
VAL CG1 HG13 sing N N 311 
VAL CG2 HG21 sing N N 312 
VAL CG2 HG22 sing N N 313 
VAL CG2 HG23 sing N N 314 
VAL OXT HXT  sing N N 315 
# 
_atom_sites.entry_id                    2P63 
_atom_sites.fract_transf_matrix[1][1]   -0.00694315 
_atom_sites.fract_transf_matrix[1][2]   0.02680376 
_atom_sites.fract_transf_matrix[1][3]   0.01287314 
_atom_sites.fract_transf_matrix[2][1]   -0.01839696 
_atom_sites.fract_transf_matrix[2][2]   0.01958965 
_atom_sites.fract_transf_matrix[2][3]   -0.01449772 
_atom_sites.fract_transf_matrix[3][1]   -0.00266160 
_atom_sites.fract_transf_matrix[3][2]   -0.00140183 
_atom_sites.fract_transf_matrix[3][3]   0.00148327 
_atom_sites.fract_transf_vector[1]      0.272348 
_atom_sites.fract_transf_vector[2]      -0.006637 
_atom_sites.fract_transf_vector[3]      -0.000303 
# 
loop_
_atom_type.symbol 
C  
N  
O  
SE 
# 
loop_
_atom_site.group_PDB 
_atom_site.id 
_atom_site.type_symbol 
_atom_site.label_atom_id 
_atom_site.label_alt_id 
_atom_site.label_comp_id 
_atom_site.label_asym_id 
_atom_site.label_entity_id 
_atom_site.label_seq_id 
_atom_site.pdbx_PDB_ins_code 
_atom_site.Cartn_x 
_atom_site.Cartn_y 
_atom_site.Cartn_z 
_atom_site.occupancy 
_atom_site.B_iso_or_equiv 
_atom_site.pdbx_formal_charge 
_atom_site.auth_seq_id 
_atom_site.auth_comp_id 
_atom_site.auth_asym_id 
_atom_site.auth_atom_id 
_atom_site.pdbx_PDB_model_num 
ATOM   1    N  N   . GLY A 1 4  ? -20.843 -27.552 13.881  1.00 72.89  ? 221 GLY A N   1 
ATOM   2    C  CA  . GLY A 1 4  ? -21.807 -26.895 14.751  1.00 68.43  ? 221 GLY A CA  1 
ATOM   3    C  C   . GLY A 1 4  ? -21.188 -25.718 15.479  1.00 66.35  ? 221 GLY A C   1 
ATOM   4    O  O   . GLY A 1 4  ? -21.298 -25.587 16.698  1.00 72.41  ? 221 GLY A O   1 
ATOM   5    N  N   . SER A 1 5  ? -20.526 -24.850 14.719  1.00 63.17  ? 222 SER A N   1 
ATOM   6    C  CA  . SER A 1 5  ? -19.790 -23.741 15.310  1.00 61.37  ? 222 SER A CA  1 
ATOM   7    C  C   . SER A 1 5  ? -20.267 -22.389 14.788  1.00 62.32  ? 222 SER A C   1 
ATOM   8    O  O   . SER A 1 5  ? -20.156 -22.096 13.599  1.00 78.21  ? 222 SER A O   1 
ATOM   9    C  CB  . SER A 1 5  ? -18.293 -23.926 15.039  1.00 60.63  ? 222 SER A CB  1 
ATOM   10   O  OG  . SER A 1 5  ? -17.993 -25.310 14.929  1.00 70.59  ? 222 SER A OG  1 
ATOM   11   N  N   . PRO A 1 6  ? -20.790 -21.605 15.720  1.00 58.32  ? 223 PRO A N   1 
ATOM   12   C  CA  . PRO A 1 6  ? -21.306 -20.256 15.484  1.00 58.22  ? 223 PRO A CA  1 
ATOM   13   C  C   . PRO A 1 6  ? -20.422 -19.466 14.516  1.00 56.53  ? 223 PRO A C   1 
ATOM   14   O  O   . PRO A 1 6  ? -19.206 -19.426 14.684  1.00 49.01  ? 223 PRO A O   1 
ATOM   15   C  CB  . PRO A 1 6  ? -21.269 -19.612 16.869  1.00 57.21  ? 223 PRO A CB  1 
ATOM   16   C  CG  . PRO A 1 6  ? -20.747 -20.635 17.811  1.00 59.81  ? 223 PRO A CG  1 
ATOM   17   C  CD  . PRO A 1 6  ? -20.934 -21.971 17.145  1.00 60.79  ? 223 PRO A CD  1 
ATOM   18   N  N   . GLU A 1 7  ? -21.057 -18.866 13.519  1.00 50.19  ? 224 GLU A N   1 
ATOM   19   C  CA  . GLU A 1 7  ? -20.409 -18.110 12.467  1.00 48.56  ? 224 GLU A CA  1 
ATOM   20   C  C   . GLU A 1 7  ? -20.363 -16.618 12.773  1.00 49.64  ? 224 GLU A C   1 
ATOM   21   O  O   . GLU A 1 7  ? -19.994 -15.838 11.888  1.00 76.93  ? 224 GLU A O   1 
ATOM   22   C  CB  . GLU A 1 7  ? -21.141 -18.309 11.135  1.00 53.51  ? 224 GLU A CB  1 
ATOM   23   C  CG  . GLU A 1 7  ? -20.594 -19.425 10.266  1.00 58.93  ? 224 GLU A CG  1 
ATOM   24   C  CD  . GLU A 1 7  ? -19.335 -19.033 9.518   1.00 58.82  ? 224 GLU A CD  1 
ATOM   25   O  OE1 . GLU A 1 7  ? -18.522 -18.271 10.084  1.00 53.24  ? 224 GLU A OE1 1 
ATOM   26   O  OE2 . GLU A 1 7  ? -19.155 -19.487 8.369   1.00 58.00  ? 224 GLU A OE2 1 
ATOM   27   N  N   . TYR A 1 8  ? -20.728 -16.210 13.988  1.00 38.33  ? 225 TYR A N   1 
ATOM   28   C  CA  . TYR A 1 8  ? -20.767 -14.776 14.277  1.00 31.27  ? 225 TYR A CA  1 
ATOM   29   C  C   . TYR A 1 8  ? -20.054 -14.408 15.574  1.00 38.47  ? 225 TYR A C   1 
ATOM   30   O  O   . TYR A 1 8  ? -20.149 -15.072 16.600  1.00 55.48  ? 225 TYR A O   1 
ATOM   31   C  CB  . TYR A 1 8  ? -22.212 -14.291 14.301  1.00 26.35  ? 225 TYR A CB  1 
ATOM   32   C  CG  . TYR A 1 8  ? -22.428 -12.856 14.714  1.00 23.28  ? 225 TYR A CG  1 
ATOM   33   C  CD1 . TYR A 1 8  ? -22.725 -12.528 16.031  1.00 24.99  ? 225 TYR A CD1 1 
ATOM   34   C  CD2 . TYR A 1 8  ? -22.346 -11.813 13.803  1.00 16.29  ? 225 TYR A CD2 1 
ATOM   35   C  CE1 . TYR A 1 8  ? -22.929 -11.225 16.437  1.00 19.90  ? 225 TYR A CE1 1 
ATOM   36   C  CE2 . TYR A 1 8  ? -22.551 -10.505 14.202  1.00 16.44  ? 225 TYR A CE2 1 
ATOM   37   C  CZ  . TYR A 1 8  ? -22.840 -10.210 15.512  1.00 18.88  ? 225 TYR A CZ  1 
ATOM   38   O  OH  . TYR A 1 8  ? -23.047 -8.909  15.922  1.00 30.66  ? 225 TYR A OH  1 
ATOM   39   N  N   . LEU A 1 9  ? -19.332 -13.301 15.480  1.00 43.17  ? 226 LEU A N   1 
ATOM   40   C  CA  . LEU A 1 9  ? -18.473 -12.718 16.487  1.00 38.90  ? 226 LEU A CA  1 
ATOM   41   C  C   . LEU A 1 9  ? -19.136 -11.498 17.104  1.00 35.29  ? 226 LEU A C   1 
ATOM   42   O  O   . LEU A 1 9  ? -19.351 -10.481 16.448  1.00 52.84  ? 226 LEU A O   1 
ATOM   43   C  CB  . LEU A 1 9  ? -17.139 -12.308 15.866  1.00 43.92  ? 226 LEU A CB  1 
ATOM   44   C  CG  . LEU A 1 9  ? -15.855 -12.529 16.661  1.00 42.02  ? 226 LEU A CG  1 
ATOM   45   C  CD1 . LEU A 1 9  ? -15.637 -11.397 17.652  1.00 46.92  ? 226 LEU A CD1 1 
ATOM   46   C  CD2 . LEU A 1 9  ? -15.897 -13.879 17.357  1.00 40.61  ? 226 LEU A CD2 1 
ATOM   47   N  N   . SER A 1 10 ? -19.475 -11.591 18.384  1.00 30.57  ? 227 SER A N   1 
ATOM   48   C  CA  . SER A 1 10 ? -20.109 -10.452 19.029  1.00 24.41  ? 227 SER A CA  1 
ATOM   49   C  C   . SER A 1 10 ? -19.222 -9.214  18.938  1.00 29.64  ? 227 SER A C   1 
ATOM   50   O  O   . SER A 1 10 ? -18.001 -9.350  18.984  1.00 33.14  ? 227 SER A O   1 
ATOM   51   C  CB  . SER A 1 10 ? -20.382 -10.779 20.497  1.00 26.14  ? 227 SER A CB  1 
ATOM   52   O  OG  . SER A 1 10 ? -19.162 -10.800 21.220  1.00 35.77  ? 227 SER A OG  1 
ATOM   53   N  N   . ASP A 1 11 ? -19.854 -8.059  18.829  1.00 30.89  ? 228 ASP A N   1 
ATOM   54   C  CA  . ASP A 1 11 ? -19.195 -6.770  18.817  1.00 38.60  ? 228 ASP A CA  1 
ATOM   55   C  C   . ASP A 1 11 ? -18.048 -6.684  19.818  1.00 47.36  ? 228 ASP A C   1 
ATOM   56   O  O   . ASP A 1 11 ? -16.885 -6.589  19.429  1.00 70.78  ? 228 ASP A O   1 
ATOM   57   C  CB  . ASP A 1 11 ? -20.223 -5.670  19.122  1.00 42.92  ? 228 ASP A CB  1 
ATOM   58   C  CG  . ASP A 1 11 ? -21.122 -5.422  17.923  1.00 48.35  ? 228 ASP A CG  1 
ATOM   59   O  OD1 . ASP A 1 11 ? -20.753 -5.884  16.821  1.00 56.11  ? 228 ASP A OD1 1 
ATOM   60   O  OD2 . ASP A 1 11 ? -22.179 -4.781  18.091  1.00 55.55  ? 228 ASP A OD2 1 
ATOM   61   N  N   . GLU A 1 12 ? -18.390 -6.719  21.099  1.00 52.60  ? 229 GLU A N   1 
ATOM   62   C  CA  . GLU A 1 12 ? -17.443 -6.568  22.192  1.00 42.36  ? 229 GLU A CA  1 
ATOM   63   C  C   . GLU A 1 12 ? -16.242 -7.488  22.025  1.00 34.61  ? 229 GLU A C   1 
ATOM   64   O  O   . GLU A 1 12 ? -15.133 -7.154  22.438  1.00 60.15  ? 229 GLU A O   1 
ATOM   65   C  CB  . GLU A 1 12 ? -18.134 -6.837  23.531  1.00 49.02  ? 229 GLU A CB  1 
ATOM   66   C  CG  . GLU A 1 12 ? -17.441 -6.174  24.716  1.00 59.60  ? 229 GLU A CG  1 
ATOM   67   C  CD  . GLU A 1 12 ? -18.113 -6.527  26.031  1.00 64.83  ? 229 GLU A CD  1 
ATOM   68   O  OE1 . GLU A 1 12 ? -19.360 -6.465  26.067  1.00 58.53  ? 229 GLU A OE1 1 
ATOM   69   O  OE2 . GLU A 1 12 ? -17.409 -6.862  27.006  1.00 76.93  ? 229 GLU A OE2 1 
ATOM   70   N  N   . ILE A 1 13 ? -16.441 -8.653  21.423  1.00 34.53  ? 230 ILE A N   1 
ATOM   71   C  CA  . ILE A 1 13 ? -15.341 -9.598  21.266  1.00 38.99  ? 230 ILE A CA  1 
ATOM   72   C  C   . ILE A 1 13 ? -14.470 -9.196  20.075  1.00 43.12  ? 230 ILE A C   1 
ATOM   73   O  O   . ILE A 1 13 ? -13.256 -9.369  20.100  1.00 56.29  ? 230 ILE A O   1 
ATOM   74   C  CB  . ILE A 1 13 ? -15.829 -11.038 21.052  1.00 33.27  ? 230 ILE A CB  1 
ATOM   75   C  CG1 . ILE A 1 13 ? -16.666 -11.599 22.201  1.00 29.42  ? 230 ILE A CG1 1 
ATOM   76   C  CG2 . ILE A 1 13 ? -14.644 -11.947 20.748  1.00 29.83  ? 230 ILE A CG2 1 
ATOM   77   C  CD1 . ILE A 1 13 ? -17.102 -13.034 21.969  1.00 24.00  ? 230 ILE A CD1 1 
ATOM   78   N  N   . PHE A 1 14 ? -15.140 -8.669  19.064  1.00 36.58  ? 231 PHE A N   1 
ATOM   79   C  CA  . PHE A 1 14 ? -14.528 -8.069  17.898  1.00 37.20  ? 231 PHE A CA  1 
ATOM   80   C  C   . PHE A 1 14 ? -13.613 -6.923  18.332  1.00 42.99  ? 231 PHE A C   1 
ATOM   81   O  O   . PHE A 1 14 ? -12.418 -6.906  18.052  1.00 43.42  ? 231 PHE A O   1 
ATOM   82   C  CB  . PHE A 1 14 ? -15.590 -7.531  16.942  1.00 38.08  ? 231 PHE A CB  1 
ATOM   83   C  CG  . PHE A 1 14 ? -15.042 -6.893  15.690  1.00 44.36  ? 231 PHE A CG  1 
ATOM   84   C  CD1 . PHE A 1 14 ? -14.452 -7.669  14.702  1.00 42.56  ? 231 PHE A CD1 1 
ATOM   85   C  CD2 . PHE A 1 14 ? -15.116 -5.521  15.504  1.00 45.02  ? 231 PHE A CD2 1 
ATOM   86   C  CE1 . PHE A 1 14 ? -13.947 -7.096  13.551  1.00 50.73  ? 231 PHE A CE1 1 
ATOM   87   C  CE2 . PHE A 1 14 ? -14.615 -4.942  14.353  1.00 51.92  ? 231 PHE A CE2 1 
ATOM   88   C  CZ  . PHE A 1 14 ? -14.031 -5.726  13.373  1.00 54.30  ? 231 PHE A CZ  1 
ATOM   89   N  N   . SER A 1 15 ? -14.231 -5.977  19.026  1.00 38.67  ? 232 SER A N   1 
ATOM   90   C  CA  . SER A 1 15 ? -13.570 -4.779  19.513  1.00 41.47  ? 232 SER A CA  1 
ATOM   91   C  C   . SER A 1 15 ? -12.425 -5.112  20.455  1.00 50.42  ? 232 SER A C   1 
ATOM   92   O  O   . SER A 1 15 ? -11.504 -4.320  20.667  1.00 66.45  ? 232 SER A O   1 
ATOM   93   C  CB  . SER A 1 15 ? -14.587 -3.889  20.234  1.00 37.60  ? 232 SER A CB  1 
ATOM   94   O  OG  . SER A 1 15 ? -14.432 -2.521  19.907  1.00 58.99  ? 232 SER A OG  1 
ATOM   95   N  N   . ALA A 1 16 ? -12.476 -6.305  21.054  1.00 43.37  ? 233 ALA A N   1 
ATOM   96   C  CA  . ALA A 1 16 ? -11.488 -6.569  22.102  1.00 36.73  ? 233 ALA A CA  1 
ATOM   97   C  C   . ALA A 1 16 ? -10.296 -7.332  21.539  1.00 29.79  ? 233 ALA A C   1 
ATOM   98   O  O   . ALA A 1 16 ? -9.222  -7.332  22.145  1.00 39.66  ? 233 ALA A O   1 
ATOM   99   C  CB  . ALA A 1 16 ? -12.140 -7.311  23.258  1.00 18.64  ? 233 ALA A CB  1 
ATOM   100  N  N   . ILE A 1 17 ? -10.509 -7.971  20.397  1.00 22.93  ? 234 ILE A N   1 
ATOM   101  C  CA  . ILE A 1 17 ? -9.487  -8.744  19.720  1.00 26.88  ? 234 ILE A CA  1 
ATOM   102  C  C   . ILE A 1 17 ? -8.585  -7.806  18.910  1.00 40.10  ? 234 ILE A C   1 
ATOM   103  O  O   . ILE A 1 17 ? -7.375  -7.989  18.851  1.00 38.28  ? 234 ILE A O   1 
ATOM   104  C  CB  . ILE A 1 17 ? -10.050 -9.773  18.730  1.00 33.02  ? 234 ILE A CB  1 
ATOM   105  C  CG1 . ILE A 1 17 ? -10.663 -11.019 19.372  1.00 36.98  ? 234 ILE A CG1 1 
ATOM   106  C  CG2 . ILE A 1 17 ? -8.959  -10.143 17.730  1.00 25.10  ? 234 ILE A CG2 1 
ATOM   107  C  CD1 . ILE A 1 17 ? -11.055 -12.090 18.371  1.00 16.51  ? 234 ILE A CD1 1 
ATOM   108  N  N   . ASN A 1 18 ? -9.268  -6.833  18.320  1.00 42.71  ? 235 ASN A N   1 
ATOM   109  C  CA  . ASN A 1 18 ? -8.681  -5.790  17.499  1.00 37.46  ? 235 ASN A CA  1 
ATOM   110  C  C   . ASN A 1 18 ? -7.805  -4.863  18.352  1.00 45.02  ? 235 ASN A C   1 
ATOM   111  O  O   . ASN A 1 18 ? -6.864  -4.262  17.830  1.00 71.82  ? 235 ASN A O   1 
ATOM   112  C  CB  . ASN A 1 18 ? -9.762  -4.993  16.779  1.00 16.94  ? 235 ASN A CB  1 
ATOM   113  C  CG  . ASN A 1 18 ? -10.501 -5.717  15.684  1.00 18.27  ? 235 ASN A CG  1 
ATOM   114  O  OD1 . ASN A 1 18 ? -10.043 -6.680  15.068  1.00 16.83  ? 235 ASN A OD1 1 
ATOM   115  N  ND2 . ASN A 1 18 ? -11.723 -5.243  15.420  1.00 34.75  ? 235 ASN A ND2 1 
ATOM   116  N  N   . ASN A 1 19 ? -8.120  -4.768  19.632  1.00 38.23  ? 236 ASN A N   1 
ATOM   117  C  CA  . ASN A 1 19 ? -7.416  -4.014  20.652  1.00 40.69  ? 236 ASN A CA  1 
ATOM   118  C  C   . ASN A 1 19 ? -6.115  -4.697  21.082  1.00 38.58  ? 236 ASN A C   1 
ATOM   119  O  O   . ASN A 1 19 ? -5.494  -4.275  22.060  1.00 49.54  ? 236 ASN A O   1 
ATOM   120  C  CB  . ASN A 1 19 ? -8.268  -3.860  21.917  1.00 39.45  ? 236 ASN A CB  1 
ATOM   121  C  CG  . ASN A 1 19 ? -9.413  -2.883  21.842  1.00 41.45  ? 236 ASN A CG  1 
ATOM   122  O  OD1 . ASN A 1 19 ? -9.731  -2.347  20.780  1.00 67.53  ? 236 ASN A OD1 1 
ATOM   123  N  ND2 . ASN A 1 19 ? -10.054 -2.634  22.984  1.00 30.36  ? 236 ASN A ND2 1 
ATOM   124  N  N   . ASN A 1 20 ? -5.718  -5.752  20.391  1.00 37.39  ? 237 ASN A N   1 
ATOM   125  C  CA  . ASN A 1 20 ? -4.585  -6.587  20.774  1.00 39.24  ? 237 ASN A CA  1 
ATOM   126  C  C   . ASN A 1 20 ? -3.905  -7.156  19.536  1.00 38.69  ? 237 ASN A C   1 
ATOM   127  O  O   . ASN A 1 20 ? -3.043  -8.024  19.591  1.00 45.58  ? 237 ASN A O   1 
ATOM   128  C  CB  . ASN A 1 20 ? -5.042  -7.723  21.685  1.00 47.66  ? 237 ASN A CB  1 
ATOM   129  C  CG  . ASN A 1 20 ? -3.903  -8.582  22.194  1.00 50.78  ? 237 ASN A CG  1 
ATOM   130  O  OD1 . ASN A 1 20 ? -2.900  -8.050  22.667  1.00 50.71  ? 237 ASN A OD1 1 
ATOM   131  N  ND2 . ASN A 1 20 ? -4.059  -9.899  22.094  1.00 44.15  ? 237 ASN A ND2 1 
ATOM   132  N  N   . LEU A 1 21 ? -4.326  -6.647  18.384  1.00 44.13  ? 238 LEU A N   1 
ATOM   133  C  CA  . LEU A 1 21 ? -3.684  -7.001  17.124  1.00 46.34  ? 238 LEU A CA  1 
ATOM   134  C  C   . LEU A 1 21 ? -2.692  -5.895  16.776  1.00 52.80  ? 238 LEU A C   1 
ATOM   135  O  O   . LEU A 1 21 ? -2.898  -4.739  17.160  1.00 57.91  ? 238 LEU A O   1 
ATOM   136  C  CB  . LEU A 1 21 ? -4.711  -7.188  16.013  1.00 39.36  ? 238 LEU A CB  1 
ATOM   137  C  CG  . LEU A 1 21 ? -5.076  -8.620  15.630  1.00 40.56  ? 238 LEU A CG  1 
ATOM   138  C  CD1 . LEU A 1 21 ? -6.198  -8.637  14.600  1.00 48.90  ? 238 LEU A CD1 1 
ATOM   139  C  CD2 . LEU A 1 21 ? -3.865  -9.372  15.099  1.00 44.64  ? 238 LEU A CD2 1 
ATOM   140  N  N   . PRO A 1 22 ? -1.622  -6.219  16.068  1.00 51.04  ? 239 PRO A N   1 
ATOM   141  C  CA  . PRO A 1 22 ? -0.709  -5.159  15.618  1.00 42.53  ? 239 PRO A CA  1 
ATOM   142  C  C   . PRO A 1 22 ? -1.510  -4.192  14.746  1.00 39.81  ? 239 PRO A C   1 
ATOM   143  O  O   . PRO A 1 22 ? -2.059  -4.633  13.735  1.00 52.41  ? 239 PRO A O   1 
ATOM   144  C  CB  . PRO A 1 22 ? 0.345   -5.898  14.812  1.00 45.96  ? 239 PRO A CB  1 
ATOM   145  C  CG  . PRO A 1 22 ? -0.238  -7.239  14.514  1.00 48.44  ? 239 PRO A CG  1 
ATOM   146  C  CD  . PRO A 1 22 ? -1.183  -7.551  15.643  1.00 49.82  ? 239 PRO A CD  1 
ATOM   147  N  N   . HIS A 1 23 ? -1.574  -2.942  15.162  1.00 41.72  ? 240 HIS A N   1 
ATOM   148  C  CA  . HIS A 1 23 ? -2.339  -1.884  14.529  1.00 51.91  ? 240 HIS A CA  1 
ATOM   149  C  C   . HIS A 1 23 ? -2.303  -1.946  13.007  1.00 52.52  ? 240 HIS A C   1 
ATOM   150  O  O   . HIS A 1 23 ? -3.342  -1.926  12.347  1.00 57.50  ? 240 HIS A O   1 
ATOM   151  C  CB  . HIS A 1 23 ? -1.813  -0.519  14.994  1.00 67.74  ? 240 HIS A CB  1 
ATOM   152  C  CG  . HIS A 1 23 ? -2.550  0.632   14.383  1.00 82.84  ? 240 HIS A CG  1 
ATOM   153  N  ND1 . HIS A 1 23 ? -2.344  1.051   13.088  1.00 86.80  ? 240 HIS A ND1 1 
ATOM   154  C  CD2 . HIS A 1 23 ? -3.499  1.454   14.892  1.00 87.90  ? 240 HIS A CD2 1 
ATOM   155  C  CE1 . HIS A 1 23 ? -3.128  2.081   12.825  1.00 89.05  ? 240 HIS A CE1 1 
ATOM   156  N  NE2 . HIS A 1 23 ? -3.841  2.347   13.905  1.00 89.52  ? 240 HIS A NE2 1 
ATOM   157  N  N   . ALA A 1 24 ? -1.100  -2.022  12.452  1.00 53.47  ? 241 ALA A N   1 
ATOM   158  C  CA  . ALA A 1 24 ? -0.896  -2.037  11.010  1.00 49.15  ? 241 ALA A CA  1 
ATOM   159  C  C   . ALA A 1 24 ? -1.693  -3.130  10.305  1.00 41.87  ? 241 ALA A C   1 
ATOM   160  O  O   . ALA A 1 24 ? -1.959  -2.997  9.107   1.00 41.37  ? 241 ALA A O   1 
ATOM   161  C  CB  . ALA A 1 24 ? 0.589   -2.200  10.707  1.00 48.83  ? 241 ALA A CB  1 
ATOM   162  N  N   . TYR A 1 25 ? -2.055  -4.181  11.023  1.00 37.73  ? 242 TYR A N   1 
ATOM   163  C  CA  . TYR A 1 25 ? -2.756  -5.345  10.484  1.00 30.27  ? 242 TYR A CA  1 
ATOM   164  C  C   . TYR A 1 25 ? -4.008  -4.944  9.717   1.00 24.82  ? 242 TYR A C   1 
ATOM   165  O  O   . TYR A 1 25 ? -4.394  -5.604  8.756   1.00 38.13  ? 242 TYR A O   1 
ATOM   166  C  CB  . TYR A 1 25 ? -3.109  -6.306  11.621  1.00 35.40  ? 242 TYR A CB  1 
ATOM   167  C  CG  . TYR A 1 25 ? -4.072  -7.420  11.297  1.00 34.45  ? 242 TYR A CG  1 
ATOM   168  C  CD1 . TYR A 1 25 ? -3.634  -8.608  10.728  1.00 31.68  ? 242 TYR A CD1 1 
ATOM   169  C  CD2 . TYR A 1 25 ? -5.431  -7.297  11.560  1.00 40.39  ? 242 TYR A CD2 1 
ATOM   170  C  CE1 . TYR A 1 25 ? -4.509  -9.632  10.430  1.00 38.34  ? 242 TYR A CE1 1 
ATOM   171  C  CE2 . TYR A 1 25 ? -6.320  -8.316  11.267  1.00 44.15  ? 242 TYR A CE2 1 
ATOM   172  C  CZ  . TYR A 1 25 ? -5.854  -9.482  10.702  1.00 47.34  ? 242 TYR A CZ  1 
ATOM   173  O  OH  . TYR A 1 25 ? -6.730  -10.503 10.406  1.00 48.63  ? 242 TYR A OH  1 
ATOM   174  N  N   . PHE A 1 26 ? -4.647  -3.861  10.144  1.00 29.21  ? 243 PHE A N   1 
ATOM   175  C  CA  . PHE A 1 26 ? -5.896  -3.400  9.560   1.00 39.66  ? 243 PHE A CA  1 
ATOM   176  C  C   . PHE A 1 26 ? -5.726  -2.679  8.237   1.00 45.08  ? 243 PHE A C   1 
ATOM   177  O  O   . PHE A 1 26 ? -6.682  -2.104  7.711   1.00 45.19  ? 243 PHE A O   1 
ATOM   178  C  CB  . PHE A 1 26 ? -6.615  -2.480  10.570  1.00 46.89  ? 243 PHE A CB  1 
ATOM   179  C  CG  . PHE A 1 26 ? -6.959  -3.252  11.824  1.00 49.99  ? 243 PHE A CG  1 
ATOM   180  C  CD1 . PHE A 1 26 ? -8.003  -4.164  11.812  1.00 47.66  ? 243 PHE A CD1 1 
ATOM   181  C  CD2 . PHE A 1 26 ? -6.234  -3.073  12.989  1.00 51.75  ? 243 PHE A CD2 1 
ATOM   182  C  CE1 . PHE A 1 26 ? -8.313  -4.887  12.948  1.00 46.42  ? 243 PHE A CE1 1 
ATOM   183  C  CE2 . PHE A 1 26 ? -6.542  -3.791  14.132  1.00 50.14  ? 243 PHE A CE2 1 
ATOM   184  C  CZ  . PHE A 1 26 ? -7.584  -4.699  14.108  1.00 45.41  ? 243 PHE A CZ  1 
ATOM   185  N  N   . LYS A 1 27 ? -4.521  -2.697  7.675   1.00 51.68  ? 244 LYS A N   1 
ATOM   186  C  CA  . LYS A 1 27 ? -4.336  -2.142  6.331   1.00 50.47  ? 244 LYS A CA  1 
ATOM   187  C  C   . LYS A 1 27 ? -3.689  -3.223  5.471   1.00 47.80  ? 244 LYS A C   1 
ATOM   188  O  O   . LYS A 1 27 ? -3.963  -3.369  4.284   1.00 58.86  ? 244 LYS A O   1 
ATOM   189  C  CB  . LYS A 1 27 ? -3.514  -0.864  6.336   1.00 53.78  ? 244 LYS A CB  1 
ATOM   190  C  CG  . LYS A 1 27 ? -4.318  0.416   6.141   1.00 54.03  ? 244 LYS A CG  1 
ATOM   191  C  CD  . LYS A 1 27 ? -3.958  1.429   7.218   1.00 51.49  ? 244 LYS A CD  1 
ATOM   192  C  CE  . LYS A 1 27 ? -3.291  0.729   8.394   1.00 56.03  ? 244 LYS A CE  1 
ATOM   193  N  NZ  . LYS A 1 27 ? -2.201  1.552   8.989   1.00 67.29  ? 244 LYS A NZ  1 
ATOM   194  N  N   . ASN A 1 28 ? -2.832  -3.994  6.137   1.00 42.86  ? 245 ASN A N   1 
ATOM   195  C  CA  . ASN A 1 28 ? -2.209  -5.151  5.502   1.00 42.61  ? 245 ASN A CA  1 
ATOM   196  C  C   . ASN A 1 28 ? -3.274  -6.167  5.109   1.00 46.22  ? 245 ASN A C   1 
ATOM   197  O  O   . ASN A 1 28 ? -3.103  -6.954  4.179   1.00 66.47  ? 245 ASN A O   1 
ATOM   198  C  CB  . ASN A 1 28 ? -1.173  -5.763  6.443   1.00 43.95  ? 245 ASN A CB  1 
ATOM   199  C  CG  . ASN A 1 28 ? 0.106   -4.941  6.438   1.00 49.19  ? 245 ASN A CG  1 
ATOM   200  O  OD1 . ASN A 1 28 ? 1.090   -5.337  5.817   1.00 55.92  ? 245 ASN A OD1 1 
ATOM   201  N  ND2 . ASN A 1 28 ? 0.070   -3.804  7.121   1.00 48.78  ? 245 ASN A ND2 1 
ATOM   202  N  N   . LEU A 1 29 ? -4.379  -6.114  5.842   1.00 48.09  ? 246 LEU A N   1 
ATOM   203  C  CA  . LEU A 1 29 ? -5.571  -6.894  5.583   1.00 41.91  ? 246 LEU A CA  1 
ATOM   204  C  C   . LEU A 1 29 ? -6.336  -6.353  4.382   1.00 35.12  ? 246 LEU A C   1 
ATOM   205  O  O   . LEU A 1 29 ? -6.522  -7.039  3.375   1.00 34.29  ? 246 LEU A O   1 
ATOM   206  C  CB  . LEU A 1 29 ? -6.494  -6.893  6.808   1.00 42.94  ? 246 LEU A CB  1 
ATOM   207  C  CG  . LEU A 1 29 ? -7.857  -7.553  6.559   1.00 44.88  ? 246 LEU A CG  1 
ATOM   208  C  CD1 . LEU A 1 29 ? -7.670  -9.024  6.226   1.00 25.09  ? 246 LEU A CD1 1 
ATOM   209  C  CD2 . LEU A 1 29 ? -8.775  -7.369  7.754   1.00 65.57  ? 246 LEU A CD2 1 
ATOM   210  N  N   . LEU A 1 30 ? -6.793  -5.103  4.484   1.00 34.82  ? 247 LEU A N   1 
ATOM   211  C  CA  . LEU A 1 30 ? -7.563  -4.544  3.374   1.00 40.32  ? 247 LEU A CA  1 
ATOM   212  C  C   . LEU A 1 30 ? -6.774  -4.574  2.074   1.00 45.88  ? 247 LEU A C   1 
ATOM   213  O  O   . LEU A 1 30 ? -7.315  -4.947  1.030   1.00 44.66  ? 247 LEU A O   1 
ATOM   214  C  CB  . LEU A 1 30 ? -8.025  -3.117  3.677   1.00 41.04  ? 247 LEU A CB  1 
ATOM   215  C  CG  . LEU A 1 30 ? -9.548  -2.927  3.714   1.00 42.82  ? 247 LEU A CG  1 
ATOM   216  C  CD1 . LEU A 1 30 ? -10.067 -2.426  2.377   1.00 44.58  ? 247 LEU A CD1 1 
ATOM   217  C  CD2 . LEU A 1 30 ? -10.244 -4.225  4.103   1.00 41.93  ? 247 LEU A CD2 1 
ATOM   218  N  N   . PHE A 1 31 ? -5.498  -4.185  2.132   1.00 49.35  ? 248 PHE A N   1 
ATOM   219  C  CA  . PHE A 1 31 ? -4.698  -4.213  0.916   1.00 47.55  ? 248 PHE A CA  1 
ATOM   220  C  C   . PHE A 1 31 ? -4.669  -5.610  0.301   1.00 46.97  ? 248 PHE A C   1 
ATOM   221  O  O   . PHE A 1 31 ? -4.940  -5.778  -0.887  1.00 66.83  ? 248 PHE A O   1 
ATOM   222  C  CB  . PHE A 1 31 ? -3.251  -3.757  1.151   1.00 53.07  ? 248 PHE A CB  1 
ATOM   223  C  CG  . PHE A 1 31 ? -2.501  -3.788  -0.166  1.00 60.08  ? 248 PHE A CG  1 
ATOM   224  C  CD1 . PHE A 1 31 ? -2.758  -2.826  -1.129  1.00 61.89  ? 248 PHE A CD1 1 
ATOM   225  C  CD2 . PHE A 1 31 ? -1.564  -4.768  -0.433  1.00 64.14  ? 248 PHE A CD2 1 
ATOM   226  C  CE1 . PHE A 1 31 ? -2.089  -2.853  -2.337  1.00 67.99  ? 248 PHE A CE1 1 
ATOM   227  C  CE2 . PHE A 1 31 ? -0.891  -4.800  -1.639  1.00 67.23  ? 248 PHE A CE2 1 
ATOM   228  C  CZ  . PHE A 1 31 ? -1.155  -3.840  -2.597  1.00 67.99  ? 248 PHE A CZ  1 
ATOM   229  N  N   . ARG A 1 32 ? -4.336  -6.599  1.118   1.00 50.26  ? 249 ARG A N   1 
ATOM   230  C  CA  . ARG A 1 32 ? -4.333  -7.995  0.693   1.00 49.28  ? 249 ARG A CA  1 
ATOM   231  C  C   . ARG A 1 32 ? -5.735  -8.486  0.369   1.00 47.42  ? 249 ARG A C   1 
ATOM   232  O  O   . ARG A 1 32 ? -5.927  -9.403  -0.427  1.00 60.93  ? 249 ARG A O   1 
ATOM   233  C  CB  . ARG A 1 32 ? -3.701  -8.864  1.784   1.00 54.86  ? 249 ARG A CB  1 
ATOM   234  C  CG  . ARG A 1 32 ? -2.325  -9.395  1.407   1.00 56.68  ? 249 ARG A CG  1 
ATOM   235  C  CD  . ARG A 1 32 ? -1.535  -9.782  2.646   1.00 52.34  ? 249 ARG A CD  1 
ATOM   236  N  NE  . ARG A 1 32 ? -1.078  -8.590  3.364   1.00 50.69  ? 249 ARG A NE  1 
ATOM   237  C  CZ  . ARG A 1 32 ? 0.110   -8.531  3.958   1.00 45.03  ? 249 ARG A CZ  1 
ATOM   238  N  NH1 . ARG A 1 32 ? 0.909   -9.590  3.894   1.00 35.20  ? 249 ARG A NH1 1 
ATOM   239  N  NH2 . ARG A 1 32 ? 0.496   -7.438  4.599   1.00 24.71  ? 249 ARG A NH2 1 
ATOM   240  N  N   . LEU A 1 33 ? -6.752  -7.884  0.982   1.00 50.53  ? 250 LEU A N   1 
ATOM   241  C  CA  . LEU A 1 33 ? -8.130  -8.249  0.658   1.00 49.82  ? 250 LEU A CA  1 
ATOM   242  C  C   . LEU A 1 33 ? -8.539  -7.651  -0.683  1.00 47.44  ? 250 LEU A C   1 
ATOM   243  O  O   . LEU A 1 33 ? -8.897  -8.355  -1.626  1.00 51.33  ? 250 LEU A O   1 
ATOM   244  C  CB  . LEU A 1 33 ? -9.079  -7.779  1.759   1.00 49.07  ? 250 LEU A CB  1 
ATOM   245  C  CG  . LEU A 1 33 ? -9.007  -8.549  3.079   1.00 49.65  ? 250 LEU A CG  1 
ATOM   246  C  CD1 . LEU A 1 33 ? -9.997  -7.987  4.085   1.00 60.79  ? 250 LEU A CD1 1 
ATOM   247  C  CD2 . LEU A 1 33 ? -9.252  -10.029 2.832   1.00 49.61  ? 250 LEU A CD2 1 
ATOM   248  N  N   . VAL A 1 34 ? -8.477  -6.325  -0.767  1.00 41.38  ? 251 VAL A N   1 
ATOM   249  C  CA  . VAL A 1 34 ? -8.774  -5.631  -2.014  1.00 37.07  ? 251 VAL A CA  1 
ATOM   250  C  C   . VAL A 1 34 ? -7.917  -6.126  -3.170  1.00 47.39  ? 251 VAL A C   1 
ATOM   251  O  O   . VAL A 1 34 ? -8.319  -6.031  -4.330  1.00 59.44  ? 251 VAL A O   1 
ATOM   252  C  CB  . VAL A 1 34 ? -8.568  -4.115  -1.848  1.00 26.10  ? 251 VAL A CB  1 
ATOM   253  C  CG1 . VAL A 1 34 ? -9.076  -3.378  -3.070  1.00 29.62  ? 251 VAL A CG1 1 
ATOM   254  C  CG2 . VAL A 1 34 ? -9.273  -3.640  -0.587  1.00 28.49  ? 251 VAL A CG2 1 
ATOM   255  N  N   . ALA A 1 35 ? -6.735  -6.656  -2.864  1.00 50.01  ? 252 ALA A N   1 
ATOM   256  C  CA  . ALA A 1 35 ? -5.830  -7.150  -3.894  1.00 52.62  ? 252 ALA A CA  1 
ATOM   257  C  C   . ALA A 1 35 ? -6.261  -8.510  -4.436  1.00 54.77  ? 252 ALA A C   1 
ATOM   258  O  O   . ALA A 1 35 ? -5.933  -8.865  -5.570  1.00 56.19  ? 252 ALA A O   1 
ATOM   259  C  CB  . ALA A 1 35 ? -4.412  -7.229  -3.345  1.00 57.44  ? 252 ALA A CB  1 
ATOM   260  N  N   . ASN A 1 36 ? -6.990  -9.254  -3.618  1.00 58.15  ? 253 ASN A N   1 
ATOM   261  C  CA  . ASN A 1 36 ? -7.483  -10.589 -3.909  1.00 48.83  ? 253 ASN A CA  1 
ATOM   262  C  C   . ASN A 1 36 ? -8.868  -10.572 -4.542  1.00 44.07  ? 253 ASN A C   1 
ATOM   263  O  O   . ASN A 1 36 ? -9.402  -11.620 -4.907  1.00 61.34  ? 253 ASN A O   1 
ATOM   264  C  CB  . ASN A 1 36 ? -7.528  -11.416 -2.620  1.00 51.79  ? 253 ASN A CB  1 
ATOM   265  C  CG  . ASN A 1 36 ? -6.355  -12.373 -2.531  1.00 61.43  ? 253 ASN A CG  1 
ATOM   266  O  OD1 . ASN A 1 36 ? -6.121  -13.155 -3.452  1.00 82.20  ? 253 ASN A OD1 1 
ATOM   267  N  ND2 . ASN A 1 36 ? -5.621  -12.310 -1.427  1.00 70.17  ? 253 ASN A ND2 1 
HETATM 268  N  N   . MSE A 1 37 ? -9.452  -9.389  -4.675  1.00 40.23  ? 254 MSE A N   1 
HETATM 269  C  CA  . MSE A 1 37 ? -10.790 -9.267  -5.247  1.00 42.30  ? 254 MSE A CA  1 
HETATM 270  C  C   . MSE A 1 37 ? -10.788 -9.310  -6.767  1.00 51.67  ? 254 MSE A C   1 
HETATM 271  O  O   . MSE A 1 37 ? -9.787  -9.002  -7.409  1.00 78.51  ? 254 MSE A O   1 
HETATM 272  C  CB  . MSE A 1 37 ? -11.418 -7.943  -4.807  1.00 42.31  ? 254 MSE A CB  1 
HETATM 273  C  CG  . MSE A 1 37 ? -11.916 -8.063  -3.364  1.00 38.77  ? 254 MSE A CG  1 
HETATM 274  SE SE  . MSE A 1 37 ? -12.574 -6.354  -2.705  1.00 61.61  ? 254 MSE A SE  1 
HETATM 275  C  CE  . MSE A 1 37 ? -11.718 -6.704  -0.989  1.00 52.39  ? 254 MSE A CE  1 
ATOM   276  N  N   . ASP A 1 38 ? -11.937 -9.680  -7.336  1.00 51.78  ? 255 ASP A N   1 
ATOM   277  C  CA  . ASP A 1 38 ? -12.087 -9.599  -8.792  1.00 39.27  ? 255 ASP A CA  1 
ATOM   278  C  C   . ASP A 1 38 ? -13.038 -8.446  -9.105  1.00 32.17  ? 255 ASP A C   1 
ATOM   279  O  O   . ASP A 1 38 ? -13.361 -7.657  -8.216  1.00 41.21  ? 255 ASP A O   1 
ATOM   280  C  CB  . ASP A 1 38 ? -12.542 -10.904 -9.402  1.00 44.72  ? 255 ASP A CB  1 
ATOM   281  C  CG  . ASP A 1 38 ? -14.003 -11.229 -9.502  1.00 57.75  ? 255 ASP A CG  1 
ATOM   282  O  OD1 . ASP A 1 38 ? -14.372 -12.378 -9.152  1.00 75.54  ? 255 ASP A OD1 1 
ATOM   283  O  OD2 . ASP A 1 38 ? -14.840 -10.413 -9.937  1.00 76.85  ? 255 ASP A OD2 1 
ATOM   284  N  N   . ARG A 1 39 ? -13.460 -8.376  -10.356 1.00 30.66  ? 256 ARG A N   1 
ATOM   285  C  CA  . ARG A 1 39 ? -14.384 -7.341  -10.792 1.00 40.41  ? 256 ARG A CA  1 
ATOM   286  C  C   . ARG A 1 39 ? -15.583 -7.228  -9.857  1.00 44.12  ? 256 ARG A C   1 
ATOM   287  O  O   . ARG A 1 39 ? -15.799 -6.177  -9.254  1.00 42.43  ? 256 ARG A O   1 
ATOM   288  C  CB  . ARG A 1 39 ? -14.851 -7.634  -12.219 1.00 51.87  ? 256 ARG A CB  1 
ATOM   289  C  CG  . ARG A 1 39 ? -13.840 -7.274  -13.295 1.00 58.84  ? 256 ARG A CG  1 
ATOM   290  C  CD  . ARG A 1 39 ? -14.411 -6.244  -14.257 1.00 64.79  ? 256 ARG A CD  1 
ATOM   291  N  NE  . ARG A 1 39 ? -13.581 -6.070  -15.445 1.00 67.29  ? 256 ARG A NE  1 
ATOM   292  C  CZ  . ARG A 1 39 ? -12.904 -4.970  -15.742 1.00 64.75  ? 256 ARG A CZ  1 
ATOM   293  N  NH1 . ARG A 1 39 ? -12.946 -3.916  -14.937 1.00 54.72  ? 256 ARG A NH1 1 
ATOM   294  N  NH2 . ARG A 1 39 ? -12.177 -4.912  -16.850 1.00 79.31  ? 256 ARG A NH2 1 
ATOM   295  N  N   . SER A 1 40 ? -16.350 -8.306  -9.740  1.00 52.66  ? 257 SER A N   1 
ATOM   296  C  CA  . SER A 1 40 ? -17.591 -8.311  -8.968  1.00 56.38  ? 257 SER A CA  1 
ATOM   297  C  C   . SER A 1 40 ? -17.341 -7.989  -7.502  1.00 52.62  ? 257 SER A C   1 
ATOM   298  O  O   . SER A 1 40 ? -18.075 -7.247  -6.845  1.00 44.15  ? 257 SER A O   1 
ATOM   299  C  CB  . SER A 1 40 ? -18.294 -9.664  -9.115  1.00 58.24  ? 257 SER A CB  1 
ATOM   300  O  OG  . SER A 1 40 ? -18.960 -9.752  -10.362 1.00 56.48  ? 257 SER A OG  1 
ATOM   301  N  N   . GLU A 1 41 ? -16.260 -8.552  -6.959  1.00 44.87  ? 258 GLU A N   1 
ATOM   302  C  CA  . GLU A 1 41 ? -15.936 -8.233  -5.573  1.00 42.89  ? 258 GLU A CA  1 
ATOM   303  C  C   . GLU A 1 41 ? -15.727 -6.736  -5.409  1.00 42.49  ? 258 GLU A C   1 
ATOM   304  O  O   . GLU A 1 41 ? -15.984 -6.174  -4.345  1.00 39.38  ? 258 GLU A O   1 
ATOM   305  C  CB  . GLU A 1 41 ? -14.691 -9.006  -5.142  1.00 48.72  ? 258 GLU A CB  1 
ATOM   306  C  CG  . GLU A 1 41 ? -14.619 -10.412 -5.720  1.00 51.73  ? 258 GLU A CG  1 
ATOM   307  C  CD  . GLU A 1 41 ? -13.817 -11.354 -4.844  1.00 58.40  ? 258 GLU A CD  1 
ATOM   308  O  OE1 . GLU A 1 41 ? -14.432 -12.048 -4.006  1.00 77.28  ? 258 GLU A OE1 1 
ATOM   309  O  OE2 . GLU A 1 41 ? -12.579 -11.402 -4.989  1.00 58.06  ? 258 GLU A OE2 1 
ATOM   310  N  N   . LEU A 1 42 ? -15.255 -6.096  -6.477  1.00 44.53  ? 259 LEU A N   1 
ATOM   311  C  CA  . LEU A 1 42 ? -14.923 -4.676  -6.435  1.00 41.97  ? 259 LEU A CA  1 
ATOM   312  C  C   . LEU A 1 42 ? -16.159 -3.795  -6.451  1.00 40.29  ? 259 LEU A C   1 
ATOM   313  O  O   . LEU A 1 42 ? -16.280 -2.864  -5.646  1.00 47.97  ? 259 LEU A O   1 
ATOM   314  C  CB  . LEU A 1 42 ? -14.015 -4.309  -7.612  1.00 48.69  ? 259 LEU A CB  1 
ATOM   315  C  CG  . LEU A 1 42 ? -12.511 -4.326  -7.338  1.00 45.63  ? 259 LEU A CG  1 
ATOM   316  C  CD1 . LEU A 1 42 ? -12.231 -4.648  -5.879  1.00 45.42  ? 259 LEU A CD1 1 
ATOM   317  C  CD2 . LEU A 1 42 ? -11.827 -5.317  -8.267  1.00 38.44  ? 259 LEU A CD2 1 
ATOM   318  N  N   . SER A 1 43 ? -17.108 -4.061  -7.355  1.00 41.09  ? 260 SER A N   1 
ATOM   319  C  CA  . SER A 1 43 ? -18.307 -3.212  -7.288  1.00 37.78  ? 260 SER A CA  1 
ATOM   320  C  C   . SER A 1 43 ? -19.104 -3.543  -6.033  1.00 30.18  ? 260 SER A C   1 
ATOM   321  O  O   . SER A 1 43 ? -19.743 -2.662  -5.455  1.00 36.61  ? 260 SER A O   1 
ATOM   322  C  CB  . SER A 1 43 ? -19.175 -3.331  -8.534  1.00 42.86  ? 260 SER A CB  1 
ATOM   323  O  OG  . SER A 1 43 ? -19.481 -2.019  -9.002  1.00 67.27  ? 260 SER A OG  1 
ATOM   324  N  N   . ASP A 1 44 ? -19.048 -4.798  -5.587  1.00 25.53  ? 261 ASP A N   1 
ATOM   325  C  CA  . ASP A 1 44 ? -19.741 -5.100  -4.327  1.00 33.58  ? 261 ASP A CA  1 
ATOM   326  C  C   . ASP A 1 44 ? -19.204 -4.228  -3.199  1.00 28.30  ? 261 ASP A C   1 
ATOM   327  O  O   . ASP A 1 44 ? -19.937 -3.730  -2.344  1.00 37.90  ? 261 ASP A O   1 
ATOM   328  C  CB  . ASP A 1 44 ? -19.610 -6.579  -3.973  1.00 39.03  ? 261 ASP A CB  1 
ATOM   329  C  CG  . ASP A 1 44 ? -20.399 -7.461  -4.928  1.00 43.38  ? 261 ASP A CG  1 
ATOM   330  O  OD1 . ASP A 1 44 ? -21.226 -6.892  -5.676  1.00 29.02  ? 261 ASP A OD1 1 
ATOM   331  O  OD2 . ASP A 1 44 ? -20.178 -8.692  -4.922  1.00 31.45  ? 261 ASP A OD2 1 
ATOM   332  N  N   . LEU A 1 45 ? -17.893 -4.050  -3.218  1.00 34.59  ? 262 LEU A N   1 
ATOM   333  C  CA  . LEU A 1 45 ? -17.179 -3.250  -2.216  1.00 35.38  ? 262 LEU A CA  1 
ATOM   334  C  C   . LEU A 1 45 ? -17.360 -1.769  -2.503  1.00 37.65  ? 262 LEU A C   1 
ATOM   335  O  O   . LEU A 1 45 ? -17.612 -0.969  -1.599  1.00 55.23  ? 262 LEU A O   1 
ATOM   336  C  CB  . LEU A 1 45 ? -15.733 -3.703  -2.218  1.00 31.51  ? 262 LEU A CB  1 
ATOM   337  C  CG  . LEU A 1 45 ? -14.632 -3.012  -1.440  1.00 27.95  ? 262 LEU A CG  1 
ATOM   338  C  CD1 . LEU A 1 45 ? -15.036 -2.701  -0.012  1.00 31.74  ? 262 LEU A CD1 1 
ATOM   339  C  CD2 . LEU A 1 45 ? -13.378 -3.893  -1.453  1.00 17.87  ? 262 LEU A CD2 1 
ATOM   340  N  N   . GLY A 1 46 ? -17.256 -1.372  -3.773  1.00 33.19  ? 263 GLY A N   1 
ATOM   341  C  CA  . GLY A 1 46 ? -17.482 0.026   -4.110  1.00 34.48  ? 263 GLY A CA  1 
ATOM   342  C  C   . GLY A 1 46 ? -18.841 0.506   -3.631  1.00 39.04  ? 263 GLY A C   1 
ATOM   343  O  O   . GLY A 1 46 ? -18.975 1.587   -3.059  1.00 47.08  ? 263 GLY A O   1 
ATOM   344  N  N   . THR A 1 47 ? -19.858 -0.317  -3.861  1.00 39.76  ? 264 THR A N   1 
ATOM   345  C  CA  . THR A 1 47 ? -21.235 -0.014  -3.478  1.00 37.87  ? 264 THR A CA  1 
ATOM   346  C  C   . THR A 1 47 ? -21.435 0.018   -1.969  1.00 37.06  ? 264 THR A C   1 
ATOM   347  O  O   . THR A 1 47 ? -22.068 0.950   -1.449  1.00 31.71  ? 264 THR A O   1 
ATOM   348  C  CB  . THR A 1 47 ? -22.172 -1.045  -4.136  1.00 38.94  ? 264 THR A CB  1 
ATOM   349  O  OG1 . THR A 1 47 ? -21.648 -1.377  -5.432  1.00 32.00  ? 264 THR A OG1 1 
ATOM   350  C  CG2 . THR A 1 47 ? -23.555 -0.462  -4.360  1.00 54.21  ? 264 THR A CG2 1 
ATOM   351  N  N   . LEU A 1 48 ? -20.909 -0.971  -1.239  1.00 28.83  ? 265 LEU A N   1 
ATOM   352  C  CA  . LEU A 1 48 ? -21.005 -0.923  0.219   1.00 33.24  ? 265 LEU A CA  1 
ATOM   353  C  C   . LEU A 1 48 ? -20.390 0.383   0.714   1.00 44.41  ? 265 LEU A C   1 
ATOM   354  O  O   . LEU A 1 48 ? -20.924 1.057   1.590   1.00 49.44  ? 265 LEU A O   1 
ATOM   355  C  CB  . LEU A 1 48 ? -20.320 -2.102  0.909   1.00 39.11  ? 265 LEU A CB  1 
ATOM   356  C  CG  . LEU A 1 48 ? -20.227 -2.014  2.440   1.00 42.74  ? 265 LEU A CG  1 
ATOM   357  C  CD1 . LEU A 1 48 ? -21.616 -1.980  3.064   1.00 43.88  ? 265 LEU A CD1 1 
ATOM   358  C  CD2 . LEU A 1 48 ? -19.424 -3.165  3.031   1.00 14.90  ? 265 LEU A CD2 1 
ATOM   359  N  N   . ILE A 1 49 ? -19.252 0.715   0.102   1.00 46.05  ? 266 ILE A N   1 
ATOM   360  C  CA  . ILE A 1 49 ? -18.595 1.975   0.447   1.00 43.12  ? 266 ILE A CA  1 
ATOM   361  C  C   . ILE A 1 49 ? -19.520 3.135   0.106   1.00 37.52  ? 266 ILE A C   1 
ATOM   362  O  O   . ILE A 1 49 ? -19.736 4.033   0.916   1.00 37.07  ? 266 ILE A O   1 
ATOM   363  C  CB  . ILE A 1 49 ? -17.243 2.118   -0.270  1.00 49.06  ? 266 ILE A CB  1 
ATOM   364  C  CG1 . ILE A 1 49 ? -16.169 1.183   0.296   1.00 50.73  ? 266 ILE A CG1 1 
ATOM   365  C  CG2 . ILE A 1 49 ? -16.778 3.563   -0.264  1.00 32.49  ? 266 ILE A CG2 1 
ATOM   366  C  CD1 . ILE A 1 49 ? -14.839 1.242   -0.416  1.00 49.77  ? 266 ILE A CD1 1 
ATOM   367  N  N   . LYS A 1 50 ? -20.076 3.094   -1.099  1.00 46.45  ? 267 LYS A N   1 
ATOM   368  C  CA  . LYS A 1 50 ? -21.038 4.102   -1.533  1.00 53.39  ? 267 LYS A CA  1 
ATOM   369  C  C   . LYS A 1 50 ? -22.137 4.307   -0.494  1.00 55.07  ? 267 LYS A C   1 
ATOM   370  O  O   . LYS A 1 50 ? -22.315 5.421   -0.002  1.00 54.31  ? 267 LYS A O   1 
ATOM   371  C  CB  . LYS A 1 50 ? -21.649 3.703   -2.880  1.00 54.17  ? 267 LYS A CB  1 
ATOM   372  C  CG  . LYS A 1 50 ? -22.375 4.845   -3.574  1.00 57.45  ? 267 LYS A CG  1 
ATOM   373  C  CD  . LYS A 1 50 ? -22.250 4.734   -5.086  1.00 61.85  ? 267 LYS A CD  1 
ATOM   374  C  CE  . LYS A 1 50 ? -22.941 3.485   -5.611  1.00 65.29  ? 267 LYS A CE  1 
ATOM   375  N  NZ  . LYS A 1 50 ? -24.156 3.809   -6.409  1.00 65.44  ? 267 LYS A NZ  1 
ATOM   376  N  N   . ASP A 1 51 ? -22.860 3.241   -0.161  1.00 53.62  ? 268 ASP A N   1 
ATOM   377  C  CA  . ASP A 1 51 ? -23.902 3.299   0.854   1.00 45.07  ? 268 ASP A CA  1 
ATOM   378  C  C   . ASP A 1 51 ? -23.397 3.971   2.130   1.00 50.67  ? 268 ASP A C   1 
ATOM   379  O  O   . ASP A 1 51 ? -23.919 4.998   2.557   1.00 61.87  ? 268 ASP A O   1 
ATOM   380  C  CB  . ASP A 1 51 ? -24.405 1.902   1.220   1.00 32.10  ? 268 ASP A CB  1 
ATOM   381  C  CG  . ASP A 1 51 ? -25.299 1.301   0.161   1.00 24.81  ? 268 ASP A CG  1 
ATOM   382  O  OD1 . ASP A 1 51 ? -25.720 2.032   -0.756  1.00 22.50  ? 268 ASP A OD1 1 
ATOM   383  O  OD2 . ASP A 1 51 ? -25.564 0.086   0.248   1.00 29.89  ? 268 ASP A OD2 1 
ATOM   384  N  N   . ASN A 1 52 ? -22.373 3.358   2.710   1.00 51.98  ? 269 ASN A N   1 
ATOM   385  C  CA  . ASN A 1 52 ? -21.768 3.791   3.957   1.00 55.73  ? 269 ASN A CA  1 
ATOM   386  C  C   . ASN A 1 52 ? -21.550 5.295   4.030   1.00 58.06  ? 269 ASN A C   1 
ATOM   387  O  O   . ASN A 1 52 ? -21.617 5.887   5.110   1.00 63.25  ? 269 ASN A O   1 
ATOM   388  C  CB  . ASN A 1 52 ? -20.421 3.080   4.154   1.00 53.63  ? 269 ASN A CB  1 
ATOM   389  C  CG  . ASN A 1 52 ? -20.590 1.697   4.744   1.00 51.44  ? 269 ASN A CG  1 
ATOM   390  O  OD1 . ASN A 1 52 ? -20.067 1.409   5.819   1.00 67.23  ? 269 ASN A OD1 1 
ATOM   391  N  ND2 . ASN A 1 52 ? -21.322 0.838   4.046   1.00 51.02  ? 269 ASN A ND2 1 
ATOM   392  N  N   . LEU A 1 53 ? -21.274 5.941   2.899   1.00 58.00  ? 270 LEU A N   1 
ATOM   393  C  CA  . LEU A 1 53 ? -21.042 7.384   2.968   1.00 64.39  ? 270 LEU A CA  1 
ATOM   394  C  C   . LEU A 1 53 ? -22.360 8.147   2.972   1.00 71.80  ? 270 LEU A C   1 
ATOM   395  O  O   . LEU A 1 53 ? -22.446 9.254   3.509   1.00 85.39  ? 270 LEU A O   1 
ATOM   396  C  CB  . LEU A 1 53 ? -20.143 7.830   1.817   1.00 62.08  ? 270 LEU A CB  1 
ATOM   397  C  CG  . LEU A 1 53 ? -18.740 8.320   2.186   1.00 59.33  ? 270 LEU A CG  1 
ATOM   398  C  CD1 . LEU A 1 53 ? -18.424 8.040   3.647   1.00 53.02  ? 270 LEU A CD1 1 
ATOM   399  C  CD2 . LEU A 1 53 ? -17.702 7.683   1.274   1.00 46.74  ? 270 LEU A CD2 1 
ATOM   400  N  N   . LYS A 1 54 ? -23.402 7.565   2.383   1.00 72.48  ? 271 LYS A N   1 
ATOM   401  C  CA  . LYS A 1 54 ? -24.701 8.228   2.340   1.00 70.64  ? 271 LYS A CA  1 
ATOM   402  C  C   . LYS A 1 54 ? -25.448 8.100   3.661   1.00 72.88  ? 271 LYS A C   1 
ATOM   403  O  O   . LYS A 1 54 ? -26.150 9.019   4.085   1.00 84.02  ? 271 LYS A O   1 
ATOM   404  C  CB  . LYS A 1 54 ? -25.554 7.646   1.211   1.00 70.11  ? 271 LYS A CB  1 
ATOM   405  C  CG  . LYS A 1 54 ? -24.838 6.557   0.422   1.00 75.70  ? 271 LYS A CG  1 
ATOM   406  C  CD  . LYS A 1 54 ? -24.512 7.061   -0.979  1.00 80.00  ? 271 LYS A CD  1 
ATOM   407  C  CE  . LYS A 1 54 ? -25.738 7.739   -1.579  1.00 80.98  ? 271 LYS A CE  1 
ATOM   408  N  NZ  . LYS A 1 54 ? -26.973 6.943   -1.336  1.00 73.84  ? 271 LYS A NZ  1 
ATOM   409  N  N   . ARG A 1 55 ? -25.299 6.950   4.314   1.00 70.28  ? 272 ARG A N   1 
ATOM   410  C  CA  . ARG A 1 55 ? -25.988 6.706   5.576   1.00 68.93  ? 272 ARG A CA  1 
ATOM   411  C  C   . ARG A 1 55 ? -25.632 7.764   6.614   1.00 70.94  ? 272 ARG A C   1 
ATOM   412  O  O   . ARG A 1 55 ? -25.538 8.957   6.322   1.00 69.68  ? 272 ARG A O   1 
ATOM   413  C  CB  . ARG A 1 55 ? -25.654 5.307   6.100   1.00 68.53  ? 272 ARG A CB  1 
ATOM   414  C  CG  . ARG A 1 55 ? -24.863 4.442   5.134   1.00 69.94  ? 272 ARG A CG  1 
ATOM   415  C  CD  . ARG A 1 55 ? -24.862 2.981   5.548   1.00 69.33  ? 272 ARG A CD  1 
ATOM   416  N  NE  . ARG A 1 55 ? -25.211 2.088   4.445   1.00 65.74  ? 272 ARG A NE  1 
ATOM   417  C  CZ  . ARG A 1 55 ? -25.134 0.766   4.482   1.00 64.25  ? 272 ARG A CZ  1 
ATOM   418  N  NH1 . ARG A 1 55 ? -25.473 0.037   3.426   1.00 64.73  ? 272 ARG A NH1 1 
ATOM   419  N  NH2 . ARG A 1 55 ? -24.715 0.145   5.578   1.00 62.49  ? 272 ARG A NH2 1 
ATOM   420  N  N   . SER B 1 5  ? 8.586   -0.353  14.366  1.00 104.73 ? 222 SER B N   1 
ATOM   421  C  CA  . SER B 1 5  ? 7.310   -1.010  14.101  1.00 90.50  ? 222 SER B CA  1 
ATOM   422  C  C   . SER B 1 5  ? 6.927   -0.873  12.631  1.00 91.18  ? 222 SER B C   1 
ATOM   423  O  O   . SER B 1 5  ? 6.689   0.225   12.132  1.00 94.27  ? 222 SER B O   1 
ATOM   424  C  CB  . SER B 1 5  ? 6.218   -0.437  15.003  1.00 88.96  ? 222 SER B CB  1 
ATOM   425  O  OG  . SER B 1 5  ? 6.521   -0.664  16.371  1.00 90.06  ? 222 SER B OG  1 
ATOM   426  N  N   . PRO B 1 6  ? 6.881   -2.015  11.952  1.00 92.81  ? 223 PRO B N   1 
ATOM   427  C  CA  . PRO B 1 6  ? 6.629   -2.069  10.517  1.00 91.87  ? 223 PRO B CA  1 
ATOM   428  C  C   . PRO B 1 6  ? 5.280   -1.468  10.119  1.00 88.09  ? 223 PRO B C   1 
ATOM   429  O  O   . PRO B 1 6  ? 4.314   -1.565  10.874  1.00 85.76  ? 223 PRO B O   1 
ATOM   430  C  CB  . PRO B 1 6  ? 6.601   -3.571  10.207  1.00 92.40  ? 223 PRO B CB  1 
ATOM   431  C  CG  . PRO B 1 6  ? 7.309   -4.221  11.343  1.00 92.43  ? 223 PRO B CG  1 
ATOM   432  C  CD  . PRO B 1 6  ? 7.067   -3.352  12.543  1.00 93.56  ? 223 PRO B CD  1 
ATOM   433  N  N   . GLU B 1 7  ? 5.259   -0.876  8.932   1.00 83.24  ? 224 GLU B N   1 
ATOM   434  C  CA  . GLU B 1 7  ? 4.053   -0.360  8.302   1.00 78.60  ? 224 GLU B CA  1 
ATOM   435  C  C   . GLU B 1 7  ? 3.413   -1.455  7.448   1.00 73.07  ? 224 GLU B C   1 
ATOM   436  O  O   . GLU B 1 7  ? 2.218   -1.414  7.164   1.00 91.32  ? 224 GLU B O   1 
ATOM   437  C  CB  . GLU B 1 7  ? 4.347   0.870   7.448   1.00 83.87  ? 224 GLU B CB  1 
ATOM   438  C  CG  . GLU B 1 7  ? 3.987   2.193   8.102   1.00 94.03  ? 224 GLU B CG  1 
ATOM   439  C  CD  . GLU B 1 7  ? 4.715   3.376   7.496   1.00 103.45 ? 224 GLU B CD  1 
ATOM   440  O  OE1 . GLU B 1 7  ? 4.180   4.504   7.562   1.00 113.87 ? 224 GLU B OE1 1 
ATOM   441  O  OE2 . GLU B 1 7  ? 5.825   3.187   6.953   1.00 113.40 ? 224 GLU B OE2 1 
ATOM   442  N  N   . TYR B 1 8  ? 4.230   -2.424  7.053   1.00 62.74  ? 225 TYR B N   1 
ATOM   443  C  CA  . TYR B 1 8  ? 3.778   -3.584  6.298   1.00 57.97  ? 225 TYR B CA  1 
ATOM   444  C  C   . TYR B 1 8  ? 4.166   -4.860  7.042   1.00 63.12  ? 225 TYR B C   1 
ATOM   445  O  O   . TYR B 1 8  ? 5.282   -4.956  7.559   1.00 63.85  ? 225 TYR B O   1 
ATOM   446  C  CB  . TYR B 1 8  ? 4.352   -3.593  4.885   1.00 53.48  ? 225 TYR B CB  1 
ATOM   447  C  CG  . TYR B 1 8  ? 4.522   -4.950  4.242   1.00 49.82  ? 225 TYR B CG  1 
ATOM   448  C  CD1 . TYR B 1 8  ? 5.747   -5.609  4.253   1.00 49.84  ? 225 TYR B CD1 1 
ATOM   449  C  CD2 . TYR B 1 8  ? 3.467   -5.592  3.607   1.00 41.97  ? 225 TYR B CD2 1 
ATOM   450  C  CE1 . TYR B 1 8  ? 5.916   -6.848  3.667   1.00 45.34  ? 225 TYR B CE1 1 
ATOM   451  C  CE2 . TYR B 1 8  ? 3.625   -6.831  3.018   1.00 43.17  ? 225 TYR B CE2 1 
ATOM   452  C  CZ  . TYR B 1 8  ? 4.850   -7.459  3.049   1.00 45.37  ? 225 TYR B CZ  1 
ATOM   453  O  OH  . TYR B 1 8  ? 5.028   -8.692  2.468   1.00 59.60  ? 225 TYR B OH  1 
ATOM   454  N  N   . LEU B 1 9  ? 3.257   -5.830  7.082   1.00 61.72  ? 226 LEU B N   1 
ATOM   455  C  CA  . LEU B 1 9  ? 3.549   -7.093  7.750   1.00 55.80  ? 226 LEU B CA  1 
ATOM   456  C  C   . LEU B 1 9  ? 3.878   -8.153  6.697   1.00 48.17  ? 226 LEU B C   1 
ATOM   457  O  O   . LEU B 1 9  ? 3.206   -8.203  5.667   1.00 54.20  ? 226 LEU B O   1 
ATOM   458  C  CB  . LEU B 1 9  ? 2.401   -7.576  8.628   1.00 60.25  ? 226 LEU B CB  1 
ATOM   459  C  CG  . LEU B 1 9  ? 1.558   -6.545  9.373   1.00 61.68  ? 226 LEU B CG  1 
ATOM   460  C  CD1 . LEU B 1 9  ? 0.598   -7.234  10.334  1.00 56.38  ? 226 LEU B CD1 1 
ATOM   461  C  CD2 . LEU B 1 9  ? 2.435   -5.547  10.116  1.00 55.51  ? 226 LEU B CD2 1 
ATOM   462  N  N   . SER B 1 10 ? 4.892   -8.954  6.987   1.00 38.35  ? 227 SER B N   1 
ATOM   463  C  CA  . SER B 1 10 ? 5.343   -10.021 6.103   1.00 35.99  ? 227 SER B CA  1 
ATOM   464  C  C   . SER B 1 10 ? 4.282   -11.108 5.967   1.00 45.39  ? 227 SER B C   1 
ATOM   465  O  O   . SER B 1 10 ? 3.532   -11.336 6.917   1.00 58.57  ? 227 SER B O   1 
ATOM   466  C  CB  . SER B 1 10 ? 6.636   -10.639 6.636   1.00 30.37  ? 227 SER B CB  1 
ATOM   467  O  OG  . SER B 1 10 ? 6.714   -10.490 8.049   1.00 38.84  ? 227 SER B OG  1 
ATOM   468  N  N   . ASP B 1 11 ? 4.244   -11.755 4.811   1.00 47.47  ? 228 ASP B N   1 
ATOM   469  C  CA  . ASP B 1 11 ? 3.269   -12.795 4.527   1.00 51.20  ? 228 ASP B CA  1 
ATOM   470  C  C   . ASP B 1 11 ? 3.152   -13.806 5.665   1.00 57.58  ? 228 ASP B C   1 
ATOM   471  O  O   . ASP B 1 11 ? 2.166   -13.799 6.404   1.00 68.98  ? 228 ASP B O   1 
ATOM   472  C  CB  . ASP B 1 11 ? 3.629   -13.527 3.233   1.00 50.13  ? 228 ASP B CB  1 
ATOM   473  C  CG  . ASP B 1 11 ? 3.272   -12.740 1.990   1.00 56.75  ? 228 ASP B CG  1 
ATOM   474  O  OD1 . ASP B 1 11 ? 2.405   -11.845 2.073   1.00 63.60  ? 228 ASP B OD1 1 
ATOM   475  O  OD2 . ASP B 1 11 ? 3.867   -13.023 0.929   1.00 59.99  ? 228 ASP B OD2 1 
ATOM   476  N  N   . GLU B 1 12 ? 4.150   -14.668 5.807   1.00 58.05  ? 229 GLU B N   1 
ATOM   477  C  CA  . GLU B 1 12 ? 4.087   -15.787 6.737   1.00 60.23  ? 229 GLU B CA  1 
ATOM   478  C  C   . GLU B 1 12 ? 3.806   -15.363 8.169   1.00 57.52  ? 229 GLU B C   1 
ATOM   479  O  O   . GLU B 1 12 ? 3.362   -16.177 8.983   1.00 65.28  ? 229 GLU B O   1 
ATOM   480  C  CB  . GLU B 1 12 ? 5.391   -16.595 6.680   1.00 65.48  ? 229 GLU B CB  1 
ATOM   481  C  CG  . GLU B 1 12 ? 5.281   -17.813 5.769   1.00 72.73  ? 229 GLU B CG  1 
ATOM   482  C  CD  . GLU B 1 12 ? 3.844   -18.124 5.393   1.00 76.87  ? 229 GLU B CD  1 
ATOM   483  O  OE1 . GLU B 1 12 ? 3.114   -18.677 6.243   1.00 79.94  ? 229 GLU B OE1 1 
ATOM   484  O  OE2 . GLU B 1 12 ? 3.443   -17.817 4.249   1.00 74.39  ? 229 GLU B OE2 1 
ATOM   485  N  N   . ILE B 1 13 ? 4.049   -14.102 8.512   1.00 52.95  ? 230 ILE B N   1 
ATOM   486  C  CA  . ILE B 1 13 ? 3.781   -13.699 9.891   1.00 50.53  ? 230 ILE B CA  1 
ATOM   487  C  C   . ILE B 1 13 ? 2.346   -13.208 10.046  1.00 55.23  ? 230 ILE B C   1 
ATOM   488  O  O   . ILE B 1 13 ? 1.761   -13.220 11.124  1.00 63.04  ? 230 ILE B O   1 
ATOM   489  C  CB  . ILE B 1 13 ? 4.746   -12.593 10.343  1.00 46.17  ? 230 ILE B CB  1 
ATOM   490  C  CG1 . ILE B 1 13 ? 5.952   -13.111 11.129  1.00 47.29  ? 230 ILE B CG1 1 
ATOM   491  C  CG2 . ILE B 1 13 ? 3.994   -11.532 11.129  1.00 44.24  ? 230 ILE B CG2 1 
ATOM   492  C  CD1 . ILE B 1 13 ? 6.458   -12.127 12.163  1.00 59.51  ? 230 ILE B CD1 1 
ATOM   493  N  N   . PHE B 1 14 ? 1.787   -12.768 8.928   1.00 55.57  ? 231 PHE B N   1 
ATOM   494  C  CA  . PHE B 1 14 ? 0.408   -12.292 8.872   1.00 50.13  ? 231 PHE B CA  1 
ATOM   495  C  C   . PHE B 1 14 ? -0.520  -13.503 8.886   1.00 52.48  ? 231 PHE B C   1 
ATOM   496  O  O   . PHE B 1 14 ? -1.658  -13.444 9.344   1.00 52.10  ? 231 PHE B O   1 
ATOM   497  C  CB  . PHE B 1 14 ? 0.235   -11.423 7.640   1.00 43.40  ? 231 PHE B CB  1 
ATOM   498  C  CG  . PHE B 1 14 ? -1.142  -10.936 7.301   1.00 30.30  ? 231 PHE B CG  1 
ATOM   499  C  CD1 . PHE B 1 14 ? -1.918  -11.624 6.384   1.00 25.43  ? 231 PHE B CD1 1 
ATOM   500  C  CD2 . PHE B 1 14 ? -1.655  -9.796  7.894   1.00 26.65  ? 231 PHE B CD2 1 
ATOM   501  C  CE1 . PHE B 1 14 ? -3.184  -11.187 6.058   1.00 33.50  ? 231 PHE B CE1 1 
ATOM   502  C  CE2 . PHE B 1 14 ? -2.919  -9.350  7.569   1.00 32.38  ? 231 PHE B CE2 1 
ATOM   503  C  CZ  . PHE B 1 14 ? -3.683  -10.045 6.655   1.00 35.95  ? 231 PHE B CZ  1 
ATOM   504  N  N   . SER B 1 15 ? 0.039   -14.596 8.376   1.00 49.85  ? 232 SER B N   1 
ATOM   505  C  CA  . SER B 1 15 ? -0.564  -15.916 8.463   1.00 50.53  ? 232 SER B CA  1 
ATOM   506  C  C   . SER B 1 15 ? -0.474  -16.396 9.910   1.00 53.37  ? 232 SER B C   1 
ATOM   507  O  O   . SER B 1 15 ? -1.404  -16.977 10.456  1.00 56.20  ? 232 SER B O   1 
ATOM   508  C  CB  . SER B 1 15 ? 0.116   -16.909 7.527   1.00 51.60  ? 232 SER B CB  1 
ATOM   509  O  OG  . SER B 1 15 ? 0.616   -18.031 8.239   1.00 71.31  ? 232 SER B OG  1 
ATOM   510  N  N   . ALA B 1 16 ? 0.671   -16.133 10.541  1.00 54.33  ? 233 ALA B N   1 
ATOM   511  C  CA  . ALA B 1 16 ? 0.813   -16.450 11.958  1.00 55.63  ? 233 ALA B CA  1 
ATOM   512  C  C   . ALA B 1 16 ? -0.316  -15.777 12.739  1.00 59.81  ? 233 ALA B C   1 
ATOM   513  O  O   . ALA B 1 16 ? -0.978  -16.408 13.559  1.00 65.95  ? 233 ALA B O   1 
ATOM   514  C  CB  . ALA B 1 16 ? 2.169   -16.014 12.480  1.00 52.42  ? 233 ALA B CB  1 
ATOM   515  N  N   . ILE B 1 17 ? -0.513  -14.499 12.447  1.00 60.64  ? 234 ILE B N   1 
ATOM   516  C  CA  . ILE B 1 17 ? -1.563  -13.677 13.015  1.00 63.95  ? 234 ILE B CA  1 
ATOM   517  C  C   . ILE B 1 17 ? -2.960  -14.231 12.750  1.00 69.60  ? 234 ILE B C   1 
ATOM   518  O  O   . ILE B 1 17 ? -3.708  -14.551 13.674  1.00 85.79  ? 234 ILE B O   1 
ATOM   519  C  CB  . ILE B 1 17 ? -1.533  -12.250 12.434  1.00 64.77  ? 234 ILE B CB  1 
ATOM   520  C  CG1 . ILE B 1 17 ? -0.420  -11.371 12.997  1.00 63.91  ? 234 ILE B CG1 1 
ATOM   521  C  CG2 . ILE B 1 17 ? -2.892  -11.587 12.617  1.00 75.52  ? 234 ILE B CG2 1 
ATOM   522  C  CD1 . ILE B 1 17 ? -0.912  -10.440 14.083  1.00 65.92  ? 234 ILE B CD1 1 
ATOM   523  N  N   . ASN B 1 18 ? -3.324  -14.329 11.473  1.00 65.34  ? 235 ASN B N   1 
ATOM   524  C  CA  . ASN B 1 18 ? -4.661  -14.816 11.137  1.00 61.12  ? 235 ASN B CA  1 
ATOM   525  C  C   . ASN B 1 18 ? -4.895  -16.198 11.746  1.00 61.36  ? 235 ASN B C   1 
ATOM   526  O  O   . ASN B 1 18 ? -5.994  -16.502 12.212  1.00 60.53  ? 235 ASN B O   1 
ATOM   527  C  CB  . ASN B 1 18 ? -4.853  -14.839 9.622   1.00 57.20  ? 235 ASN B CB  1 
ATOM   528  C  CG  . ASN B 1 18 ? -4.738  -13.477 8.966   1.00 55.80  ? 235 ASN B CG  1 
ATOM   529  O  OD1 . ASN B 1 18 ? -4.808  -12.434 9.616   1.00 58.11  ? 235 ASN B OD1 1 
ATOM   530  N  ND2 . ASN B 1 18 ? -4.559  -13.461 7.648   1.00 31.75  ? 235 ASN B ND2 1 
ATOM   531  N  N   . ASN B 1 19 ? -3.855  -17.020 11.740  1.00 57.86  ? 236 ASN B N   1 
ATOM   532  C  CA  . ASN B 1 19 ? -3.878  -18.409 12.144  1.00 52.67  ? 236 ASN B CA  1 
ATOM   533  C  C   . ASN B 1 19 ? -4.329  -18.643 13.578  1.00 45.51  ? 236 ASN B C   1 
ATOM   534  O  O   . ASN B 1 19 ? -4.714  -19.755 13.939  1.00 58.66  ? 236 ASN B O   1 
ATOM   535  C  CB  . ASN B 1 19 ? -2.476  -19.037 12.009  1.00 53.28  ? 236 ASN B CB  1 
ATOM   536  C  CG  . ASN B 1 19 ? -2.469  -20.006 10.839  1.00 56.17  ? 236 ASN B CG  1 
ATOM   537  O  OD1 . ASN B 1 19 ? -3.120  -19.731 9.830   1.00 50.59  ? 236 ASN B OD1 1 
ATOM   538  N  ND2 . ASN B 1 19 ? -1.754  -21.109 11.003  1.00 67.01  ? 236 ASN B ND2 1 
ATOM   539  N  N   . ASN B 1 20 ? -4.267  -17.603 14.390  1.00 44.73  ? 237 ASN B N   1 
ATOM   540  C  CA  . ASN B 1 20 ? -4.643  -17.749 15.795  1.00 50.03  ? 237 ASN B CA  1 
ATOM   541  C  C   . ASN B 1 20 ? -5.780  -16.788 16.114  1.00 52.87  ? 237 ASN B C   1 
ATOM   542  O  O   . ASN B 1 20 ? -5.801  -16.138 17.154  1.00 63.31  ? 237 ASN B O   1 
ATOM   543  C  CB  . ASN B 1 20 ? -3.407  -17.547 16.674  1.00 54.67  ? 237 ASN B CB  1 
ATOM   544  C  CG  . ASN B 1 20 ? -2.357  -18.584 16.294  1.00 62.54  ? 237 ASN B CG  1 
ATOM   545  O  OD1 . ASN B 1 20 ? -1.700  -18.463 15.261  1.00 65.21  ? 237 ASN B OD1 1 
ATOM   546  N  ND2 . ASN B 1 20 ? -2.213  -19.614 17.116  1.00 76.26  ? 237 ASN B ND2 1 
ATOM   547  N  N   . LEU B 1 21 ? -6.696  -16.751 15.157  1.00 52.85  ? 238 LEU B N   1 
ATOM   548  C  CA  . LEU B 1 21 ? -7.947  -16.017 15.169  1.00 47.45  ? 238 LEU B CA  1 
ATOM   549  C  C   . LEU B 1 21 ? -9.058  -16.925 14.651  1.00 48.41  ? 238 LEU B C   1 
ATOM   550  O  O   . LEU B 1 21 ? -8.901  -17.529 13.587  1.00 59.22  ? 238 LEU B O   1 
ATOM   551  C  CB  . LEU B 1 21 ? -7.861  -14.752 14.322  1.00 43.64  ? 238 LEU B CB  1 
ATOM   552  C  CG  . LEU B 1 21 ? -7.797  -13.428 15.082  1.00 48.53  ? 238 LEU B CG  1 
ATOM   553  C  CD1 . LEU B 1 21 ? -6.616  -13.408 16.038  1.00 61.25  ? 238 LEU B CD1 1 
ATOM   554  C  CD2 . LEU B 1 21 ? -7.720  -12.256 14.113  1.00 60.20  ? 238 LEU B CD2 1 
ATOM   555  N  N   . PRO B 1 22 ? -10.155 -17.044 15.385  1.00 51.48  ? 239 PRO B N   1 
ATOM   556  C  CA  . PRO B 1 22 ? -11.233 -17.946 14.950  1.00 48.04  ? 239 PRO B CA  1 
ATOM   557  C  C   . PRO B 1 22 ? -11.870 -17.407 13.672  1.00 50.62  ? 239 PRO B C   1 
ATOM   558  O  O   . PRO B 1 22 ? -11.898 -16.191 13.487  1.00 51.58  ? 239 PRO B O   1 
ATOM   559  C  CB  . PRO B 1 22 ? -12.219 -17.914 16.110  1.00 46.48  ? 239 PRO B CB  1 
ATOM   560  C  CG  . PRO B 1 22 ? -11.966 -16.597 16.768  1.00 50.24  ? 239 PRO B CG  1 
ATOM   561  C  CD  . PRO B 1 22 ? -10.482 -16.365 16.646  1.00 52.19  ? 239 PRO B CD  1 
ATOM   562  N  N   A HIS B 1 23 ? -12.355 -18.314 12.836  0.50 50.56  ? 240 HIS B N   1 
ATOM   563  N  N   B HIS B 1 23 ? -12.352 -18.312 12.832  0.50 50.56  ? 240 HIS B N   1 
ATOM   564  C  CA  A HIS B 1 23 ? -12.960 -17.972 11.558  0.50 51.39  ? 240 HIS B CA  1 
ATOM   565  C  CA  B HIS B 1 23 ? -12.948 -17.955 11.553  0.50 51.39  ? 240 HIS B CA  1 
ATOM   566  C  C   A HIS B 1 23 ? -13.959 -16.826 11.708  0.50 52.54  ? 240 HIS B C   1 
ATOM   567  C  C   B HIS B 1 23 ? -13.959 -16.824 11.707  0.50 52.54  ? 240 HIS B C   1 
ATOM   568  O  O   A HIS B 1 23 ? -14.044 -15.947 10.852  0.50 52.74  ? 240 HIS B O   1 
ATOM   569  O  O   B HIS B 1 23 ? -14.055 -15.949 10.848  0.50 52.78  ? 240 HIS B O   1 
ATOM   570  C  CB  A HIS B 1 23 ? -13.662 -19.182 10.941  0.50 51.98  ? 240 HIS B CB  1 
ATOM   571  C  CB  B HIS B 1 23 ? -13.627 -19.170 10.916  0.50 52.00  ? 240 HIS B CB  1 
ATOM   572  C  CG  A HIS B 1 23 ? -13.592 -20.431 11.759  0.50 52.38  ? 240 HIS B CG  1 
ATOM   573  C  CG  B HIS B 1 23 ? -14.684 -18.812 9.918   0.50 51.29  ? 240 HIS B CG  1 
ATOM   574  N  ND1 A HIS B 1 23 ? -14.663 -20.915 12.477  0.50 51.46  ? 240 HIS B ND1 1 
ATOM   575  N  ND1 B HIS B 1 23 ? -14.504 -17.856 8.945   0.50 50.27  ? 240 HIS B ND1 1 
ATOM   576  C  CD2 A HIS B 1 23 ? -12.582 -21.305 11.974  0.50 53.73  ? 240 HIS B CD2 1 
ATOM   577  C  CD2 B HIS B 1 23 ? -15.938 -19.288 9.742   0.50 50.59  ? 240 HIS B CD2 1 
ATOM   578  C  CE1 A HIS B 1 23 ? -14.321 -22.028 13.098  0.50 51.64  ? 240 HIS B CE1 1 
ATOM   579  C  CE1 B HIS B 1 23 ? -15.598 -17.755 8.212   0.50 50.78  ? 240 HIS B CE1 1 
ATOM   580  N  NE2 A HIS B 1 23 ? -13.057 -22.286 12.809  0.50 54.79  ? 240 HIS B NE2 1 
ATOM   581  N  NE2 B HIS B 1 23 ? -16.485 -18.615 8.676   0.50 51.23  ? 240 HIS B NE2 1 
ATOM   582  N  N   . ALA B 1 24 ? -14.693 -16.868 12.813  1.00 52.67  ? 241 ALA B N   1 
ATOM   583  C  CA  . ALA B 1 24 ? -15.715 -15.881 13.118  1.00 49.60  ? 241 ALA B CA  1 
ATOM   584  C  C   . ALA B 1 24 ? -15.200 -14.459 12.918  1.00 50.41  ? 241 ALA B C   1 
ATOM   585  O  O   . ALA B 1 24 ? -15.976 -13.596 12.501  1.00 51.36  ? 241 ALA B O   1 
ATOM   586  C  CB  . ALA B 1 24 ? -16.217 -16.080 14.538  1.00 65.09  ? 241 ALA B CB  1 
ATOM   587  N  N   . TYR B 1 25 ? -13.921 -14.228 13.204  1.00 49.82  ? 242 TYR B N   1 
ATOM   588  C  CA  . TYR B 1 25 ? -13.301 -12.925 13.020  1.00 45.62  ? 242 TYR B CA  1 
ATOM   589  C  C   . TYR B 1 25 ? -13.476 -12.406 11.594  1.00 45.04  ? 242 TYR B C   1 
ATOM   590  O  O   . TYR B 1 25 ? -13.804 -11.244 11.364  1.00 44.93  ? 242 TYR B O   1 
ATOM   591  C  CB  . TYR B 1 25 ? -11.797 -12.968 13.322  1.00 39.87  ? 242 TYR B CB  1 
ATOM   592  C  CG  . TYR B 1 25 ? -11.147 -11.602 13.253  1.00 34.76  ? 242 TYR B CG  1 
ATOM   593  C  CD1 . TYR B 1 25 ? -10.248 -11.257 12.247  1.00 33.23  ? 242 TYR B CD1 1 
ATOM   594  C  CD2 . TYR B 1 25 ? -11.448 -10.649 14.219  1.00 28.33  ? 242 TYR B CD2 1 
ATOM   595  C  CE1 . TYR B 1 25 ? -9.663  -10.003 12.204  1.00 20.76  ? 242 TYR B CE1 1 
ATOM   596  C  CE2 . TYR B 1 25 ? -10.871 -9.395  14.183  1.00 35.84  ? 242 TYR B CE2 1 
ATOM   597  C  CZ  . TYR B 1 25 ? -9.981  -9.078  13.175  1.00 31.16  ? 242 TYR B CZ  1 
ATOM   598  O  OH  . TYR B 1 25 ? -9.425  -7.822  13.169  1.00 28.87  ? 242 TYR B OH  1 
ATOM   599  N  N   . PHE B 1 26 ? -13.235 -13.301 10.643  1.00 42.05  ? 243 PHE B N   1 
ATOM   600  C  CA  . PHE B 1 26 ? -13.238 -12.932 9.234   1.00 48.09  ? 243 PHE B CA  1 
ATOM   601  C  C   . PHE B 1 26 ? -14.623 -12.938 8.612   1.00 52.91  ? 243 PHE B C   1 
ATOM   602  O  O   . PHE B 1 26 ? -14.843 -12.238 7.618   1.00 35.98  ? 243 PHE B O   1 
ATOM   603  C  CB  . PHE B 1 26 ? -12.289 -13.894 8.496   1.00 49.85  ? 243 PHE B CB  1 
ATOM   604  C  CG  . PHE B 1 26 ? -10.984 -14.048 9.243   1.00 52.83  ? 243 PHE B CG  1 
ATOM   605  C  CD1 . PHE B 1 26 ? -9.998  -13.080 9.146   1.00 54.87  ? 243 PHE B CD1 1 
ATOM   606  C  CD2 . PHE B 1 26 ? -10.746 -15.151 10.043  1.00 57.33  ? 243 PHE B CD2 1 
ATOM   607  C  CE1 . PHE B 1 26 ? -8.803  -13.205 9.826   1.00 57.62  ? 243 PHE B CE1 1 
ATOM   608  C  CE2 . PHE B 1 26 ? -9.552  -15.287 10.727  1.00 62.06  ? 243 PHE B CE2 1 
ATOM   609  C  CZ  . PHE B 1 26 ? -8.576  -14.312 10.621  1.00 61.33  ? 243 PHE B CZ  1 
ATOM   610  N  N   . LYS B 1 27 ? -15.553 -13.710 9.172   1.00 54.15  ? 244 LYS B N   1 
ATOM   611  C  CA  . LYS B 1 27 ? -16.923 -13.735 8.666   1.00 45.62  ? 244 LYS B CA  1 
ATOM   612  C  C   . LYS B 1 27 ? -17.460 -12.306 8.654   1.00 45.06  ? 244 LYS B C   1 
ATOM   613  O  O   . LYS B 1 27 ? -17.374 -11.633 9.684   1.00 33.86  ? 244 LYS B O   1 
ATOM   614  C  CB  . LYS B 1 27 ? -17.839 -14.617 9.505   1.00 49.80  ? 244 LYS B CB  1 
ATOM   615  C  CG  . LYS B 1 27 ? -18.850 -15.436 8.728   1.00 46.27  ? 244 LYS B CG  1 
ATOM   616  C  CD  . LYS B 1 27 ? -19.752 -14.563 7.873   1.00 45.31  ? 244 LYS B CD  1 
ATOM   617  C  CE  . LYS B 1 27 ? -20.848 -15.386 7.221   1.00 46.21  ? 244 LYS B CE  1 
ATOM   618  N  NZ  . LYS B 1 27 ? -20.392 -16.069 5.979   1.00 39.82  ? 244 LYS B NZ  1 
ATOM   619  N  N   . ASN B 1 28 ? -17.973 -11.891 7.503   1.00 47.86  ? 245 ASN B N   1 
ATOM   620  C  CA  . ASN B 1 28 ? -18.428 -10.521 7.304   1.00 48.09  ? 245 ASN B CA  1 
ATOM   621  C  C   . ASN B 1 28 ? -17.408 -9.522  7.852   1.00 45.04  ? 245 ASN B C   1 
ATOM   622  O  O   . ASN B 1 28 ? -17.802 -8.518  8.443   1.00 47.34  ? 245 ASN B O   1 
ATOM   623  C  CB  . ASN B 1 28 ? -19.789 -10.300 7.962   1.00 53.40  ? 245 ASN B CB  1 
ATOM   624  C  CG  . ASN B 1 28 ? -20.944 -10.651 7.042   1.00 59.64  ? 245 ASN B CG  1 
ATOM   625  O  OD1 . ASN B 1 28 ? -20.809 -11.489 6.149   1.00 56.46  ? 245 ASN B OD1 1 
ATOM   626  N  ND2 . ASN B 1 28 ? -22.083 -10.006 7.270   1.00 73.81  ? 245 ASN B ND2 1 
ATOM   627  N  N   . LEU B 1 29 ? -16.127 -9.816  7.652   1.00 42.39  ? 246 LEU B N   1 
ATOM   628  C  CA  . LEU B 1 29 ? -15.029 -8.981  8.120   1.00 41.31  ? 246 LEU B CA  1 
ATOM   629  C  C   . LEU B 1 29 ? -14.952 -7.698  7.292   1.00 40.41  ? 246 LEU B C   1 
ATOM   630  O  O   . LEU B 1 29 ? -14.942 -6.619  7.884   1.00 51.36  ? 246 LEU B O   1 
ATOM   631  C  CB  . LEU B 1 29 ? -13.701 -9.721  8.048   1.00 48.49  ? 246 LEU B CB  1 
ATOM   632  C  CG  . LEU B 1 29 ? -12.630 -9.447  9.097   1.00 49.30  ? 246 LEU B CG  1 
ATOM   633  C  CD1 . LEU B 1 29 ? -11.247 -9.528  8.457   1.00 31.21  ? 246 LEU B CD1 1 
ATOM   634  C  CD2 . LEU B 1 29 ? -12.827 -8.103  9.781   1.00 46.30  ? 246 LEU B CD2 1 
ATOM   635  N  N   . LEU B 1 30 ? -14.901 -7.860  5.975   1.00 36.42  ? 247 LEU B N   1 
ATOM   636  C  CA  . LEU B 1 30 ? -14.818 -6.725  5.061   1.00 48.67  ? 247 LEU B CA  1 
ATOM   637  C  C   . LEU B 1 30 ? -15.877 -5.684  5.423   1.00 54.33  ? 247 LEU B C   1 
ATOM   638  O  O   . LEU B 1 30 ? -15.617 -4.488  5.491   1.00 52.88  ? 247 LEU B O   1 
ATOM   639  C  CB  . LEU B 1 30 ? -14.993 -7.162  3.606   1.00 49.32  ? 247 LEU B CB  1 
ATOM   640  C  CG  . LEU B 1 30 ? -14.095 -6.465  2.581   1.00 46.37  ? 247 LEU B CG  1 
ATOM   641  C  CD1 . LEU B 1 30 ? -13.189 -5.451  3.262   1.00 39.88  ? 247 LEU B CD1 1 
ATOM   642  C  CD2 . LEU B 1 30 ? -13.275 -7.485  1.810   1.00 45.81  ? 247 LEU B CD2 1 
ATOM   643  N  N   . PHE B 1 31 ? -17.065 -6.220  5.665   1.00 59.74  ? 248 PHE B N   1 
ATOM   644  C  CA  . PHE B 1 31 ? -18.226 -5.454  6.086   1.00 53.50  ? 248 PHE B CA  1 
ATOM   645  C  C   . PHE B 1 31 ? -17.882 -4.559  7.270   1.00 50.49  ? 248 PHE B C   1 
ATOM   646  O  O   . PHE B 1 31 ? -17.994 -3.335  7.197   1.00 56.53  ? 248 PHE B O   1 
ATOM   647  C  CB  . PHE B 1 31 ? -19.356 -6.425  6.437   1.00 55.31  ? 248 PHE B CB  1 
ATOM   648  C  CG  . PHE B 1 31 ? -20.698 -5.795  6.692   1.00 49.93  ? 248 PHE B CG  1 
ATOM   649  C  CD1 . PHE B 1 31 ? -21.023 -5.308  7.948   1.00 46.97  ? 248 PHE B CD1 1 
ATOM   650  C  CD2 . PHE B 1 31 ? -21.631 -5.690  5.674   1.00 49.62  ? 248 PHE B CD2 1 
ATOM   651  C  CE1 . PHE B 1 31 ? -22.252 -4.723  8.186   1.00 50.68  ? 248 PHE B CE1 1 
ATOM   652  C  CE2 . PHE B 1 31 ? -22.863 -5.109  5.904   1.00 53.84  ? 248 PHE B CE2 1 
ATOM   653  C  CZ  . PHE B 1 31 ? -23.174 -4.627  7.162   1.00 53.90  ? 248 PHE B CZ  1 
ATOM   654  N  N   . ARG B 1 32 ? -17.461 -5.194  8.360   1.00 45.92  ? 249 ARG B N   1 
ATOM   655  C  CA  . ARG B 1 32 ? -17.201 -4.513  9.618   1.00 50.32  ? 249 ARG B CA  1 
ATOM   656  C  C   . ARG B 1 32 ? -16.207 -3.367  9.465   1.00 53.10  ? 249 ARG B C   1 
ATOM   657  O  O   . ARG B 1 32 ? -16.556 -2.217  9.739   1.00 61.04  ? 249 ARG B O   1 
ATOM   658  C  CB  . ARG B 1 32 ? -16.687 -5.512  10.660  1.00 56.50  ? 249 ARG B CB  1 
ATOM   659  C  CG  . ARG B 1 32 ? -17.663 -6.624  11.005  1.00 52.95  ? 249 ARG B CG  1 
ATOM   660  C  CD  . ARG B 1 32 ? -17.920 -6.681  12.502  1.00 52.03  ? 249 ARG B CD  1 
ATOM   661  N  NE  . ARG B 1 32 ? -17.659 -7.999  13.067  1.00 49.59  ? 249 ARG B NE  1 
ATOM   662  C  CZ  . ARG B 1 32 ? -18.185 -8.466  14.191  1.00 43.93  ? 249 ARG B CZ  1 
ATOM   663  N  NH1 . ARG B 1 32 ? -19.022 -7.730  14.908  1.00 31.02  ? 249 ARG B NH1 1 
ATOM   664  N  NH2 . ARG B 1 32 ? -17.866 -9.687  14.602  1.00 34.58  ? 249 ARG B NH2 1 
ATOM   665  N  N   . LEU B 1 33 ? -14.985 -3.680  9.044   1.00 51.70  ? 250 LEU B N   1 
ATOM   666  C  CA  . LEU B 1 33 ? -13.947 -2.667  8.893   1.00 49.17  ? 250 LEU B CA  1 
ATOM   667  C  C   . LEU B 1 33 ? -14.457 -1.520  8.030   1.00 46.26  ? 250 LEU B C   1 
ATOM   668  O  O   . LEU B 1 33 ? -14.335 -0.356  8.400   1.00 52.39  ? 250 LEU B O   1 
ATOM   669  C  CB  . LEU B 1 33 ? -12.674 -3.244  8.283   1.00 53.18  ? 250 LEU B CB  1 
ATOM   670  C  CG  . LEU B 1 33 ? -12.394 -4.730  8.501   1.00 54.58  ? 250 LEU B CG  1 
ATOM   671  C  CD1 . LEU B 1 33 ? -11.501 -5.263  7.389   1.00 64.77  ? 250 LEU B CD1 1 
ATOM   672  C  CD2 . LEU B 1 33 ? -11.765 -4.980  9.863   1.00 48.14  ? 250 LEU B CD2 1 
ATOM   673  N  N   . VAL B 1 34 ? -15.050 -1.864  6.888   1.00 48.81  ? 251 VAL B N   1 
ATOM   674  C  CA  . VAL B 1 34 ? -15.670 -0.816  6.081   1.00 52.12  ? 251 VAL B CA  1 
ATOM   675  C  C   . VAL B 1 34 ? -16.685 -0.046  6.919   1.00 60.04  ? 251 VAL B C   1 
ATOM   676  O  O   . VAL B 1 34 ? -16.844 1.166   6.772   1.00 74.39  ? 251 VAL B O   1 
ATOM   677  C  CB  . VAL B 1 34 ? -16.380 -1.363  4.831   1.00 44.81  ? 251 VAL B CB  1 
ATOM   678  C  CG1 . VAL B 1 34 ? -17.051 -0.222  4.081   1.00 30.55  ? 251 VAL B CG1 1 
ATOM   679  C  CG2 . VAL B 1 34 ? -15.400 -2.103  3.938   1.00 40.90  ? 251 VAL B CG2 1 
ATOM   680  N  N   . ALA B 1 35 ? -17.365 -0.755  7.821   1.00 59.87  ? 252 ALA B N   1 
ATOM   681  C  CA  . ALA B 1 35 ? -18.374 -0.100  8.649   1.00 64.25  ? 252 ALA B CA  1 
ATOM   682  C  C   . ALA B 1 35 ? -17.784 0.975   9.550   1.00 66.45  ? 252 ALA B C   1 
ATOM   683  O  O   . ALA B 1 35 ? -18.514 1.786   10.124  1.00 73.13  ? 252 ALA B O   1 
ATOM   684  C  CB  . ALA B 1 35 ? -19.120 -1.128  9.498   1.00 42.22  ? 252 ALA B CB  1 
ATOM   685  N  N   . ASN B 1 36 ? -16.464 1.012   9.712   1.00 63.28  ? 253 ASN B N   1 
ATOM   686  C  CA  . ASN B 1 36 ? -15.892 1.873   10.742  1.00 58.99  ? 253 ASN B CA  1 
ATOM   687  C  C   . ASN B 1 36 ? -15.105 3.040   10.161  1.00 59.07  ? 253 ASN B C   1 
ATOM   688  O  O   . ASN B 1 36 ? -14.921 4.050   10.843  1.00 50.75  ? 253 ASN B O   1 
ATOM   689  C  CB  . ASN B 1 36 ? -14.993 1.044   11.661  1.00 62.70  ? 253 ASN B CB  1 
ATOM   690  C  CG  . ASN B 1 36 ? -15.664 -0.116  12.360  1.00 64.69  ? 253 ASN B CG  1 
ATOM   691  O  OD1 . ASN B 1 36 ? -15.271 -0.493  13.470  1.00 51.24  ? 253 ASN B OD1 1 
ATOM   692  N  ND2 . ASN B 1 36 ? -16.678 -0.727  11.757  1.00 61.68  ? 253 ASN B ND2 1 
HETATM 693  N  N   . MSE B 1 37 ? -14.645 2.904   8.924   1.00 64.30  ? 254 MSE B N   1 
HETATM 694  C  CA  . MSE B 1 37 ? -13.738 3.868   8.306   1.00 65.69  ? 254 MSE B CA  1 
HETATM 695  C  C   . MSE B 1 37 ? -14.273 5.301   8.347   1.00 67.31  ? 254 MSE B C   1 
HETATM 696  O  O   . MSE B 1 37 ? -15.358 5.563   8.858   1.00 76.68  ? 254 MSE B O   1 
HETATM 697  C  CB  . MSE B 1 37 ? -13.448 3.492   6.854   1.00 68.41  ? 254 MSE B CB  1 
HETATM 698  C  CG  . MSE B 1 37 ? -13.898 2.071   6.523   1.00 68.33  ? 254 MSE B CG  1 
HETATM 699  SE SE  . MSE B 1 37 ? -12.929 1.349   4.987   1.00 74.54  ? 254 MSE B SE  1 
HETATM 700  C  CE  . MSE B 1 37 ? -11.595 0.618   6.194   1.00 19.13  ? 254 MSE B CE  1 
ATOM   701  N  N   . ASP B 1 38 ? -13.463 6.194   7.796   1.00 70.90  ? 255 ASP B N   1 
ATOM   702  C  CA  . ASP B 1 38 ? -13.668 7.623   7.693   1.00 69.90  ? 255 ASP B CA  1 
ATOM   703  C  C   . ASP B 1 38 ? -14.169 8.019   6.307   1.00 68.80  ? 255 ASP B C   1 
ATOM   704  O  O   . ASP B 1 38 ? -14.158 7.217   5.372   1.00 73.23  ? 255 ASP B O   1 
ATOM   705  C  CB  . ASP B 1 38 ? -12.371 8.387   7.977   1.00 73.10  ? 255 ASP B CB  1 
ATOM   706  C  CG  . ASP B 1 38 ? -11.990 8.391   9.442   1.00 82.12  ? 255 ASP B CG  1 
ATOM   707  O  OD1 . ASP B 1 38 ? -10.930 8.962   9.782   1.00 89.89  ? 255 ASP B OD1 1 
ATOM   708  O  OD2 . ASP B 1 38 ? -12.749 7.825   10.259  1.00 96.18  ? 255 ASP B OD2 1 
ATOM   709  N  N   . ARG B 1 39 ? -14.606 9.269   6.175   1.00 64.47  ? 256 ARG B N   1 
ATOM   710  C  CA  . ARG B 1 39 ? -15.097 9.722   4.876   1.00 72.69  ? 256 ARG B CA  1 
ATOM   711  C  C   . ARG B 1 39 ? -13.965 9.719   3.853   1.00 74.71  ? 256 ARG B C   1 
ATOM   712  O  O   . ARG B 1 39 ? -14.110 9.135   2.779   1.00 51.50  ? 256 ARG B O   1 
ATOM   713  C  CB  . ARG B 1 39 ? -15.734 11.105  4.990   1.00 81.49  ? 256 ARG B CB  1 
ATOM   714  C  CG  . ARG B 1 39 ? -17.066 11.111  5.724   1.00 87.76  ? 256 ARG B CG  1 
ATOM   715  C  CD  . ARG B 1 39 ? -18.240 11.142  4.759   1.00 91.33  ? 256 ARG B CD  1 
ATOM   716  N  NE  . ARG B 1 39 ? -19.162 12.240  5.043   1.00 89.73  ? 256 ARG B NE  1 
ATOM   717  C  CZ  . ARG B 1 39 ? -20.160 12.601  4.248   1.00 87.85  ? 256 ARG B CZ  1 
ATOM   718  N  NH1 . ARG B 1 39 ? -20.949 13.612  4.588   1.00 91.15  ? 256 ARG B NH1 1 
ATOM   719  N  NH2 . ARG B 1 39 ? -20.375 11.951  3.112   1.00 72.73  ? 256 ARG B NH2 1 
ATOM   720  N  N   . SER B 1 40 ? -12.846 10.359  4.187   1.00 77.45  ? 257 SER B N   1 
ATOM   721  C  CA  . SER B 1 40 ? -11.699 10.373  3.283   1.00 76.45  ? 257 SER B CA  1 
ATOM   722  C  C   . SER B 1 40 ? -11.116 8.969   3.143   1.00 76.07  ? 257 SER B C   1 
ATOM   723  O  O   . SER B 1 40 ? -10.725 8.544   2.056   1.00 73.21  ? 257 SER B O   1 
ATOM   724  C  CB  . SER B 1 40 ? -10.624 11.343  3.768   1.00 77.53  ? 257 SER B CB  1 
ATOM   725  O  OG  . SER B 1 40 ? -9.536  11.388  2.860   1.00 77.78  ? 257 SER B OG  1 
ATOM   726  N  N   . GLU B 1 41 ? -11.071 8.254   4.265   1.00 73.67  ? 258 GLU B N   1 
ATOM   727  C  CA  . GLU B 1 41 ? -10.617 6.868   4.251   1.00 71.85  ? 258 GLU B CA  1 
ATOM   728  C  C   . GLU B 1 41 ? -11.393 6.080   3.202   1.00 69.36  ? 258 GLU B C   1 
ATOM   729  O  O   . GLU B 1 41 ? -10.847 5.582   2.221   1.00 68.53  ? 258 GLU B O   1 
ATOM   730  C  CB  . GLU B 1 41 ? -10.789 6.232   5.628   1.00 77.04  ? 258 GLU B CB  1 
ATOM   731  C  CG  . GLU B 1 41 ? -9.800  6.728   6.669   1.00 82.36  ? 258 GLU B CG  1 
ATOM   732  C  CD  . GLU B 1 41 ? -9.148  5.598   7.440   1.00 87.06  ? 258 GLU B CD  1 
ATOM   733  O  OE1 . GLU B 1 41 ? -7.904  5.482   7.390   1.00 89.68  ? 258 GLU B OE1 1 
ATOM   734  O  OE2 . GLU B 1 41 ? -9.880  4.824   8.094   1.00 99.96  ? 258 GLU B OE2 1 
ATOM   735  N  N   . LEU B 1 42 ? -12.704 5.980   3.425   1.00 66.67  ? 259 LEU B N   1 
ATOM   736  C  CA  . LEU B 1 42 ? -13.538 5.258   2.471   1.00 64.92  ? 259 LEU B CA  1 
ATOM   737  C  C   . LEU B 1 42 ? -13.552 5.989   1.136   1.00 62.99  ? 259 LEU B C   1 
ATOM   738  O  O   . LEU B 1 42 ? -13.628 5.365   0.076   1.00 70.56  ? 259 LEU B O   1 
ATOM   739  C  CB  . LEU B 1 42 ? -14.954 5.071   3.011   1.00 68.72  ? 259 LEU B CB  1 
ATOM   740  C  CG  . LEU B 1 42 ? -15.556 3.673   2.817   1.00 73.85  ? 259 LEU B CG  1 
ATOM   741  C  CD1 . LEU B 1 42 ? -14.462 2.619   2.732   1.00 58.89  ? 259 LEU B CD1 1 
ATOM   742  C  CD2 . LEU B 1 42 ? -16.533 3.349   3.940   1.00 88.99  ? 259 LEU B CD2 1 
ATOM   743  N  N   . SER B 1 43 ? -13.471 7.320   1.184   1.00 60.05  ? 260 SER B N   1 
ATOM   744  C  CA  . SER B 1 43 ? -13.412 8.049   -0.084  1.00 62.43  ? 260 SER B CA  1 
ATOM   745  C  C   . SER B 1 43 ? -12.189 7.572   -0.867  1.00 61.86  ? 260 SER B C   1 
ATOM   746  O  O   . SER B 1 43 ? -12.253 7.370   -2.075  1.00 75.13  ? 260 SER B O   1 
ATOM   747  C  CB  . SER B 1 43 ? -13.360 9.557   0.120   1.00 67.70  ? 260 SER B CB  1 
ATOM   748  O  OG  . SER B 1 43 ? -14.565 10.023  0.708   1.00 85.34  ? 260 SER B OG  1 
ATOM   749  N  N   . ASP B 1 44 ? -11.099 7.395   -0.132  1.00 58.53  ? 261 ASP B N   1 
ATOM   750  C  CA  . ASP B 1 44 ? -9.853  6.885   -0.682  1.00 56.23  ? 261 ASP B CA  1 
ATOM   751  C  C   . ASP B 1 44 ? -10.035 5.485   -1.260  1.00 56.36  ? 261 ASP B C   1 
ATOM   752  O  O   . ASP B 1 44 ? -9.607  5.206   -2.380  1.00 71.38  ? 261 ASP B O   1 
ATOM   753  C  CB  . ASP B 1 44 ? -8.788  6.857   0.411   1.00 61.48  ? 261 ASP B CB  1 
ATOM   754  C  CG  . ASP B 1 44 ? -7.449  7.396   -0.046  1.00 60.45  ? 261 ASP B CG  1 
ATOM   755  O  OD1 . ASP B 1 44 ? -7.404  8.520   -0.582  1.00 38.64  ? 261 ASP B OD1 1 
ATOM   756  O  OD2 . ASP B 1 44 ? -6.441  6.683   0.142   1.00 79.02  ? 261 ASP B OD2 1 
ATOM   757  N  N   . LEU B 1 45 ? -10.673 4.628   -0.469  1.00 48.76  ? 262 LEU B N   1 
ATOM   758  C  CA  . LEU B 1 45 ? -10.939 3.242   -0.856  1.00 33.64  ? 262 LEU B CA  1 
ATOM   759  C  C   . LEU B 1 45 ? -11.832 3.199   -2.084  1.00 24.04  ? 262 LEU B C   1 
ATOM   760  O  O   . LEU B 1 45 ? -11.734 2.322   -2.945  1.00 41.33  ? 262 LEU B O   1 
ATOM   761  C  CB  . LEU B 1 45 ? -11.555 2.494   0.322   1.00 39.04  ? 262 LEU B CB  1 
ATOM   762  C  CG  . LEU B 1 45 ? -11.552 0.968   0.302   1.00 45.22  ? 262 LEU B CG  1 
ATOM   763  C  CD1 . LEU B 1 45 ? -10.173 0.411   -0.020  1.00 37.47  ? 262 LEU B CD1 1 
ATOM   764  C  CD2 . LEU B 1 45 ? -12.041 0.409   1.634   1.00 41.31  ? 262 LEU B CD2 1 
ATOM   765  N  N   . GLY B 1 46 ? -12.744 4.162   -2.223  1.00 24.15  ? 263 GLY B N   1 
ATOM   766  C  CA  . GLY B 1 46 ? -13.617 4.133   -3.387  1.00 33.66  ? 263 GLY B CA  1 
ATOM   767  C  C   . GLY B 1 46 ? -12.865 4.348   -4.691  1.00 43.77  ? 263 GLY B C   1 
ATOM   768  O  O   . GLY B 1 46 ? -13.152 3.681   -5.690  1.00 38.34  ? 263 GLY B O   1 
ATOM   769  N  N   . THR B 1 47 ? -11.916 5.274   -4.650  1.00 51.34  ? 264 THR B N   1 
ATOM   770  C  CA  . THR B 1 47 ? -11.062 5.655   -5.764  1.00 53.41  ? 264 THR B CA  1 
ATOM   771  C  C   . THR B 1 47 ? -10.203 4.500   -6.260  1.00 53.17  ? 264 THR B C   1 
ATOM   772  O  O   . THR B 1 47 ? -10.130 4.213   -7.457  1.00 38.44  ? 264 THR B O   1 
ATOM   773  C  CB  . THR B 1 47 ? -10.133 6.821   -5.368  1.00 57.68  ? 264 THR B CB  1 
ATOM   774  O  OG1 . THR B 1 47 ? -10.929 7.977   -5.079  1.00 70.13  ? 264 THR B OG1 1 
ATOM   775  C  CG2 . THR B 1 47 ? -9.218  7.177   -6.529  1.00 57.11  ? 264 THR B CG2 1 
ATOM   776  N  N   . LEU B 1 48 ? -9.544  3.825   -5.321  1.00 56.49  ? 265 LEU B N   1 
ATOM   777  C  CA  . LEU B 1 48 ? -8.770  2.639   -5.679  1.00 57.94  ? 265 LEU B CA  1 
ATOM   778  C  C   . LEU B 1 48 ? -9.655  1.651   -6.431  1.00 58.60  ? 265 LEU B C   1 
ATOM   779  O  O   . LEU B 1 48 ? -9.317  1.129   -7.490  1.00 57.06  ? 265 LEU B O   1 
ATOM   780  C  CB  . LEU B 1 48 ? -8.184  1.990   -4.425  1.00 57.10  ? 265 LEU B CB  1 
ATOM   781  C  CG  . LEU B 1 48 ? -7.360  0.719   -4.644  1.00 53.81  ? 265 LEU B CG  1 
ATOM   782  C  CD1 . LEU B 1 48 ? -6.224  0.992   -5.617  1.00 61.40  ? 265 LEU B CD1 1 
ATOM   783  C  CD2 . LEU B 1 48 ? -6.829  0.182   -3.324  1.00 39.12  ? 265 LEU B CD2 1 
ATOM   784  N  N   . ILE B 1 49 ? -10.825 1.408   -5.843  1.00 61.46  ? 266 ILE B N   1 
ATOM   785  C  CA  . ILE B 1 49 ? -11.781 0.470   -6.426  1.00 65.74  ? 266 ILE B CA  1 
ATOM   786  C  C   . ILE B 1 49 ? -12.200 0.940   -7.810  1.00 61.25  ? 266 ILE B C   1 
ATOM   787  O  O   . ILE B 1 49 ? -12.212 0.171   -8.771  1.00 51.42  ? 266 ILE B O   1 
ATOM   788  C  CB  . ILE B 1 49 ? -13.004 0.289   -5.508  1.00 66.04  ? 266 ILE B CB  1 
ATOM   789  C  CG1 . ILE B 1 49 ? -12.721 -0.591  -4.284  1.00 60.68  ? 266 ILE B CG1 1 
ATOM   790  C  CG2 . ILE B 1 49 ? -14.208 -0.236  -6.273  1.00 51.58  ? 266 ILE B CG2 1 
ATOM   791  C  CD1 . ILE B 1 49 ? -13.560 -0.230  -3.077  1.00 75.36  ? 266 ILE B CD1 1 
ATOM   792  N  N   . LYS B 1 50 ? -12.538 2.226   -7.918  1.00 63.09  ? 267 LYS B N   1 
ATOM   793  C  CA  . LYS B 1 50 ? -12.910 2.747   -9.233  1.00 65.02  ? 267 LYS B CA  1 
ATOM   794  C  C   . LYS B 1 50 ? -11.713 2.713   -10.177 1.00 68.08  ? 267 LYS B C   1 
ATOM   795  O  O   . LYS B 1 50 ? -11.877 2.610   -11.393 1.00 67.58  ? 267 LYS B O   1 
ATOM   796  C  CB  . LYS B 1 50 ? -13.477 4.163   -9.120  1.00 60.07  ? 267 LYS B CB  1 
ATOM   797  C  CG  . LYS B 1 50 ? -14.771 4.365   -9.896  1.00 53.11  ? 267 LYS B CG  1 
ATOM   798  C  CD  . LYS B 1 50 ? -14.513 4.384   -11.394 1.00 53.18  ? 267 LYS B CD  1 
ATOM   799  C  CE  . LYS B 1 50 ? -15.797 4.484   -12.197 1.00 56.45  ? 267 LYS B CE  1 
ATOM   800  N  NZ  . LYS B 1 50 ? -16.117 5.877   -12.611 1.00 54.45  ? 267 LYS B NZ  1 
ATOM   801  N  N   . ASP B 1 51 ? -10.508 2.790   -9.618  1.00 71.29  ? 268 ASP B N   1 
ATOM   802  C  CA  . ASP B 1 51 ? -9.297  2.757   -10.433 1.00 72.19  ? 268 ASP B CA  1 
ATOM   803  C  C   . ASP B 1 51 ? -9.083  1.383   -11.059 1.00 74.32  ? 268 ASP B C   1 
ATOM   804  O  O   . ASP B 1 51 ? -8.987  1.262   -12.280 1.00 65.23  ? 268 ASP B O   1 
ATOM   805  C  CB  . ASP B 1 51 ? -8.068  3.139   -9.606  1.00 67.57  ? 268 ASP B CB  1 
ATOM   806  C  CG  . ASP B 1 51 ? -7.518  4.503   -9.967  1.00 62.05  ? 268 ASP B CG  1 
ATOM   807  O  OD1 . ASP B 1 51 ? -7.876  5.027   -11.043 1.00 55.65  ? 268 ASP B OD1 1 
ATOM   808  O  OD2 . ASP B 1 51 ? -6.718  5.054   -9.182  1.00 55.24  ? 268 ASP B OD2 1 
ATOM   809  N  N   . ASN B 1 52 ? -9.009  0.361   -10.211 1.00 79.50  ? 269 ASN B N   1 
ATOM   810  C  CA  . ASN B 1 52 ? -8.785  -1.001  -10.682 1.00 82.66  ? 269 ASN B CA  1 
ATOM   811  C  C   . ASN B 1 52 ? -9.959  -1.487  -11.525 1.00 81.37  ? 269 ASN B C   1 
ATOM   812  O  O   . ASN B 1 52 ? -9.810  -2.404  -12.332 1.00 92.11  ? 269 ASN B O   1 
ATOM   813  C  CB  . ASN B 1 52 ? -8.553  -1.948  -9.505  1.00 87.10  ? 269 ASN B CB  1 
ATOM   814  C  CG  . ASN B 1 52 ? -7.092  -2.012  -9.106  1.00 91.42  ? 269 ASN B CG  1 
ATOM   815  O  OD1 . ASN B 1 52 ? -6.488  -3.083  -9.087  1.00 96.04  ? 269 ASN B OD1 1 
ATOM   816  N  ND2 . ASN B 1 52 ? -6.520  -0.855  -8.789  1.00 102.16 ? 269 ASN B ND2 1 
ATOM   817  N  N   . LEU B 1 53 ? -11.107 -0.853  -11.324 1.00 77.62  ? 270 LEU B N   1 
ATOM   818  C  CA  . LEU B 1 53 ? -12.315 -1.107  -12.095 1.00 75.71  ? 270 LEU B CA  1 
ATOM   819  C  C   . LEU B 1 53 ? -12.077 -0.837  -13.580 1.00 78.21  ? 270 LEU B C   1 
ATOM   820  O  O   . LEU B 1 53 ? -12.733 -1.393  -14.460 1.00 61.77  ? 270 LEU B O   1 
ATOM   821  C  CB  . LEU B 1 53 ? -13.458 -0.231  -11.584 1.00 71.53  ? 270 LEU B CB  1 
ATOM   822  C  CG  . LEU B 1 53 ? -14.644 -0.940  -10.933 1.00 67.56  ? 270 LEU B CG  1 
ATOM   823  C  CD1 . LEU B 1 53 ? -14.457 -2.451  -10.954 1.00 50.96  ? 270 LEU B CD1 1 
ATOM   824  C  CD2 . LEU B 1 53 ? -14.844 -0.431  -9.512  1.00 61.03  ? 270 LEU B CD2 1 
ATOM   825  N  N   . LYS B 1 54 ? -11.113 0.040   -13.829 1.00 81.00  ? 271 LYS B N   1 
ATOM   826  C  CA  . LYS B 1 54 ? -10.682 0.430   -15.159 1.00 77.87  ? 271 LYS B CA  1 
ATOM   827  C  C   . LYS B 1 54 ? -9.246  -0.025  -15.413 1.00 78.81  ? 271 LYS B C   1 
ATOM   828  O  O   . LYS B 1 54 ? -8.908  -0.381  -16.541 1.00 86.29  ? 271 LYS B O   1 
ATOM   829  C  CB  . LYS B 1 54 ? -10.798 1.946   -15.336 1.00 72.65  ? 271 LYS B CB  1 
ATOM   830  C  CG  . LYS B 1 54 ? -9.585  2.723   -14.850 1.00 67.35  ? 271 LYS B CG  1 
ATOM   831  C  CD  . LYS B 1 54 ? -9.946  4.155   -14.500 1.00 67.16  ? 271 LYS B CD  1 
ATOM   832  C  CE  . LYS B 1 54 ? -11.448 4.341   -14.363 1.00 64.26  ? 271 LYS B CE  1 
ATOM   833  N  NZ  . LYS B 1 54 ? -11.796 5.184   -13.184 1.00 57.23  ? 271 LYS B NZ  1 
ATOM   834  N  N   . ARG B 1 55 ? -8.434  -0.002  -14.363 1.00 74.72  ? 272 ARG B N   1 
ATOM   835  C  CA  . ARG B 1 55 ? -7.021  -0.353  -14.437 1.00 71.29  ? 272 ARG B CA  1 
ATOM   836  C  C   . ARG B 1 55 ? -6.820  -1.664  -15.190 1.00 73.41  ? 272 ARG B C   1 
ATOM   837  O  O   . ARG B 1 55 ? -7.079  -1.763  -16.389 1.00 79.32  ? 272 ARG B O   1 
ATOM   838  C  CB  . ARG B 1 55 ? -6.417  -0.459  -13.037 1.00 65.85  ? 272 ARG B CB  1 
ATOM   839  C  CG  . ARG B 1 55 ? -5.549  0.711   -12.604 1.00 59.11  ? 272 ARG B CG  1 
ATOM   840  C  CD  . ARG B 1 55 ? -5.079  0.536   -11.170 1.00 50.76  ? 272 ARG B CD  1 
ATOM   841  N  NE  . ARG B 1 55 ? -4.613  1.773   -10.550 1.00 49.34  ? 272 ARG B NE  1 
ATOM   842  C  CZ  . ARG B 1 55 ? -3.869  1.817   -9.449  1.00 53.41  ? 272 ARG B CZ  1 
ATOM   843  N  NH1 . ARG B 1 55 ? -3.502  0.695   -8.841  1.00 65.14  ? 272 ARG B NH1 1 
ATOM   844  N  NH2 . ARG B 1 55 ? -3.478  2.972   -8.931  1.00 41.79  ? 272 ARG B NH2 1 
ATOM   845  N  N   . GLY C 1 4  ? 19.823  17.973  -27.397 1.00 86.42  ? 221 GLY C N   1 
ATOM   846  C  CA  . GLY C 1 4  ? 19.626  16.898  -26.441 1.00 81.41  ? 221 GLY C CA  1 
ATOM   847  C  C   . GLY C 1 4  ? 19.069  17.404  -25.123 1.00 78.88  ? 221 GLY C C   1 
ATOM   848  O  O   . GLY C 1 4  ? 19.540  18.414  -24.595 1.00 77.17  ? 221 GLY C O   1 
ATOM   849  N  N   . SER C 1 5  ? 18.068  16.705  -24.600 1.00 74.81  ? 222 SER C N   1 
ATOM   850  C  CA  . SER C 1 5  ? 17.425  17.081  -23.347 1.00 66.95  ? 222 SER C CA  1 
ATOM   851  C  C   . SER C 1 5  ? 18.257  16.628  -22.152 1.00 57.20  ? 222 SER C C   1 
ATOM   852  O  O   . SER C 1 5  ? 18.918  15.592  -22.232 1.00 46.25  ? 222 SER C O   1 
ATOM   853  C  CB  . SER C 1 5  ? 16.023  16.475  -23.253 1.00 67.20  ? 222 SER C CB  1 
ATOM   854  O  OG  . SER C 1 5  ? 15.795  15.902  -21.974 1.00 56.38  ? 222 SER C OG  1 
ATOM   855  N  N   . PRO C 1 6  ? 18.219  17.381  -21.062 1.00 51.59  ? 223 PRO C N   1 
ATOM   856  C  CA  . PRO C 1 6  ? 18.923  16.968  -19.846 1.00 41.99  ? 223 PRO C CA  1 
ATOM   857  C  C   . PRO C 1 6  ? 18.412  15.612  -19.378 1.00 39.24  ? 223 PRO C C   1 
ATOM   858  O  O   . PRO C 1 6  ? 17.347  15.147  -19.776 1.00 51.62  ? 223 PRO C O   1 
ATOM   859  C  CB  . PRO C 1 6  ? 18.556  18.045  -18.828 1.00 43.48  ? 223 PRO C CB  1 
ATOM   860  C  CG  . PRO C 1 6  ? 18.188  19.233  -19.654 1.00 47.74  ? 223 PRO C CG  1 
ATOM   861  C  CD  . PRO C 1 6  ? 17.519  18.663  -20.876 1.00 54.95  ? 223 PRO C CD  1 
ATOM   862  N  N   . GLU C 1 7  ? 19.180  14.953  -18.526 1.00 34.87  ? 224 GLU C N   1 
ATOM   863  C  CA  . GLU C 1 7  ? 18.796  13.664  -17.976 1.00 34.67  ? 224 GLU C CA  1 
ATOM   864  C  C   . GLU C 1 7  ? 19.353  13.547  -16.561 1.00 38.80  ? 224 GLU C C   1 
ATOM   865  O  O   . GLU C 1 7  ? 19.354  12.469  -15.973 1.00 48.85  ? 224 GLU C O   1 
ATOM   866  C  CB  . GLU C 1 7  ? 19.278  12.520  -18.862 1.00 40.53  ? 224 GLU C CB  1 
ATOM   867  C  CG  . GLU C 1 7  ? 18.478  12.412  -20.152 1.00 46.68  ? 224 GLU C CG  1 
ATOM   868  C  CD  . GLU C 1 7  ? 18.557  11.047  -20.795 1.00 53.61  ? 224 GLU C CD  1 
ATOM   869  O  OE1 . GLU C 1 7  ? 18.101  10.931  -21.951 1.00 61.58  ? 224 GLU C OE1 1 
ATOM   870  O  OE2 . GLU C 1 7  ? 19.069  10.111  -20.148 1.00 71.30  ? 224 GLU C OE2 1 
ATOM   871  N  N   . TYR C 1 8  ? 19.808  14.698  -16.062 1.00 35.87  ? 225 TYR C N   1 
ATOM   872  C  CA  . TYR C 1 8  ? 20.251  14.815  -14.683 1.00 37.20  ? 225 TYR C CA  1 
ATOM   873  C  C   . TYR C 1 8  ? 19.808  16.140  -14.062 1.00 41.32  ? 225 TYR C C   1 
ATOM   874  O  O   . TYR C 1 8  ? 19.858  17.196  -14.690 1.00 38.98  ? 225 TYR C O   1 
ATOM   875  C  CB  . TYR C 1 8  ? 21.773  14.681  -14.529 1.00 37.32  ? 225 TYR C CB  1 
ATOM   876  C  CG  . TYR C 1 8  ? 22.114  14.686  -13.047 1.00 38.16  ? 225 TYR C CG  1 
ATOM   877  C  CD1 . TYR C 1 8  ? 22.657  15.802  -12.433 1.00 38.14  ? 225 TYR C CD1 1 
ATOM   878  C  CD2 . TYR C 1 8  ? 21.865  13.557  -12.279 1.00 38.74  ? 225 TYR C CD2 1 
ATOM   879  C  CE1 . TYR C 1 8  ? 22.953  15.782  -11.082 1.00 41.83  ? 225 TYR C CE1 1 
ATOM   880  C  CE2 . TYR C 1 8  ? 22.159  13.531  -10.931 1.00 37.88  ? 225 TYR C CE2 1 
ATOM   881  C  CZ  . TYR C 1 8  ? 22.703  14.649  -10.339 1.00 41.58  ? 225 TYR C CZ  1 
ATOM   882  O  OH  . TYR C 1 8  ? 22.998  14.628  -8.993  1.00 44.59  ? 225 TYR C OH  1 
ATOM   883  N  N   . LEU C 1 9  ? 19.361  16.052  -12.810 1.00 41.07  ? 226 LEU C N   1 
ATOM   884  C  CA  . LEU C 1 9  ? 18.809  17.206  -12.107 1.00 32.07  ? 226 LEU C CA  1 
ATOM   885  C  C   . LEU C 1 9  ? 19.561  17.427  -10.801 1.00 31.15  ? 226 LEU C C   1 
ATOM   886  O  O   . LEU C 1 9  ? 19.721  16.494  -10.016 1.00 49.01  ? 226 LEU C O   1 
ATOM   887  C  CB  . LEU C 1 9  ? 17.327  17.016  -11.824 1.00 37.93  ? 226 LEU C CB  1 
ATOM   888  C  CG  . LEU C 1 9  ? 16.318  17.668  -12.764 1.00 43.35  ? 226 LEU C CG  1 
ATOM   889  C  CD1 . LEU C 1 9  ? 14.910  17.167  -12.473 1.00 46.59  ? 226 LEU C CD1 1 
ATOM   890  C  CD2 . LEU C 1 9  ? 16.383  19.183  -12.646 1.00 43.13  ? 226 LEU C CD2 1 
ATOM   891  N  N   . SER C 1 10 ? 20.027  18.651  -10.588 1.00 32.76  ? 227 SER C N   1 
ATOM   892  C  CA  . SER C 1 10 ? 20.811  18.919  -9.384  1.00 38.16  ? 227 SER C CA  1 
ATOM   893  C  C   . SER C 1 10 ? 20.043  18.529  -8.129  1.00 41.87  ? 227 SER C C   1 
ATOM   894  O  O   . SER C 1 10 ? 18.813  18.588  -8.078  1.00 50.78  ? 227 SER C O   1 
ATOM   895  C  CB  . SER C 1 10 ? 21.209  20.392  -9.355  1.00 39.90  ? 227 SER C CB  1 
ATOM   896  O  OG  . SER C 1 10 ? 20.303  21.162  -8.593  1.00 40.45  ? 227 SER C OG  1 
ATOM   897  N  N   . ASP C 1 11 ? 20.763  18.121  -7.089  1.00 37.53  ? 228 ASP C N   1 
ATOM   898  C  CA  . ASP C 1 11 ? 20.120  17.743  -5.840  1.00 38.55  ? 228 ASP C CA  1 
ATOM   899  C  C   . ASP C 1 11 ? 19.179  18.823  -5.314  1.00 42.43  ? 228 ASP C C   1 
ATOM   900  O  O   . ASP C 1 11 ? 18.225  18.496  -4.603  1.00 51.91  ? 228 ASP C O   1 
ATOM   901  C  CB  . ASP C 1 11 ? 21.170  17.440  -4.770  1.00 41.40  ? 228 ASP C CB  1 
ATOM   902  C  CG  . ASP C 1 11 ? 21.812  16.080  -4.935  1.00 45.95  ? 228 ASP C CG  1 
ATOM   903  O  OD1 . ASP C 1 11 ? 21.150  15.171  -5.477  1.00 66.54  ? 228 ASP C OD1 1 
ATOM   904  O  OD2 . ASP C 1 11 ? 22.980  15.927  -4.519  1.00 50.60  ? 228 ASP C OD2 1 
ATOM   905  N  N   . GLU C 1 12 ? 19.446  20.082  -5.640  1.00 41.64  ? 229 GLU C N   1 
ATOM   906  C  CA  . GLU C 1 12 ? 18.650  21.204  -5.158  1.00 37.61  ? 229 GLU C CA  1 
ATOM   907  C  C   . GLU C 1 12 ? 17.378  21.368  -5.979  1.00 42.03  ? 229 GLU C C   1 
ATOM   908  O  O   . GLU C 1 12 ? 16.357  21.863  -5.500  1.00 56.26  ? 229 GLU C O   1 
ATOM   909  C  CB  . GLU C 1 12 ? 19.467  22.500  -5.171  1.00 31.97  ? 229 GLU C CB  1 
ATOM   910  C  CG  . GLU C 1 12 ? 20.431  22.641  -4.005  1.00 41.61  ? 229 GLU C CG  1 
ATOM   911  C  CD  . GLU C 1 12 ? 20.679  24.073  -3.577  1.00 53.06  ? 229 GLU C CD  1 
ATOM   912  O  OE1 . GLU C 1 12 ? 21.070  24.280  -2.405  1.00 69.86  ? 229 GLU C OE1 1 
ATOM   913  O  OE2 . GLU C 1 12 ? 20.491  25.004  -4.390  1.00 48.72  ? 229 GLU C OE2 1 
ATOM   914  N  N   . ILE C 1 13 ? 17.412  20.956  -7.246  1.00 42.20  ? 230 ILE C N   1 
ATOM   915  C  CA  . ILE C 1 13 ? 16.203  21.110  -8.054  1.00 41.32  ? 230 ILE C CA  1 
ATOM   916  C  C   . ILE C 1 13 ? 15.214  20.003  -7.685  1.00 41.08  ? 230 ILE C C   1 
ATOM   917  O  O   . ILE C 1 13 ? 14.054  20.288  -7.400  1.00 52.73  ? 230 ILE C O   1 
ATOM   918  C  CB  . ILE C 1 13 ? 16.491  21.076  -9.558  1.00 40.32  ? 230 ILE C CB  1 
ATOM   919  C  CG1 . ILE C 1 13 ? 17.505  22.120  -10.041 1.00 39.63  ? 230 ILE C CG1 1 
ATOM   920  C  CG2 . ILE C 1 13 ? 15.184  21.193  -10.327 1.00 16.17  ? 230 ILE C CG2 1 
ATOM   921  C  CD1 . ILE C 1 13 ? 17.393  22.419  -11.525 1.00 25.06  ? 230 ILE C CD1 1 
ATOM   922  N  N   . PHE C 1 14 ? 15.727  18.781  -7.692  1.00 37.09  ? 231 PHE C N   1 
ATOM   923  C  CA  . PHE C 1 14 ? 15.023  17.609  -7.200  1.00 38.71  ? 231 PHE C CA  1 
ATOM   924  C  C   . PHE C 1 14 ? 14.322  17.949  -5.887  1.00 41.25  ? 231 PHE C C   1 
ATOM   925  O  O   . PHE C 1 14 ? 13.096  17.993  -5.819  1.00 68.80  ? 231 PHE C O   1 
ATOM   926  C  CB  . PHE C 1 14 ? 15.993  16.452  -6.996  1.00 38.73  ? 231 PHE C CB  1 
ATOM   927  C  CG  . PHE C 1 14 ? 15.398  15.082  -6.824  1.00 36.58  ? 231 PHE C CG  1 
ATOM   928  C  CD1 . PHE C 1 14 ? 14.629  14.496  -7.817  1.00 32.30  ? 231 PHE C CD1 1 
ATOM   929  C  CD2 . PHE C 1 14 ? 15.609  14.361  -5.657  1.00 36.73  ? 231 PHE C CD2 1 
ATOM   930  C  CE1 . PHE C 1 14 ? 14.094  13.232  -7.649  1.00 30.43  ? 231 PHE C CE1 1 
ATOM   931  C  CE2 . PHE C 1 14 ? 15.084  13.095  -5.478  1.00 31.61  ? 231 PHE C CE2 1 
ATOM   932  C  CZ  . PHE C 1 14 ? 14.322  12.524  -6.483  1.00 29.19  ? 231 PHE C CZ  1 
ATOM   933  N  N   . SER C 1 15 ? 15.117  18.209  -4.858  1.00 36.12  ? 232 SER C N   1 
ATOM   934  C  CA  . SER C 1 15 ? 14.604  18.503  -3.529  1.00 32.46  ? 232 SER C CA  1 
ATOM   935  C  C   . SER C 1 15 ? 13.566  19.617  -3.567  1.00 43.66  ? 232 SER C C   1 
ATOM   936  O  O   . SER C 1 15 ? 12.533  19.557  -2.896  1.00 51.72  ? 232 SER C O   1 
ATOM   937  C  CB  . SER C 1 15 ? 15.741  18.887  -2.583  1.00 26.21  ? 232 SER C CB  1 
ATOM   938  O  OG  . SER C 1 15 ? 15.256  19.687  -1.517  1.00 46.56  ? 232 SER C OG  1 
ATOM   939  N  N   . ALA C 1 16 ? 13.845  20.647  -4.364  1.00 41.54  ? 233 ALA C N   1 
ATOM   940  C  CA  . ALA C 1 16 ? 12.889  21.746  -4.469  1.00 36.63  ? 233 ALA C CA  1 
ATOM   941  C  C   . ALA C 1 16 ? 11.587  21.215  -5.065  1.00 41.41  ? 233 ALA C C   1 
ATOM   942  O  O   . ALA C 1 16 ? 10.501  21.481  -4.555  1.00 46.74  ? 233 ALA C O   1 
ATOM   943  C  CB  . ALA C 1 16 ? 13.457  22.869  -5.309  1.00 36.62  ? 233 ALA C CB  1 
ATOM   944  N  N   . ILE C 1 17 ? 11.750  20.453  -6.139  1.00 39.37  ? 234 ILE C N   1 
ATOM   945  C  CA  . ILE C 1 17 ? 10.660  19.828  -6.868  1.00 44.37  ? 234 ILE C CA  1 
ATOM   946  C  C   . ILE C 1 17 ? 9.932   18.793  -6.018  1.00 59.24  ? 234 ILE C C   1 
ATOM   947  O  O   . ILE C 1 17 ? 8.846   18.321  -6.368  1.00 72.90  ? 234 ILE C O   1 
ATOM   948  C  CB  . ILE C 1 17 ? 11.178  19.163  -8.156  1.00 41.37  ? 234 ILE C CB  1 
ATOM   949  C  CG1 . ILE C 1 17 ? 11.854  20.137  -9.125  1.00 38.11  ? 234 ILE C CG1 1 
ATOM   950  C  CG2 . ILE C 1 17 ? 10.074  18.407  -8.878  1.00 48.17  ? 234 ILE C CG2 1 
ATOM   951  C  CD1 . ILE C 1 17 ? 11.831  19.645  -10.556 1.00 36.78  ? 234 ILE C CD1 1 
ATOM   952  N  N   . ASN C 1 18 ? 10.516  18.423  -4.878  1.00 58.66  ? 235 ASN C N   1 
ATOM   953  C  CA  . ASN C 1 18 ? 9.854   17.443  -4.017  1.00 59.63  ? 235 ASN C CA  1 
ATOM   954  C  C   . ASN C 1 18 ? 8.968   18.137  -2.985  1.00 59.95  ? 235 ASN C C   1 
ATOM   955  O  O   . ASN C 1 18 ? 7.873   17.653  -2.683  1.00 64.88  ? 235 ASN C O   1 
ATOM   956  C  CB  . ASN C 1 18 ? 10.898  16.534  -3.366  1.00 56.34  ? 235 ASN C CB  1 
ATOM   957  C  CG  . ASN C 1 18 ? 11.471  15.521  -4.343  1.00 53.57  ? 235 ASN C CG  1 
ATOM   958  O  OD1 . ASN C 1 18 ? 10.954  15.335  -5.449  1.00 47.43  ? 235 ASN C OD1 1 
ATOM   959  N  ND2 . ASN C 1 18 ? 12.549  14.848  -3.952  1.00 29.85  ? 235 ASN C ND2 1 
ATOM   960  N  N   . ASN C 1 19 ? 9.418   19.265  -2.456  1.00 55.15  ? 236 ASN C N   1 
ATOM   961  C  CA  . ASN C 1 19 ? 8.709   20.053  -1.464  1.00 46.96  ? 236 ASN C CA  1 
ATOM   962  C  C   . ASN C 1 19 ? 7.370   20.585  -1.958  1.00 51.98  ? 236 ASN C C   1 
ATOM   963  O  O   . ASN C 1 19 ? 6.462   20.794  -1.153  1.00 63.71  ? 236 ASN C O   1 
ATOM   964  C  CB  . ASN C 1 19 ? 9.550   21.259  -1.021  1.00 41.95  ? 236 ASN C CB  1 
ATOM   965  C  CG  . ASN C 1 19 ? 10.529  20.859  0.065   1.00 44.97  ? 236 ASN C CG  1 
ATOM   966  O  OD1 . ASN C 1 19 ? 10.791  19.667  0.230   1.00 40.13  ? 236 ASN C OD1 1 
ATOM   967  N  ND2 . ASN C 1 19 ? 11.051  21.845  0.782   1.00 58.56  ? 236 ASN C ND2 1 
ATOM   968  N  N   . ASN C 1 20 ? 7.258   20.817  -3.259  1.00 56.61  ? 237 ASN C N   1 
ATOM   969  C  CA  . ASN C 1 20 ? 6.002   21.275  -3.841  1.00 53.85  ? 237 ASN C CA  1 
ATOM   970  C  C   . ASN C 1 20 ? 5.260   20.092  -4.460  1.00 47.26  ? 237 ASN C C   1 
ATOM   971  O  O   . ASN C 1 20 ? 4.505   20.239  -5.414  1.00 49.54  ? 237 ASN C O   1 
ATOM   972  C  CB  . ASN C 1 20 ? 6.216   22.357  -4.897  1.00 58.48  ? 237 ASN C CB  1 
ATOM   973  C  CG  . ASN C 1 20 ? 5.149   23.436  -4.797  1.00 61.76  ? 237 ASN C CG  1 
ATOM   974  O  OD1 . ASN C 1 20 ? 5.168   24.229  -3.853  1.00 57.03  ? 237 ASN C OD1 1 
ATOM   975  N  ND2 . ASN C 1 20 ? 4.236   23.450  -5.763  1.00 46.51  ? 237 ASN C ND2 1 
ATOM   976  N  N   . LEU C 1 21 ? 5.522   18.932  -3.882  1.00 42.18  ? 238 LEU C N   1 
ATOM   977  C  CA  . LEU C 1 21 ? 4.889   17.677  -4.259  1.00 41.05  ? 238 LEU C CA  1 
ATOM   978  C  C   . LEU C 1 21 ? 4.010   17.225  -3.098  1.00 45.02  ? 238 LEU C C   1 
ATOM   979  O  O   . LEU C 1 21 ? 4.423   17.382  -1.942  1.00 34.44  ? 238 LEU C O   1 
ATOM   980  C  CB  . LEU C 1 21 ? 5.941   16.629  -4.607  1.00 35.01  ? 238 LEU C CB  1 
ATOM   981  C  CG  . LEU C 1 21 ? 6.215   16.397  -6.092  1.00 33.34  ? 238 LEU C CG  1 
ATOM   982  C  CD1 . LEU C 1 21 ? 7.283   15.331  -6.303  1.00 21.03  ? 238 LEU C CD1 1 
ATOM   983  C  CD2 . LEU C 1 21 ? 4.926   16.019  -6.809  1.00 32.04  ? 238 LEU C CD2 1 
ATOM   984  N  N   . PRO C 1 22 ? 2.827   16.696  -3.371  1.00 49.78  ? 239 PRO C N   1 
ATOM   985  C  CA  . PRO C 1 22 ? 1.955   16.271  -2.261  1.00 39.35  ? 239 PRO C CA  1 
ATOM   986  C  C   . PRO C 1 22 ? 2.700   15.243  -1.417  1.00 38.44  ? 239 PRO C C   1 
ATOM   987  O  O   . PRO C 1 22 ? 3.452   14.431  -1.954  1.00 40.10  ? 239 PRO C O   1 
ATOM   988  C  CB  . PRO C 1 22 ? 0.749   15.658  -2.953  1.00 40.37  ? 239 PRO C CB  1 
ATOM   989  C  CG  . PRO C 1 22 ? 0.772   16.211  -4.339  1.00 50.22  ? 239 PRO C CG  1 
ATOM   990  C  CD  . PRO C 1 22 ? 2.217   16.449  -4.685  1.00 49.30  ? 239 PRO C CD  1 
ATOM   991  N  N   . HIS C 1 23 ? 2.504   15.305  -0.110  1.00 43.99  ? 240 HIS C N   1 
ATOM   992  C  CA  A HIS C 1 23 ? 3.148   14.414  0.846   0.50 49.66  ? 240 HIS C CA  1 
ATOM   993  C  CA  B HIS C 1 23 ? 3.245   14.410  0.780   0.50 49.61  ? 240 HIS C CA  1 
ATOM   994  C  C   . HIS C 1 23 ? 2.930   12.947  0.495   1.00 52.45  ? 240 HIS C C   1 
ATOM   995  O  O   . HIS C 1 23 ? 3.730   12.076  0.850   1.00 58.00  ? 240 HIS C O   1 
ATOM   996  C  CB  A HIS C 1 23 ? 2.608   14.706  2.249   0.50 50.60  ? 240 HIS C CB  1 
ATOM   997  C  CB  B HIS C 1 23 ? 2.964   14.807  2.234   0.50 51.25  ? 240 HIS C CB  1 
ATOM   998  C  CG  A HIS C 1 23 ? 3.486   14.286  3.383   0.50 47.86  ? 240 HIS C CG  1 
ATOM   999  C  CG  B HIS C 1 23 ? 3.487   16.180  2.548   0.50 55.56  ? 240 HIS C CG  1 
ATOM   1000 N  ND1 A HIS C 1 23 ? 3.462   14.922  4.607   0.50 41.82  ? 240 HIS C ND1 1 
ATOM   1001 N  ND1 B HIS C 1 23 ? 4.521   16.409  3.427   0.50 57.87  ? 240 HIS C ND1 1 
ATOM   1002 C  CD2 A HIS C 1 23 ? 4.407   13.302  3.501   0.50 46.57  ? 240 HIS C CD2 1 
ATOM   1003 C  CD2 B HIS C 1 23 ? 3.121   17.400  2.091   0.50 56.34  ? 240 HIS C CD2 1 
ATOM   1004 C  CE1 A HIS C 1 23 ? 4.328   14.354  5.423   0.50 42.01  ? 240 HIS C CE1 1 
ATOM   1005 C  CE1 B HIS C 1 23 ? 4.767   17.706  3.502   0.50 56.01  ? 240 HIS C CE1 1 
ATOM   1006 N  NE2 A HIS C 1 23 ? 4.918   13.364  4.776   0.50 45.32  ? 240 HIS C NE2 1 
ATOM   1007 N  NE2 B HIS C 1 23 ? 3.928   18.334  2.698   0.50 54.77  ? 240 HIS C NE2 1 
ATOM   1008 N  N   . ALA C 1 24 ? 1.817   12.661  -0.176  1.00 50.83  ? 241 ALA C N   1 
ATOM   1009 C  CA  . ALA C 1 24 ? 1.463   11.297  -0.548  1.00 51.52  ? 241 ALA C CA  1 
ATOM   1010 C  C   . ALA C 1 24 ? 1.870   10.956  -1.974  1.00 57.02  ? 241 ALA C C   1 
ATOM   1011 O  O   . ALA C 1 24 ? 1.303   10.041  -2.580  1.00 62.90  ? 241 ALA C O   1 
ATOM   1012 C  CB  . ALA C 1 24 ? -0.037  11.068  -0.399  1.00 37.95  ? 241 ALA C CB  1 
ATOM   1013 N  N   . TYR C 1 25 ? 2.841   11.672  -2.541  1.00 55.96  ? 242 TYR C N   1 
ATOM   1014 C  CA  . TYR C 1 25 ? 3.223   11.336  -3.912  1.00 54.39  ? 242 TYR C CA  1 
ATOM   1015 C  C   . TYR C 1 25 ? 4.139   10.117  -3.937  1.00 50.89  ? 242 TYR C C   1 
ATOM   1016 O  O   . TYR C 1 25 ? 3.995   9.197   -4.740  1.00 63.75  ? 242 TYR C O   1 
ATOM   1017 C  CB  . TYR C 1 25 ? 3.913   12.514  -4.607  1.00 53.87  ? 242 TYR C CB  1 
ATOM   1018 C  CG  . TYR C 1 25 ? 4.494   12.136  -5.956  1.00 51.05  ? 242 TYR C CG  1 
ATOM   1019 C  CD1 . TYR C 1 25 ? 3.665   12.016  -7.065  1.00 48.82  ? 242 TYR C CD1 1 
ATOM   1020 C  CD2 . TYR C 1 25 ? 5.853   11.897  -6.125  1.00 43.78  ? 242 TYR C CD2 1 
ATOM   1021 C  CE1 . TYR C 1 25 ? 4.186   11.671  -8.300  1.00 48.71  ? 242 TYR C CE1 1 
ATOM   1022 C  CE2 . TYR C 1 25 ? 6.385   11.550  -7.355  1.00 35.14  ? 242 TYR C CE2 1 
ATOM   1023 C  CZ  . TYR C 1 25 ? 5.539   11.442  -8.438  1.00 42.43  ? 242 TYR C CZ  1 
ATOM   1024 O  OH  . TYR C 1 25 ? 6.037   11.098  -9.673  1.00 45.84  ? 242 TYR C OH  1 
ATOM   1025 N  N   . PHE C 1 26 ? 5.112   10.122  -3.035  1.00 40.56  ? 243 PHE C N   1 
ATOM   1026 C  CA  . PHE C 1 26 ? 6.134   9.077   -3.039  1.00 40.42  ? 243 PHE C CA  1 
ATOM   1027 C  C   . PHE C 1 26 ? 5.607   7.718   -2.628  1.00 37.57  ? 243 PHE C C   1 
ATOM   1028 O  O   . PHE C 1 26 ? 5.945   6.736   -3.310  1.00 31.21  ? 243 PHE C O   1 
ATOM   1029 C  CB  . PHE C 1 26 ? 7.287   9.577   -2.145  1.00 42.75  ? 243 PHE C CB  1 
ATOM   1030 C  CG  . PHE C 1 26 ? 7.364   11.088  -2.229  1.00 48.27  ? 243 PHE C CG  1 
ATOM   1031 C  CD1 . PHE C 1 26 ? 7.727   11.701  -3.418  1.00 52.75  ? 243 PHE C CD1 1 
ATOM   1032 C  CD2 . PHE C 1 26 ? 7.068   11.892  -1.143  1.00 48.06  ? 243 PHE C CD2 1 
ATOM   1033 C  CE1 . PHE C 1 26 ? 7.781   13.079  -3.506  1.00 55.59  ? 243 PHE C CE1 1 
ATOM   1034 C  CE2 . PHE C 1 26 ? 7.123   13.271  -1.217  1.00 45.62  ? 243 PHE C CE2 1 
ATOM   1035 C  CZ  . PHE C 1 26 ? 7.482   13.870  -2.411  1.00 49.37  ? 243 PHE C CZ  1 
ATOM   1036 N  N   . LYS C 1 27 ? 4.798   7.587   -1.574  1.00 37.55  ? 244 LYS C N   1 
ATOM   1037 C  CA  . LYS C 1 27 ? 4.301   6.239   -1.257  1.00 34.96  ? 244 LYS C CA  1 
ATOM   1038 C  C   . LYS C 1 27 ? 3.487   5.724   -2.440  1.00 34.01  ? 244 LYS C C   1 
ATOM   1039 O  O   . LYS C 1 27 ? 3.620   4.578   -2.865  1.00 32.22  ? 244 LYS C O   1 
ATOM   1040 C  CB  . LYS C 1 27 ? 3.482   6.163   0.019   1.00 39.75  ? 244 LYS C CB  1 
ATOM   1041 C  CG  . LYS C 1 27 ? 2.655   7.363   0.419   1.00 48.57  ? 244 LYS C CG  1 
ATOM   1042 C  CD  . LYS C 1 27 ? 1.285   6.967   0.952   1.00 48.63  ? 244 LYS C CD  1 
ATOM   1043 C  CE  . LYS C 1 27 ? 1.126   7.295   2.426   1.00 48.38  ? 244 LYS C CE  1 
ATOM   1044 N  NZ  . LYS C 1 27 ? 0.161   8.401   2.678   1.00 39.00  ? 244 LYS C NZ  1 
ATOM   1045 N  N   . ASN C 1 28 ? 2.641   6.590   -2.998  1.00 36.77  ? 245 ASN C N   1 
ATOM   1046 C  CA  . ASN C 1 28 ? 1.854   6.156   -4.151  1.00 43.78  ? 245 ASN C CA  1 
ATOM   1047 C  C   . ASN C 1 28 ? 2.775   5.747   -5.295  1.00 51.86  ? 245 ASN C C   1 
ATOM   1048 O  O   . ASN C 1 28 ? 2.588   4.716   -5.936  1.00 78.31  ? 245 ASN C O   1 
ATOM   1049 C  CB  . ASN C 1 28 ? 0.918   7.262   -4.622  1.00 47.84  ? 245 ASN C CB  1 
ATOM   1050 C  CG  . ASN C 1 28 ? -0.411  7.271   -3.898  1.00 44.23  ? 245 ASN C CG  1 
ATOM   1051 O  OD1 . ASN C 1 28 ? -1.389  6.690   -4.367  1.00 57.77  ? 245 ASN C OD1 1 
ATOM   1052 N  ND2 . ASN C 1 28 ? -0.445  7.949   -2.760  1.00 26.77  ? 245 ASN C ND2 1 
ATOM   1053 N  N   . LEU C 1 29 ? 3.771   6.594   -5.533  1.00 52.85  ? 246 LEU C N   1 
ATOM   1054 C  CA  . LEU C 1 29 ? 4.745   6.354   -6.592  1.00 49.44  ? 246 LEU C CA  1 
ATOM   1055 C  C   . LEU C 1 29 ? 5.519   5.078   -6.306  1.00 44.18  ? 246 LEU C C   1 
ATOM   1056 O  O   . LEU C 1 29 ? 5.690   4.211   -7.163  1.00 45.94  ? 246 LEU C O   1 
ATOM   1057 C  CB  . LEU C 1 29 ? 5.682   7.554   -6.715  1.00 55.86  ? 246 LEU C CB  1 
ATOM   1058 C  CG  . LEU C 1 29 ? 7.000   7.340   -7.455  1.00 55.70  ? 246 LEU C CG  1 
ATOM   1059 C  CD1 . LEU C 1 29 ? 6.895   7.824   -8.893  1.00 52.79  ? 246 LEU C CD1 1 
ATOM   1060 C  CD2 . LEU C 1 29 ? 8.137   8.045   -6.730  1.00 67.73  ? 246 LEU C CD2 1 
ATOM   1061 N  N   . LEU C 1 30 ? 5.986   4.957   -5.064  1.00 45.90  ? 247 LEU C N   1 
ATOM   1062 C  CA  . LEU C 1 30 ? 6.774   3.785   -4.691  1.00 52.26  ? 247 LEU C CA  1 
ATOM   1063 C  C   . LEU C 1 30 ? 6.067   2.477   -5.001  1.00 52.15  ? 247 LEU C C   1 
ATOM   1064 O  O   . LEU C 1 30 ? 6.713   1.477   -5.335  1.00 68.39  ? 247 LEU C O   1 
ATOM   1065 C  CB  . LEU C 1 30 ? 7.138   3.837   -3.202  1.00 47.42  ? 247 LEU C CB  1 
ATOM   1066 C  CG  . LEU C 1 30 ? 8.583   3.469   -2.853  1.00 45.61  ? 247 LEU C CG  1 
ATOM   1067 C  CD1 . LEU C 1 30 ? 8.622   2.671   -1.560  1.00 42.38  ? 247 LEU C CD1 1 
ATOM   1068 C  CD2 . LEU C 1 30 ? 9.247   2.696   -3.982  1.00 36.78  ? 247 LEU C CD2 1 
ATOM   1069 N  N   . PHE C 1 31 ? 4.737   2.416   -4.906  1.00 47.86  ? 248 PHE C N   1 
ATOM   1070 C  CA  . PHE C 1 31 ? 4.138   1.081   -5.116  1.00 42.93  ? 248 PHE C CA  1 
ATOM   1071 C  C   . PHE C 1 31 ? 3.651   0.908   -6.528  1.00 40.28  ? 248 PHE C C   1 
ATOM   1072 O  O   . PHE C 1 31 ? 3.465   -0.191  -7.059  1.00 33.97  ? 248 PHE C O   1 
ATOM   1073 C  CB  . PHE C 1 31 ? 3.060   0.867   -4.031  1.00 40.77  ? 248 PHE C CB  1 
ATOM   1074 C  CG  . PHE C 1 31 ? 3.769   0.843   -2.685  1.00 38.59  ? 248 PHE C CG  1 
ATOM   1075 C  CD1 . PHE C 1 31 ? 3.829   1.969   -1.891  1.00 32.11  ? 248 PHE C CD1 1 
ATOM   1076 C  CD2 . PHE C 1 31 ? 4.387   -0.312  -2.233  1.00 37.31  ? 248 PHE C CD2 1 
ATOM   1077 C  CE1 . PHE C 1 31 ? 4.495   1.978   -0.679  1.00 28.87  ? 248 PHE C CE1 1 
ATOM   1078 C  CE2 . PHE C 1 31 ? 5.061   -0.319  -1.029  1.00 33.42  ? 248 PHE C CE2 1 
ATOM   1079 C  CZ  . PHE C 1 31 ? 5.116   0.820   -0.250  1.00 32.75  ? 248 PHE C CZ  1 
ATOM   1080 N  N   . ARG C 1 32 ? 3.448   2.015   -7.252  1.00 43.62  ? 249 ARG C N   1 
ATOM   1081 C  CA  . ARG C 1 32 ? 3.099   1.775   -8.658  1.00 42.88  ? 249 ARG C CA  1 
ATOM   1082 C  C   . ARG C 1 32 ? 4.281   1.144   -9.380  1.00 40.46  ? 249 ARG C C   1 
ATOM   1083 O  O   . ARG C 1 32 ? 4.101   0.325   -10.282 1.00 41.89  ? 249 ARG C O   1 
ATOM   1084 C  CB  . ARG C 1 32 ? 2.645   3.071   -9.321  1.00 49.55  ? 249 ARG C CB  1 
ATOM   1085 C  CG  . ARG C 1 32 ? 1.128   3.178   -9.427  1.00 53.16  ? 249 ARG C CG  1 
ATOM   1086 C  CD  . ARG C 1 32 ? 0.702   4.609   -9.705  1.00 49.40  ? 249 ARG C CD  1 
ATOM   1087 N  NE  . ARG C 1 32 ? -0.348  5.050   -8.793  1.00 51.22  ? 249 ARG C NE  1 
ATOM   1088 C  CZ  . ARG C 1 32 ? -1.596  5.293   -9.176  1.00 51.42  ? 249 ARG C CZ  1 
ATOM   1089 N  NH1 . ARG C 1 32 ? -1.939  5.132   -10.446 1.00 44.07  ? 249 ARG C NH1 1 
ATOM   1090 N  NH2 . ARG C 1 32 ? -2.503  5.691   -8.297  1.00 55.17  ? 249 ARG C NH2 1 
ATOM   1091 N  N   . LEU C 1 33 ? 5.499   1.513   -8.985  1.00 43.54  ? 250 LEU C N   1 
ATOM   1092 C  CA  . LEU C 1 33 ? 6.696   0.940   -9.597  1.00 38.82  ? 250 LEU C CA  1 
ATOM   1093 C  C   . LEU C 1 33 ? 6.819   -0.539  -9.241  1.00 32.93  ? 250 LEU C C   1 
ATOM   1094 O  O   . LEU C 1 33 ? 6.776   -1.400  -10.112 1.00 45.33  ? 250 LEU C O   1 
ATOM   1095 C  CB  . LEU C 1 33 ? 7.967   1.664   -9.155  1.00 39.74  ? 250 LEU C CB  1 
ATOM   1096 C  CG  . LEU C 1 33 ? 7.912   3.193   -9.151  1.00 45.45  ? 250 LEU C CG  1 
ATOM   1097 C  CD1 . LEU C 1 33 ? 9.122   3.776   -8.437  1.00 42.89  ? 250 LEU C CD1 1 
ATOM   1098 C  CD2 . LEU C 1 33 ? 7.794   3.724   -10.573 1.00 43.10  ? 250 LEU C CD2 1 
ATOM   1099 N  N   . VAL C 1 34 ? 6.968   -0.774  -7.947  1.00 33.23  ? 251 VAL C N   1 
ATOM   1100 C  CA  . VAL C 1 34 ? 6.987   -2.102  -7.356  1.00 42.81  ? 251 VAL C CA  1 
ATOM   1101 C  C   . VAL C 1 34 ? 5.986   -3.051  -7.999  1.00 45.54  ? 251 VAL C C   1 
ATOM   1102 O  O   . VAL C 1 34 ? 6.330   -4.137  -8.469  1.00 52.04  ? 251 VAL C O   1 
ATOM   1103 C  CB  . VAL C 1 34 ? 6.679   -1.991  -5.845  1.00 50.08  ? 251 VAL C CB  1 
ATOM   1104 C  CG1 . VAL C 1 34 ? 6.551   -3.362  -5.206  1.00 39.41  ? 251 VAL C CG1 1 
ATOM   1105 C  CG2 . VAL C 1 34 ? 7.760   -1.165  -5.160  1.00 59.35  ? 251 VAL C CG2 1 
ATOM   1106 N  N   . ALA C 1 35 ? 4.721   -2.650  -8.033  1.00 51.08  ? 252 ALA C N   1 
ATOM   1107 C  CA  . ALA C 1 35 ? 3.644   -3.497  -8.528  1.00 58.11  ? 252 ALA C CA  1 
ATOM   1108 C  C   . ALA C 1 35 ? 3.865   -3.983  -9.952  1.00 60.28  ? 252 ALA C C   1 
ATOM   1109 O  O   . ALA C 1 35 ? 3.318   -5.009  -10.360 1.00 69.61  ? 252 ALA C O   1 
ATOM   1110 C  CB  . ALA C 1 35 ? 2.317   -2.744  -8.453  1.00 56.85  ? 252 ALA C CB  1 
ATOM   1111 N  N   . ASN C 1 36 ? 4.654   -3.244  -10.726 1.00 58.12  ? 253 ASN C N   1 
ATOM   1112 C  CA  . ASN C 1 36 ? 4.797   -3.590  -12.140 1.00 55.92  ? 253 ASN C CA  1 
ATOM   1113 C  C   . ASN C 1 36 ? 6.193   -4.101  -12.455 1.00 47.83  ? 253 ASN C C   1 
ATOM   1114 O  O   . ASN C 1 36 ? 6.597   -4.143  -13.617 1.00 62.39  ? 253 ASN C O   1 
ATOM   1115 C  CB  . ASN C 1 36 ? 4.435   -2.371  -12.993 1.00 64.01  ? 253 ASN C CB  1 
ATOM   1116 C  CG  . ASN C 1 36 ? 3.000   -1.930  -12.752 1.00 74.05  ? 253 ASN C CG  1 
ATOM   1117 O  OD1 . ASN C 1 36 ? 2.121   -2.145  -13.587 1.00 89.06  ? 253 ASN C OD1 1 
ATOM   1118 N  ND2 . ASN C 1 36 ? 2.749   -1.313  -11.602 1.00 77.96  ? 253 ASN C ND2 1 
HETATM 1119 N  N   . MSE C 1 37 ? 6.913   -4.497  -11.413 1.00 42.02  ? 254 MSE C N   1 
HETATM 1120 C  CA  . MSE C 1 37 ? 8.266   -5.030  -11.546 1.00 35.73  ? 254 MSE C CA  1 
HETATM 1121 C  C   . MSE C 1 37 ? 8.245   -6.539  -11.751 1.00 33.51  ? 254 MSE C C   1 
HETATM 1122 O  O   . MSE C 1 37 ? 7.516   -7.254  -11.065 1.00 51.79  ? 254 MSE C O   1 
HETATM 1123 C  CB  . MSE C 1 37 ? 9.104   -4.725  -10.304 1.00 31.58  ? 254 MSE C CB  1 
HETATM 1124 C  CG  . MSE C 1 37 ? 9.717   -3.322  -10.362 1.00 26.62  ? 254 MSE C CG  1 
HETATM 1125 SE SE  . MSE C 1 37 ? 10.847  -2.990  -8.805  1.00 66.70  ? 254 MSE C SE  1 
HETATM 1126 C  CE  . MSE C 1 37 ? 10.716  -1.070  -9.112  1.00 18.53  ? 254 MSE C CE  1 
ATOM   1127 N  N   . ASP C 1 38 ? 9.057   -7.041  -12.681 1.00 37.88  ? 255 ASP C N   1 
ATOM   1128 C  CA  . ASP C 1 38 ? 9.183   -8.493  -12.797 1.00 39.06  ? 255 ASP C CA  1 
ATOM   1129 C  C   . ASP C 1 38 ? 10.181  -9.015  -11.769 1.00 37.95  ? 255 ASP C C   1 
ATOM   1130 O  O   . ASP C 1 38 ? 10.787  -8.232  -11.034 1.00 57.83  ? 255 ASP C O   1 
ATOM   1131 C  CB  . ASP C 1 38 ? 9.615   -8.907  -14.197 1.00 49.23  ? 255 ASP C CB  1 
ATOM   1132 C  CG  . ASP C 1 38 ? 10.923  -8.290  -14.644 1.00 53.80  ? 255 ASP C CG  1 
ATOM   1133 O  OD1 . ASP C 1 38 ? 10.989  -7.867  -15.820 1.00 55.49  ? 255 ASP C OD1 1 
ATOM   1134 O  OD2 . ASP C 1 38 ? 11.880  -8.227  -13.846 1.00 53.36  ? 255 ASP C OD2 1 
ATOM   1135 N  N   . ARG C 1 39 ? 10.364  -10.327 -11.732 1.00 43.59  ? 256 ARG C N   1 
ATOM   1136 C  CA  . ARG C 1 39 ? 11.274  -10.953 -10.783 1.00 50.85  ? 256 ARG C CA  1 
ATOM   1137 C  C   . ARG C 1 39 ? 12.656  -10.305 -10.846 1.00 55.73  ? 256 ARG C C   1 
ATOM   1138 O  O   . ARG C 1 39 ? 13.347  -10.201 -9.834  1.00 71.90  ? 256 ARG C O   1 
ATOM   1139 C  CB  . ARG C 1 39 ? 11.400  -12.450 -11.055 1.00 57.48  ? 256 ARG C CB  1 
ATOM   1140 C  CG  . ARG C 1 39 ? 10.323  -13.330 -10.450 1.00 62.13  ? 256 ARG C CG  1 
ATOM   1141 C  CD  . ARG C 1 39 ? 10.658  -14.805 -10.629 1.00 62.67  ? 256 ARG C CD  1 
ATOM   1142 N  NE  . ARG C 1 39 ? 10.953  -15.467 -9.360  1.00 62.44  ? 256 ARG C NE  1 
ATOM   1143 C  CZ  . ARG C 1 39 ? 11.964  -15.127 -8.571  1.00 65.27  ? 256 ARG C CZ  1 
ATOM   1144 N  NH1 . ARG C 1 39 ? 12.774  -14.136 -8.925  1.00 84.73  ? 256 ARG C NH1 1 
ATOM   1145 N  NH2 . ARG C 1 39 ? 12.180  -15.765 -7.429  1.00 43.42  ? 256 ARG C NH2 1 
ATOM   1146 N  N   . SER C 1 40 ? 13.033  -9.887  -12.048 1.00 56.33  ? 257 SER C N   1 
ATOM   1147 C  CA  . SER C 1 40 ? 14.347  -9.329  -12.326 1.00 53.10  ? 257 SER C CA  1 
ATOM   1148 C  C   . SER C 1 40 ? 14.552  -8.006  -11.604 1.00 54.00  ? 257 SER C C   1 
ATOM   1149 O  O   . SER C 1 40 ? 15.512  -7.841  -10.850 1.00 48.37  ? 257 SER C O   1 
ATOM   1150 C  CB  . SER C 1 40 ? 14.524  -9.145  -13.837 1.00 54.26  ? 257 SER C CB  1 
ATOM   1151 O  OG  . SER C 1 40 ? 15.824  -8.670  -14.131 1.00 60.83  ? 257 SER C OG  1 
ATOM   1152 N  N   . GLU C 1 41 ? 13.638  -7.067  -11.841 1.00 54.69  ? 258 GLU C N   1 
ATOM   1153 C  CA  . GLU C 1 41 ? 13.776  -5.748  -11.229 1.00 51.06  ? 258 GLU C CA  1 
ATOM   1154 C  C   . GLU C 1 41 ? 13.562  -5.838  -9.723  1.00 43.33  ? 258 GLU C C   1 
ATOM   1155 O  O   . GLU C 1 41 ? 14.174  -5.096  -8.956  1.00 53.97  ? 258 GLU C O   1 
ATOM   1156 C  CB  . GLU C 1 41 ? 12.799  -4.750  -11.838 1.00 56.94  ? 258 GLU C CB  1 
ATOM   1157 C  CG  . GLU C 1 41 ? 12.702  -4.793  -13.354 1.00 61.14  ? 258 GLU C CG  1 
ATOM   1158 C  CD  . GLU C 1 41 ? 11.267  -4.657  -13.828 1.00 68.79  ? 258 GLU C CD  1 
ATOM   1159 O  OE1 . GLU C 1 41 ? 10.580  -3.714  -13.381 1.00 76.99  ? 258 GLU C OE1 1 
ATOM   1160 O  OE2 . GLU C 1 41 ? 10.821  -5.493  -14.640 1.00 84.31  ? 258 GLU C OE2 1 
ATOM   1161 N  N   . LEU C 1 42 ? 12.683  -6.751  -9.324  1.00 39.81  ? 259 LEU C N   1 
ATOM   1162 C  CA  . LEU C 1 42 ? 12.414  -6.956  -7.899  1.00 32.75  ? 259 LEU C CA  1 
ATOM   1163 C  C   . LEU C 1 42 ? 13.752  -7.248  -7.217  1.00 33.41  ? 259 LEU C C   1 
ATOM   1164 O  O   . LEU C 1 42 ? 14.167  -6.552  -6.293  1.00 46.43  ? 259 LEU C O   1 
ATOM   1165 C  CB  . LEU C 1 42 ? 11.445  -8.095  -7.682  1.00 30.11  ? 259 LEU C CB  1 
ATOM   1166 C  CG  . LEU C 1 42 ? 10.040  -7.965  -7.125  1.00 22.41  ? 259 LEU C CG  1 
ATOM   1167 C  CD1 . LEU C 1 42 ? 9.527   -6.537  -7.068  1.00 7.45   ? 259 LEU C CD1 1 
ATOM   1168 C  CD2 . LEU C 1 42 ? 9.101   -8.820  -7.979  1.00 17.60  ? 259 LEU C CD2 1 
ATOM   1169 N  N   . SER C 1 43 ? 14.398  -8.296  -7.725  1.00 33.04  ? 260 SER C N   1 
ATOM   1170 C  CA  . SER C 1 43 ? 15.680  -8.750  -7.206  1.00 42.39  ? 260 SER C CA  1 
ATOM   1171 C  C   . SER C 1 43 ? 16.713  -7.632  -7.276  1.00 39.58  ? 260 SER C C   1 
ATOM   1172 O  O   . SER C 1 43 ? 17.586  -7.491  -6.426  1.00 36.72  ? 260 SER C O   1 
ATOM   1173 C  CB  . SER C 1 43 ? 16.186  -9.964  -7.985  1.00 49.98  ? 260 SER C CB  1 
ATOM   1174 O  OG  . SER C 1 43 ? 17.331  -9.608  -8.747  1.00 85.37  ? 260 SER C OG  1 
ATOM   1175 N  N   . ASP C 1 44 ? 16.597  -6.814  -8.322  1.00 34.62  ? 261 ASP C N   1 
ATOM   1176 C  CA  . ASP C 1 44 ? 17.483  -5.661  -8.414  1.00 34.69  ? 261 ASP C CA  1 
ATOM   1177 C  C   . ASP C 1 44 ? 17.376  -4.800  -7.164  1.00 26.34  ? 261 ASP C C   1 
ATOM   1178 O  O   . ASP C 1 44 ? 18.334  -4.656  -6.407  1.00 41.06  ? 261 ASP C O   1 
ATOM   1179 C  CB  . ASP C 1 44 ? 17.150  -4.831  -9.654  1.00 47.37  ? 261 ASP C CB  1 
ATOM   1180 C  CG  . ASP C 1 44 ? 17.959  -5.281  -10.858 1.00 50.88  ? 261 ASP C CG  1 
ATOM   1181 O  OD1 . ASP C 1 44 ? 18.903  -6.075  -10.659 1.00 36.96  ? 261 ASP C OD1 1 
ATOM   1182 O  OD2 . ASP C 1 44 ? 17.635  -4.828  -11.976 1.00 45.40  ? 261 ASP C OD2 1 
ATOM   1183 N  N   . LEU C 1 45 ? 16.195  -4.229  -6.966  1.00 24.02  ? 262 LEU C N   1 
ATOM   1184 C  CA  . LEU C 1 45 ? 15.973  -3.290  -5.869  1.00 24.76  ? 262 LEU C CA  1 
ATOM   1185 C  C   . LEU C 1 45 ? 16.258  -3.870  -4.496  1.00 27.29  ? 262 LEU C C   1 
ATOM   1186 O  O   . LEU C 1 45 ? 16.635  -3.155  -3.562  1.00 35.81  ? 262 LEU C O   1 
ATOM   1187 C  CB  . LEU C 1 45 ? 14.524  -2.779  -5.934  1.00 32.56  ? 262 LEU C CB  1 
ATOM   1188 C  CG  . LEU C 1 45 ? 14.062  -2.045  -4.672  1.00 42.21  ? 262 LEU C CG  1 
ATOM   1189 C  CD1 . LEU C 1 45 ? 14.954  -0.842  -4.396  1.00 61.04  ? 262 LEU C CD1 1 
ATOM   1190 C  CD2 . LEU C 1 45 ? 12.608  -1.620  -4.783  1.00 47.80  ? 262 LEU C CD2 1 
ATOM   1191 N  N   . GLY C 1 46 ? 16.082  -5.181  -4.321  1.00 37.52  ? 263 GLY C N   1 
ATOM   1192 C  CA  . GLY C 1 46 ? 16.392  -5.768  -3.018  1.00 35.74  ? 263 GLY C CA  1 
ATOM   1193 C  C   . GLY C 1 46 ? 17.881  -5.651  -2.738  1.00 40.28  ? 263 GLY C C   1 
ATOM   1194 O  O   . GLY C 1 46 ? 18.295  -5.062  -1.741  1.00 46.72  ? 263 GLY C O   1 
ATOM   1195 N  N   . THR C 1 47 ? 18.665  -6.215  -3.652  1.00 43.46  ? 264 THR C N   1 
ATOM   1196 C  CA  . THR C 1 47 ? 20.117  -6.136  -3.633  1.00 40.01  ? 264 THR C CA  1 
ATOM   1197 C  C   . THR C 1 47 ? 20.598  -4.726  -3.297  1.00 36.96  ? 264 THR C C   1 
ATOM   1198 O  O   . THR C 1 47 ? 21.495  -4.546  -2.475  1.00 34.57  ? 264 THR C O   1 
ATOM   1199 C  CB  . THR C 1 47 ? 20.686  -6.561  -5.000  1.00 48.80  ? 264 THR C CB  1 
ATOM   1200 O  OG1 . THR C 1 47 ? 20.609  -7.990  -5.116  1.00 52.27  ? 264 THR C OG1 1 
ATOM   1201 C  CG2 . THR C 1 47 ? 22.151  -6.175  -5.122  1.00 59.03  ? 264 THR C CG2 1 
ATOM   1202 N  N   . LEU C 1 48 ? 19.984  -3.741  -3.938  1.00 34.32  ? 265 LEU C N   1 
ATOM   1203 C  CA  . LEU C 1 48 ? 20.244  -2.324  -3.753  1.00 27.42  ? 265 LEU C CA  1 
ATOM   1204 C  C   . LEU C 1 48 ? 19.706  -1.822  -2.420  1.00 39.20  ? 265 LEU C C   1 
ATOM   1205 O  O   . LEU C 1 48 ? 20.348  -0.989  -1.771  1.00 53.51  ? 265 LEU C O   1 
ATOM   1206 C  CB  . LEU C 1 48 ? 19.616  -1.510  -4.887  1.00 13.65  ? 265 LEU C CB  1 
ATOM   1207 C  CG  . LEU C 1 48 ? 19.155  -0.100  -4.524  1.00 17.57  ? 265 LEU C CG  1 
ATOM   1208 C  CD1 . LEU C 1 48 ? 20.335  0.825   -4.278  1.00 39.76  ? 265 LEU C CD1 1 
ATOM   1209 C  CD2 . LEU C 1 48 ? 18.264  0.463   -5.629  1.00 17.76  ? 265 LEU C CD2 1 
ATOM   1210 N  N   . ILE C 1 49 ? 18.533  -2.299  -1.998  1.00 31.46  ? 266 ILE C N   1 
ATOM   1211 C  CA  . ILE C 1 49 ? 18.120  -1.904  -0.645  1.00 32.92  ? 266 ILE C CA  1 
ATOM   1212 C  C   . ILE C 1 49 ? 19.133  -2.478  0.342   1.00 28.37  ? 266 ILE C C   1 
ATOM   1213 O  O   . ILE C 1 49 ? 19.580  -1.785  1.253   1.00 27.27  ? 266 ILE C O   1 
ATOM   1214 C  CB  . ILE C 1 49 ? 16.704  -2.378  -0.293  1.00 42.48  ? 266 ILE C CB  1 
ATOM   1215 C  CG1 . ILE C 1 49 ? 15.593  -1.418  -0.733  1.00 42.49  ? 266 ILE C CG1 1 
ATOM   1216 C  CG2 . ILE C 1 49 ? 16.590  -2.677  1.195   1.00 28.93  ? 266 ILE C CG2 1 
ATOM   1217 C  CD1 . ILE C 1 49 ? 14.432  -2.119  -1.399  1.00 35.71  ? 266 ILE C CD1 1 
ATOM   1218 N  N   . LYS C 1 50 ? 19.496  -3.741  0.129   1.00 34.92  ? 267 LYS C N   1 
ATOM   1219 C  CA  . LYS C 1 50 ? 20.538  -4.406  0.908   1.00 43.35  ? 267 LYS C CA  1 
ATOM   1220 C  C   . LYS C 1 50 ? 21.831  -3.589  0.931   1.00 47.69  ? 267 LYS C C   1 
ATOM   1221 O  O   . LYS C 1 50 ? 22.327  -3.242  2.004   1.00 39.31  ? 267 LYS C O   1 
ATOM   1222 C  CB  . LYS C 1 50 ? 20.833  -5.797  0.348   1.00 42.23  ? 267 LYS C CB  1 
ATOM   1223 C  CG  . LYS C 1 50 ? 20.355  -6.943  1.222   1.00 50.34  ? 267 LYS C CG  1 
ATOM   1224 C  CD  . LYS C 1 50 ? 20.415  -8.271  0.482   1.00 58.86  ? 267 LYS C CD  1 
ATOM   1225 C  CE  . LYS C 1 50 ? 19.035  -8.779  0.097   1.00 63.35  ? 267 LYS C CE  1 
ATOM   1226 N  NZ  . LYS C 1 50 ? 19.073  -9.652  -1.113  1.00 65.16  ? 267 LYS C NZ  1 
ATOM   1227 N  N   . ASP C 1 51 ? 22.360  -3.291  -0.256  1.00 48.50  ? 268 ASP C N   1 
ATOM   1228 C  CA  . ASP C 1 51 ? 23.560  -2.474  -0.383  1.00 48.68  ? 268 ASP C CA  1 
ATOM   1229 C  C   . ASP C 1 51 ? 23.416  -1.196  0.440   1.00 51.00  ? 268 ASP C C   1 
ATOM   1230 O  O   . ASP C 1 51 ? 24.267  -0.875  1.264   1.00 40.72  ? 268 ASP C O   1 
ATOM   1231 C  CB  . ASP C 1 51 ? 23.855  -2.099  -1.830  1.00 45.79  ? 268 ASP C CB  1 
ATOM   1232 C  CG  . ASP C 1 51 ? 24.245  -3.270  -2.706  1.00 46.96  ? 268 ASP C CG  1 
ATOM   1233 O  OD1 . ASP C 1 51 ? 24.590  -4.349  -2.177  1.00 29.55  ? 268 ASP C OD1 1 
ATOM   1234 O  OD2 . ASP C 1 51 ? 24.192  -3.087  -3.944  1.00 46.15  ? 268 ASP C OD2 1 
ATOM   1235 N  N   . ASN C 1 52 ? 22.320  -0.480  0.210   1.00 59.67  ? 269 ASN C N   1 
ATOM   1236 C  CA  . ASN C 1 52 ? 22.054  0.744   0.962   1.00 59.73  ? 269 ASN C CA  1 
ATOM   1237 C  C   . ASN C 1 52 ? 21.807  0.446   2.433   1.00 59.32  ? 269 ASN C C   1 
ATOM   1238 O  O   . ASN C 1 52 ? 21.812  1.357   3.264   1.00 82.87  ? 269 ASN C O   1 
ATOM   1239 C  CB  . ASN C 1 52 ? 20.857  1.494   0.375   1.00 61.03  ? 269 ASN C CB  1 
ATOM   1240 C  CG  . ASN C 1 52 ? 21.276  2.596   -0.579  1.00 65.79  ? 269 ASN C CG  1 
ATOM   1241 O  OD1 . ASN C 1 52 ? 21.505  3.733   -0.166  1.00 69.55  ? 269 ASN C OD1 1 
ATOM   1242 N  ND2 . ASN C 1 52 ? 21.379  2.260   -1.860  1.00 66.32  ? 269 ASN C ND2 1 
ATOM   1243 N  N   . LEU C 1 53 ? 21.586  -0.822  2.787   1.00 54.52  ? 270 LEU C N   1 
ATOM   1244 C  CA  . LEU C 1 53 ? 21.352  -1.098  4.207   1.00 54.22  ? 270 LEU C CA  1 
ATOM   1245 C  C   . LEU C 1 53 ? 22.558  -0.689  5.041   1.00 58.60  ? 270 LEU C C   1 
ATOM   1246 O  O   . LEU C 1 53 ? 22.432  0.062   6.009   1.00 58.79  ? 270 LEU C O   1 
ATOM   1247 C  CB  . LEU C 1 53 ? 21.005  -2.570  4.443   1.00 45.03  ? 270 LEU C CB  1 
ATOM   1248 C  CG  . LEU C 1 53 ? 19.636  -2.821  5.088   1.00 42.11  ? 270 LEU C CG  1 
ATOM   1249 C  CD1 . LEU C 1 53 ? 19.052  -1.522  5.624   1.00 41.60  ? 270 LEU C CD1 1 
ATOM   1250 C  CD2 . LEU C 1 53 ? 18.670  -3.470  4.109   1.00 42.86  ? 270 LEU C CD2 1 
ATOM   1251 N  N   . LYS C 1 54 ? 23.742  -1.175  4.673   1.00 60.59  ? 271 LYS C N   1 
ATOM   1252 C  CA  . LYS C 1 54 ? 24.932  -0.882  5.465   1.00 58.57  ? 271 LYS C CA  1 
ATOM   1253 C  C   . LYS C 1 54 ? 25.964  -0.066  4.702   1.00 63.21  ? 271 LYS C C   1 
ATOM   1254 O  O   . LYS C 1 54 ? 27.138  -0.439  4.665   1.00 78.00  ? 271 LYS C O   1 
ATOM   1255 C  CB  . LYS C 1 54 ? 25.576  -2.189  5.944   1.00 55.57  ? 271 LYS C CB  1 
ATOM   1256 C  CG  . LYS C 1 54 ? 26.153  -3.027  4.816   1.00 53.80  ? 271 LYS C CG  1 
ATOM   1257 C  CD  . LYS C 1 54 ? 25.070  -3.798  4.083   1.00 49.08  ? 271 LYS C CD  1 
ATOM   1258 C  CE  . LYS C 1 54 ? 25.576  -5.158  3.636   1.00 49.17  ? 271 LYS C CE  1 
ATOM   1259 N  NZ  . LYS C 1 54 ? 26.272  -5.097  2.323   1.00 44.54  ? 271 LYS C NZ  1 
ATOM   1260 N  N   . ARG C 1 55 ? 25.553  1.046   4.102   1.00 69.52  ? 272 ARG C N   1 
ATOM   1261 C  CA  . ARG C 1 55 ? 26.536  1.904   3.428   1.00 79.70  ? 272 ARG C CA  1 
ATOM   1262 C  C   . ARG C 1 55 ? 26.659  3.219   4.197   1.00 87.59  ? 272 ARG C C   1 
ATOM   1263 O  O   . ARG C 1 55 ? 27.030  4.261   3.665   1.00 100.05 ? 272 ARG C O   1 
ATOM   1264 C  CB  . ARG C 1 55 ? 26.176  2.092   1.965   1.00 81.49  ? 272 ARG C CB  1 
ATOM   1265 C  CG  . ARG C 1 55 ? 25.432  3.347   1.561   1.00 81.42  ? 272 ARG C CG  1 
ATOM   1266 C  CD  . ARG C 1 55 ? 25.734  3.712   0.113   1.00 82.20  ? 272 ARG C CD  1 
ATOM   1267 N  NE  . ARG C 1 55 ? 25.076  2.804   -0.819  1.00 84.77  ? 272 ARG C NE  1 
ATOM   1268 C  CZ  . ARG C 1 55 ? 25.393  2.650   -2.097  1.00 85.16  ? 272 ARG C CZ  1 
ATOM   1269 N  NH1 . ARG C 1 55 ? 24.713  1.789   -2.846  1.00 67.13  ? 272 ARG C NH1 1 
ATOM   1270 N  NH2 . ARG C 1 55 ? 26.382  3.353   -2.633  1.00 91.60  ? 272 ARG C NH2 1 
ATOM   1271 N  N   . ASP C 1 56 ? 26.344  3.118   5.484   1.00 88.79  ? 273 ASP C N   1 
ATOM   1272 C  CA  . ASP C 1 56 ? 26.398  4.215   6.436   1.00 88.61  ? 273 ASP C CA  1 
ATOM   1273 C  C   . ASP C 1 56 ? 27.667  5.049   6.272   1.00 89.00  ? 273 ASP C C   1 
ATOM   1274 O  O   . ASP C 1 56 ? 27.828  5.721   5.251   1.00 88.97  ? 273 ASP C O   1 
ATOM   1275 C  CB  . ASP C 1 56 ? 26.315  3.678   7.868   1.00 87.81  ? 273 ASP C CB  1 
ATOM   1276 C  CG  . ASP C 1 56 ? 27.142  2.428   8.084   1.00 86.25  ? 273 ASP C CG  1 
ATOM   1277 O  OD1 . ASP C 1 56 ? 27.092  1.860   9.196   1.00 77.72  ? 273 ASP C OD1 1 
ATOM   1278 O  OD2 . ASP C 1 56 ? 27.848  2.007   7.143   1.00 94.95  ? 273 ASP C OD2 1 
ATOM   1279 N  N   . PRO D 1 6  ? -2.784  6.418   5.243   1.00 89.19  ? 223 PRO D N   1 
ATOM   1280 C  CA  . PRO D 1 6  ? -2.367  6.297   3.845   1.00 86.94  ? 223 PRO D CA  1 
ATOM   1281 C  C   . PRO D 1 6  ? -3.307  7.009   2.881   1.00 81.98  ? 223 PRO D C   1 
ATOM   1282 O  O   . PRO D 1 6  ? -4.441  6.573   2.678   1.00 106.10 ? 223 PRO D O   1 
ATOM   1283 C  CB  . PRO D 1 6  ? -2.452  4.785   3.598   1.00 88.87  ? 223 PRO D CB  1 
ATOM   1284 C  CG  . PRO D 1 6  ? -3.542  4.335   4.520   1.00 89.34  ? 223 PRO D CG  1 
ATOM   1285 C  CD  . PRO D 1 6  ? -3.368  5.167   5.763   1.00 90.41  ? 223 PRO D CD  1 
ATOM   1286 N  N   . GLU D 1 7  ? -2.848  8.096   2.272   1.00 68.79  ? 224 GLU D N   1 
ATOM   1287 C  CA  . GLU D 1 7  ? -3.643  8.753   1.239   1.00 59.07  ? 224 GLU D CA  1 
ATOM   1288 C  C   . GLU D 1 7  ? -3.406  8.078   -0.107  1.00 52.07  ? 224 GLU D C   1 
ATOM   1289 O  O   . GLU D 1 7  ? -2.271  7.758   -0.459  1.00 52.09  ? 224 GLU D O   1 
ATOM   1290 C  CB  . GLU D 1 7  ? -3.305  10.239  1.156   1.00 67.60  ? 224 GLU D CB  1 
ATOM   1291 C  CG  . GLU D 1 7  ? -4.501  11.152  0.953   1.00 72.68  ? 224 GLU D CG  1 
ATOM   1292 C  CD  . GLU D 1 7  ? -4.974  11.805  2.237   1.00 75.93  ? 224 GLU D CD  1 
ATOM   1293 O  OE1 . GLU D 1 7  ? -4.152  11.948  3.168   1.00 73.87  ? 224 GLU D OE1 1 
ATOM   1294 O  OE2 . GLU D 1 7  ? -6.164  12.178  2.321   1.00 79.26  ? 224 GLU D OE2 1 
ATOM   1295 N  N   . TYR D 1 8  ? -4.471  7.847   -0.865  1.00 47.93  ? 225 TYR D N   1 
ATOM   1296 C  CA  . TYR D 1 8  ? -4.344  7.237   -2.184  1.00 41.35  ? 225 TYR D CA  1 
ATOM   1297 C  C   . TYR D 1 8  ? -4.278  8.327   -3.246  1.00 46.88  ? 225 TYR D C   1 
ATOM   1298 O  O   . TYR D 1 8  ? -4.983  9.336   -3.184  1.00 42.94  ? 225 TYR D O   1 
ATOM   1299 C  CB  . TYR D 1 8  ? -5.501  6.275   -2.461  1.00 27.55  ? 225 TYR D CB  1 
ATOM   1300 C  CG  . TYR D 1 8  ? -5.487  5.675   -3.850  1.00 16.07  ? 225 TYR D CG  1 
ATOM   1301 C  CD1 . TYR D 1 8  ? -4.501  4.768   -4.212  1.00 21.59  ? 225 TYR D CD1 1 
ATOM   1302 C  CD2 . TYR D 1 8  ? -6.436  6.005   -4.800  1.00 8.90   ? 225 TYR D CD2 1 
ATOM   1303 C  CE1 . TYR D 1 8  ? -4.463  4.206   -5.473  1.00 24.21  ? 225 TYR D CE1 1 
ATOM   1304 C  CE2 . TYR D 1 8  ? -6.414  5.453   -6.072  1.00 12.88  ? 225 TYR D CE2 1 
ATOM   1305 C  CZ  . TYR D 1 8  ? -5.423  4.553   -6.400  1.00 26.20  ? 225 TYR D CZ  1 
ATOM   1306 O  OH  . TYR D 1 8  ? -5.371  3.985   -7.655  1.00 40.17  ? 225 TYR D OH  1 
ATOM   1307 N  N   . LEU D 1 9  ? -3.415  8.151   -4.248  1.00 52.30  ? 226 LEU D N   1 
ATOM   1308 C  CA  . LEU D 1 9  ? -3.354  9.192   -5.275  1.00 56.04  ? 226 LEU D CA  1 
ATOM   1309 C  C   . LEU D 1 9  ? -3.919  8.636   -6.580  1.00 54.84  ? 226 LEU D C   1 
ATOM   1310 O  O   . LEU D 1 9  ? -3.279  7.802   -7.210  1.00 53.78  ? 226 LEU D O   1 
ATOM   1311 C  CB  . LEU D 1 9  ? -1.940  9.720   -5.486  1.00 59.64  ? 226 LEU D CB  1 
ATOM   1312 C  CG  . LEU D 1 9  ? -1.446  10.773  -4.490  1.00 56.95  ? 226 LEU D CG  1 
ATOM   1313 C  CD1 . LEU D 1 9  ? -0.107  11.344  -4.928  1.00 60.36  ? 226 LEU D CD1 1 
ATOM   1314 C  CD2 . LEU D 1 9  ? -2.488  11.870  -4.327  1.00 34.71  ? 226 LEU D CD2 1 
ATOM   1315 N  N   . SER D 1 10 ? -5.102  9.123   -6.911  1.00 59.51  ? 227 SER D N   1 
ATOM   1316 C  CA  . SER D 1 10 ? -5.868  8.693   -8.065  1.00 63.15  ? 227 SER D CA  1 
ATOM   1317 C  C   . SER D 1 10 ? -4.997  8.499   -9.301  1.00 63.50  ? 227 SER D C   1 
ATOM   1318 O  O   . SER D 1 10 ? -4.078  9.276   -9.556  1.00 60.56  ? 227 SER D O   1 
ATOM   1319 C  CB  . SER D 1 10 ? -6.965  9.719   -8.371  1.00 66.72  ? 227 SER D CB  1 
ATOM   1320 O  OG  . SER D 1 10 ? -6.444  10.824  -9.092  1.00 77.03  ? 227 SER D OG  1 
ATOM   1321 N  N   . ASP D 1 11 ? -5.317  7.471   -10.077 1.00 60.93  ? 228 ASP D N   1 
ATOM   1322 C  CA  . ASP D 1 11 ? -4.697  7.206   -11.364 1.00 54.84  ? 228 ASP D CA  1 
ATOM   1323 C  C   . ASP D 1 11 ? -4.667  8.457   -12.239 1.00 59.80  ? 228 ASP D C   1 
ATOM   1324 O  O   . ASP D 1 11 ? -3.761  8.626   -13.061 1.00 77.51  ? 228 ASP D O   1 
ATOM   1325 C  CB  . ASP D 1 11 ? -5.443  6.078   -12.079 1.00 49.03  ? 228 ASP D CB  1 
ATOM   1326 C  CG  . ASP D 1 11 ? -4.833  4.709   -11.866 1.00 49.16  ? 228 ASP D CG  1 
ATOM   1327 O  OD1 . ASP D 1 11 ? -4.320  4.450   -10.757 1.00 36.66  ? 228 ASP D OD1 1 
ATOM   1328 O  OD2 . ASP D 1 11 ? -4.872  3.871   -12.795 1.00 42.92  ? 228 ASP D OD2 1 
ATOM   1329 N  N   . GLU D 1 12 ? -5.641  9.348   -12.093 1.00 60.27  ? 229 GLU D N   1 
ATOM   1330 C  CA  . GLU D 1 12 ? -5.695  10.592  -12.845 1.00 61.02  ? 229 GLU D CA  1 
ATOM   1331 C  C   . GLU D 1 12 ? -4.964  11.711  -12.116 1.00 54.03  ? 229 GLU D C   1 
ATOM   1332 O  O   . GLU D 1 12 ? -4.555  12.706  -12.716 1.00 50.41  ? 229 GLU D O   1 
ATOM   1333 C  CB  . GLU D 1 12 ? -7.144  11.012  -13.106 1.00 68.52  ? 229 GLU D CB  1 
ATOM   1334 C  CG  . GLU D 1 12 ? -7.297  12.484  -13.465 1.00 80.24  ? 229 GLU D CG  1 
ATOM   1335 C  CD  . GLU D 1 12 ? -6.627  12.836  -14.779 1.00 90.88  ? 229 GLU D CD  1 
ATOM   1336 O  OE1 . GLU D 1 12 ? -6.968  13.887  -15.364 1.00 101.30 ? 229 GLU D OE1 1 
ATOM   1337 O  OE2 . GLU D 1 12 ? -5.755  12.060  -15.228 1.00 100.46 ? 229 GLU D OE2 1 
ATOM   1338 N  N   . ILE D 1 13 ? -4.785  11.573  -10.804 1.00 48.00  ? 230 ILE D N   1 
ATOM   1339 C  CA  . ILE D 1 13 ? -4.040  12.629  -10.112 1.00 49.59  ? 230 ILE D CA  1 
ATOM   1340 C  C   . ILE D 1 13 ? -2.550  12.303  -10.140 1.00 55.24  ? 230 ILE D C   1 
ATOM   1341 O  O   . ILE D 1 13 ? -1.704  13.178  -9.983  1.00 64.62  ? 230 ILE D O   1 
ATOM   1342 C  CB  . ILE D 1 13 ? -4.517  12.828  -8.667  1.00 51.48  ? 230 ILE D CB  1 
ATOM   1343 C  CG1 . ILE D 1 13 ? -5.883  13.516  -8.559  1.00 51.41  ? 230 ILE D CG1 1 
ATOM   1344 C  CG2 . ILE D 1 13 ? -3.473  13.575  -7.852  1.00 41.96  ? 230 ILE D CG2 1 
ATOM   1345 C  CD1 . ILE D 1 13 ? -6.042  14.345  -7.304  1.00 47.66  ? 230 ILE D CD1 1 
ATOM   1346 N  N   . PHE D 1 14 ? -2.254  11.026  -10.357 1.00 54.75  ? 231 PHE D N   1 
ATOM   1347 C  CA  . PHE D 1 14 ? -0.890  10.540  -10.473 1.00 52.80  ? 231 PHE D CA  1 
ATOM   1348 C  C   . PHE D 1 14 ? -0.318  10.842  -11.857 1.00 61.06  ? 231 PHE D C   1 
ATOM   1349 O  O   . PHE D 1 14 ? 0.834   11.259  -11.983 1.00 71.16  ? 231 PHE D O   1 
ATOM   1350 C  CB  . PHE D 1 14 ? -0.827  9.035   -10.220 1.00 48.63  ? 231 PHE D CB  1 
ATOM   1351 C  CG  . PHE D 1 14 ? 0.571   8.476   -10.229 1.00 44.15  ? 231 PHE D CG  1 
ATOM   1352 C  CD1 . PHE D 1 14 ? 0.969   7.577   -11.202 1.00 43.43  ? 231 PHE D CD1 1 
ATOM   1353 C  CD2 . PHE D 1 14 ? 1.486   8.856   -9.262  1.00 41.93  ? 231 PHE D CD2 1 
ATOM   1354 C  CE1 . PHE D 1 14 ? 2.255   7.069   -11.207 1.00 44.95  ? 231 PHE D CE1 1 
ATOM   1355 C  CE2 . PHE D 1 14 ? 2.772   8.353   -9.257  1.00 34.99  ? 231 PHE D CE2 1 
ATOM   1356 C  CZ  . PHE D 1 14 ? 3.155   7.452   -10.231 1.00 38.79  ? 231 PHE D CZ  1 
ATOM   1357 N  N   . SER D 1 15 ? -1.137  10.621  -12.878 1.00 60.14  ? 232 SER D N   1 
ATOM   1358 C  CA  . SER D 1 15 ? -0.760  10.888  -14.259 1.00 58.91  ? 232 SER D CA  1 
ATOM   1359 C  C   . SER D 1 15 ? -0.534  12.378  -14.511 1.00 62.26  ? 232 SER D C   1 
ATOM   1360 O  O   . SER D 1 15 ? 0.502   12.762  -15.054 1.00 60.17  ? 232 SER D O   1 
ATOM   1361 C  CB  . SER D 1 15 ? -1.840  10.357  -15.205 1.00 57.43  ? 232 SER D CB  1 
ATOM   1362 O  OG  . SER D 1 15 ? -1.551  9.026   -15.596 1.00 68.19  ? 232 SER D OG  1 
ATOM   1363 N  N   . ALA D 1 16 ? -1.502  13.197  -14.120 1.00 62.42  ? 233 ALA D N   1 
ATOM   1364 C  CA  . ALA D 1 16 ? -1.465  14.643  -14.249 1.00 58.58  ? 233 ALA D CA  1 
ATOM   1365 C  C   . ALA D 1 16 ? -0.106  15.198  -13.819 1.00 55.79  ? 233 ALA D C   1 
ATOM   1366 O  O   . ALA D 1 16 ? 0.658   15.679  -14.655 1.00 66.26  ? 233 ALA D O   1 
ATOM   1367 C  CB  . ALA D 1 16 ? -2.561  15.286  -13.413 1.00 66.40  ? 233 ALA D CB  1 
ATOM   1368 N  N   . ILE D 1 17 ? 0.123   15.092  -12.520 1.00 46.81  ? 234 ILE D N   1 
ATOM   1369 C  CA  . ILE D 1 17 ? 1.380   15.434  -11.877 1.00 46.61  ? 234 ILE D CA  1 
ATOM   1370 C  C   . ILE D 1 17 ? 2.569   14.998  -12.732 1.00 51.55  ? 234 ILE D C   1 
ATOM   1371 O  O   . ILE D 1 17 ? 3.284   15.833  -13.288 1.00 43.00  ? 234 ILE D O   1 
ATOM   1372 C  CB  . ILE D 1 17 ? 1.481   14.790  -10.481 1.00 39.54  ? 234 ILE D CB  1 
ATOM   1373 C  CG1 . ILE D 1 17 ? 0.647   15.502  -9.412  1.00 41.45  ? 234 ILE D CG1 1 
ATOM   1374 C  CG2 . ILE D 1 17 ? 2.924   14.672  -10.024 1.00 41.37  ? 234 ILE D CG2 1 
ATOM   1375 C  CD1 . ILE D 1 17 ? 0.626   14.809  -8.066  1.00 28.99  ? 234 ILE D CD1 1 
ATOM   1376 N  N   . ASN D 1 18 ? 2.774   13.692  -12.853 1.00 49.20  ? 235 ASN D N   1 
ATOM   1377 C  CA  . ASN D 1 18 ? 3.938   13.163  -13.551 1.00 42.78  ? 235 ASN D CA  1 
ATOM   1378 C  C   . ASN D 1 18 ? 4.104   13.716  -14.951 1.00 54.62  ? 235 ASN D C   1 
ATOM   1379 O  O   . ASN D 1 18 ? 5.240   13.906  -15.409 1.00 63.39  ? 235 ASN D O   1 
ATOM   1380 C  CB  . ASN D 1 18 ? 3.863   11.627  -13.591 1.00 32.35  ? 235 ASN D CB  1 
ATOM   1381 C  CG  . ASN D 1 18 ? 3.968   11.076  -12.178 1.00 41.74  ? 235 ASN D CG  1 
ATOM   1382 O  OD1 . ASN D 1 18 ? 4.560   11.727  -11.315 1.00 50.36  ? 235 ASN D OD1 1 
ATOM   1383 N  ND2 . ASN D 1 18 ? 3.389   9.906   -11.942 1.00 50.29  ? 235 ASN D ND2 1 
ATOM   1384 N  N   . ASN D 1 19 ? 3.038   14.002  -15.705 1.00 62.18  ? 236 ASN D N   1 
ATOM   1385 C  CA  . ASN D 1 19 ? 3.365   14.515  -17.044 1.00 65.99  ? 236 ASN D CA  1 
ATOM   1386 C  C   . ASN D 1 19 ? 3.884   15.946  -16.928 1.00 59.68  ? 236 ASN D C   1 
ATOM   1387 O  O   . ASN D 1 19 ? 4.550   16.442  -17.836 1.00 73.52  ? 236 ASN D O   1 
ATOM   1388 C  CB  . ASN D 1 19 ? 2.196   14.451  -18.022 1.00 70.02  ? 236 ASN D CB  1 
ATOM   1389 C  CG  . ASN D 1 19 ? 2.703   14.157  -19.428 1.00 70.66  ? 236 ASN D CG  1 
ATOM   1390 O  OD1 . ASN D 1 19 ? 1.991   14.344  -20.413 1.00 61.49  ? 236 ASN D OD1 1 
ATOM   1391 N  ND2 . ASN D 1 19 ? 3.948   13.698  -19.506 1.00 64.91  ? 236 ASN D ND2 1 
ATOM   1392 N  N   . ASN D 1 20 ? 3.576   16.574  -15.800 1.00 48.71  ? 237 ASN D N   1 
ATOM   1393 C  CA  . ASN D 1 20 ? 4.125   17.892  -15.504 1.00 47.17  ? 237 ASN D CA  1 
ATOM   1394 C  C   . ASN D 1 20 ? 5.402   17.765  -14.682 1.00 45.62  ? 237 ASN D C   1 
ATOM   1395 O  O   . ASN D 1 20 ? 5.814   18.718  -14.026 1.00 52.27  ? 237 ASN D O   1 
ATOM   1396 C  CB  . ASN D 1 20 ? 3.119   18.769  -14.756 1.00 46.08  ? 237 ASN D CB  1 
ATOM   1397 C  CG  . ASN D 1 20 ? 2.217   19.498  -15.740 1.00 51.07  ? 237 ASN D CG  1 
ATOM   1398 O  OD1 . ASN D 1 20 ? 1.670   18.881  -16.658 1.00 46.69  ? 237 ASN D OD1 1 
ATOM   1399 N  ND2 . ASN D 1 20 ? 2.079   20.801  -15.542 1.00 56.65  ? 237 ASN D ND2 1 
ATOM   1400 N  N   . LEU D 1 21 ? 6.003   16.582  -14.723 1.00 43.59  ? 238 LEU D N   1 
ATOM   1401 C  CA  . LEU D 1 21 ? 7.286   16.361  -14.056 1.00 41.66  ? 238 LEU D CA  1 
ATOM   1402 C  C   . LEU D 1 21 ? 8.370   16.327  -15.132 1.00 43.69  ? 238 LEU D C   1 
ATOM   1403 O  O   . LEU D 1 21 ? 8.062   16.051  -16.295 1.00 50.49  ? 238 LEU D O   1 
ATOM   1404 C  CB  . LEU D 1 21 ? 7.282   15.088  -13.225 1.00 39.68  ? 238 LEU D CB  1 
ATOM   1405 C  CG  . LEU D 1 21 ? 6.848   15.194  -11.763 1.00 40.16  ? 238 LEU D CG  1 
ATOM   1406 C  CD1 . LEU D 1 21 ? 6.663   13.814  -11.149 1.00 24.22  ? 238 LEU D CD1 1 
ATOM   1407 C  CD2 . LEU D 1 21 ? 7.852   16.002  -10.951 1.00 36.91  ? 238 LEU D CD2 1 
ATOM   1408 N  N   . PRO D 1 22 ? 9.606   16.619  -14.776 1.00 51.36  ? 239 PRO D N   1 
ATOM   1409 C  CA  . PRO D 1 22 ? 10.688  16.650  -15.762 1.00 50.00  ? 239 PRO D CA  1 
ATOM   1410 C  C   . PRO D 1 22 ? 11.119  15.241  -16.156 1.00 47.09  ? 239 PRO D C   1 
ATOM   1411 O  O   . PRO D 1 22 ? 11.234  14.361  -15.302 1.00 53.96  ? 239 PRO D O   1 
ATOM   1412 C  CB  . PRO D 1 22 ? 11.835  17.350  -15.036 1.00 57.33  ? 239 PRO D CB  1 
ATOM   1413 C  CG  . PRO D 1 22 ? 11.270  17.848  -13.751 1.00 63.54  ? 239 PRO D CG  1 
ATOM   1414 C  CD  . PRO D 1 22 ? 10.102  16.952  -13.431 1.00 63.51  ? 239 PRO D CD  1 
ATOM   1415 N  N   A HIS D 1 23 ? 11.350  15.050  -17.451 0.50 42.33  ? 240 HIS D N   1 
ATOM   1416 N  N   B HIS D 1 23 ? 11.352  15.055  -17.453 0.50 42.32  ? 240 HIS D N   1 
ATOM   1417 C  CA  A HIS D 1 23 ? 11.825  13.766  -17.947 0.50 42.69  ? 240 HIS D CA  1 
ATOM   1418 C  CA  B HIS D 1 23 ? 11.828  13.773  -17.955 0.50 42.69  ? 240 HIS D CA  1 
ATOM   1419 C  C   A HIS D 1 23 ? 13.055  13.326  -17.158 0.50 43.26  ? 240 HIS D C   1 
ATOM   1420 C  C   B HIS D 1 23 ? 13.053  13.329  -17.162 0.50 43.25  ? 240 HIS D C   1 
ATOM   1421 O  O   A HIS D 1 23 ? 13.241  12.148  -16.867 0.50 53.41  ? 240 HIS D O   1 
ATOM   1422 O  O   B HIS D 1 23 ? 13.237  12.150  -16.871 0.50 53.40  ? 240 HIS D O   1 
ATOM   1423 C  CB  A HIS D 1 23 ? 12.164  13.839  -19.434 0.50 45.08  ? 240 HIS D CB  1 
ATOM   1424 C  CB  B HIS D 1 23 ? 12.163  13.863  -19.442 0.50 45.06  ? 240 HIS D CB  1 
ATOM   1425 C  CG  A HIS D 1 23 ? 11.837  15.141  -20.091 0.50 45.11  ? 240 HIS D CG  1 
ATOM   1426 C  CG  B HIS D 1 23 ? 12.613  12.577  -20.059 0.50 44.92  ? 240 HIS D CG  1 
ATOM   1427 N  ND1 A HIS D 1 23 ? 12.275  16.358  -19.621 0.50 45.22  ? 240 HIS D ND1 1 
ATOM   1428 N  ND1 B HIS D 1 23 ? 11.771  11.769  -20.792 0.50 42.52  ? 240 HIS D ND1 1 
ATOM   1429 C  CD2 A HIS D 1 23 ? 11.107  15.415  -21.199 0.50 47.72  ? 240 HIS D CD2 1 
ATOM   1430 C  CD2 B HIS D 1 23 ? 13.813  11.954  -20.063 0.50 43.55  ? 240 HIS D CD2 1 
ATOM   1431 C  CE1 A HIS D 1 23 ? 11.830  17.323  -20.404 0.50 48.04  ? 240 HIS D CE1 1 
ATOM   1432 C  CE1 B HIS D 1 23 ? 12.430  10.706  -21.217 0.50 41.28  ? 240 HIS D CE1 1 
ATOM   1433 N  NE2 A HIS D 1 23 ? 11.116  16.777  -21.373 0.50 48.42  ? 240 HIS D NE2 1 
ATOM   1434 N  NE2 B HIS D 1 23 ? 13.675  10.794  -20.787 0.50 42.09  ? 240 HIS D NE2 1 
ATOM   1435 N  N   . ALA D 1 24 ? 13.891  14.304  -16.818 1.00 40.24  ? 241 ALA D N   1 
ATOM   1436 C  CA  . ALA D 1 24 ? 15.118  14.021  -16.085 1.00 41.53  ? 241 ALA D CA  1 
ATOM   1437 C  C   . ALA D 1 24 ? 14.812  13.597  -14.653 1.00 46.65  ? 241 ALA D C   1 
ATOM   1438 O  O   . ALA D 1 24 ? 15.609  12.866  -14.061 1.00 56.90  ? 241 ALA D O   1 
ATOM   1439 C  CB  . ALA D 1 24 ? 16.044  15.226  -16.119 1.00 35.51  ? 241 ALA D CB  1 
ATOM   1440 N  N   . TYR D 1 25 ? 13.685  14.045  -14.110 1.00 53.67  ? 242 TYR D N   1 
ATOM   1441 C  CA  . TYR D 1 25 ? 13.270  13.711  -12.748 1.00 49.35  ? 242 TYR D CA  1 
ATOM   1442 C  C   . TYR D 1 25 ? 13.078  12.204  -12.591 1.00 43.69  ? 242 TYR D C   1 
ATOM   1443 O  O   . TYR D 1 25 ? 13.132  11.660  -11.488 1.00 34.62  ? 242 TYR D O   1 
ATOM   1444 C  CB  . TYR D 1 25 ? 11.984  14.452  -12.384 1.00 52.05  ? 242 TYR D CB  1 
ATOM   1445 C  CG  . TYR D 1 25 ? 11.437  14.196  -11.000 1.00 54.77  ? 242 TYR D CG  1 
ATOM   1446 C  CD1 . TYR D 1 25 ? 10.509  13.187  -10.773 1.00 60.10  ? 242 TYR D CD1 1 
ATOM   1447 C  CD2 . TYR D 1 25 ? 11.826  14.956  -9.901  1.00 53.96  ? 242 TYR D CD2 1 
ATOM   1448 C  CE1 . TYR D 1 25 ? 9.994   12.937  -9.516  1.00 59.87  ? 242 TYR D CE1 1 
ATOM   1449 C  CE2 . TYR D 1 25 ? 11.319  14.718  -8.637  1.00 52.84  ? 242 TYR D CE2 1 
ATOM   1450 C  CZ  . TYR D 1 25 ? 10.402  13.706  -8.447  1.00 58.15  ? 242 TYR D CZ  1 
ATOM   1451 O  OH  . TYR D 1 25 ? 9.882   13.446  -7.199  1.00 58.44  ? 242 TYR D OH  1 
ATOM   1452 N  N   . PHE D 1 26 ? 12.849  11.535  -13.715 1.00 38.93  ? 243 PHE D N   1 
ATOM   1453 C  CA  . PHE D 1 26 ? 12.546  10.113  -13.729 1.00 37.90  ? 243 PHE D CA  1 
ATOM   1454 C  C   . PHE D 1 26 ? 13.774  9.237   -13.893 1.00 44.83  ? 243 PHE D C   1 
ATOM   1455 O  O   . PHE D 1 26 ? 13.634  8.058   -14.227 1.00 41.29  ? 243 PHE D O   1 
ATOM   1456 C  CB  . PHE D 1 26 ? 11.556  9.842   -14.875 1.00 36.83  ? 243 PHE D CB  1 
ATOM   1457 C  CG  . PHE D 1 26 ? 10.275  10.619  -14.683 1.00 43.96  ? 243 PHE D CG  1 
ATOM   1458 C  CD1 . PHE D 1 26 ? 9.507   10.412  -13.546 1.00 53.45  ? 243 PHE D CD1 1 
ATOM   1459 C  CD2 . PHE D 1 26 ? 9.849   11.545  -15.615 1.00 45.00  ? 243 PHE D CD2 1 
ATOM   1460 C  CE1 . PHE D 1 26 ? 8.332   11.110  -13.337 1.00 58.17  ? 243 PHE D CE1 1 
ATOM   1461 C  CE2 . PHE D 1 26 ? 8.674   12.246  -15.419 1.00 55.91  ? 243 PHE D CE2 1 
ATOM   1462 C  CZ  . PHE D 1 26 ? 7.915   12.028  -14.283 1.00 60.43  ? 243 PHE D CZ  1 
ATOM   1463 N  N   . LYS D 1 27 ? 14.950  9.815   -13.667 1.00 50.47  ? 244 LYS D N   1 
ATOM   1464 C  CA  . LYS D 1 27 ? 16.207  9.100   -13.857 1.00 48.13  ? 244 LYS D CA  1 
ATOM   1465 C  C   . LYS D 1 27 ? 16.770  8.601   -12.525 1.00 46.92  ? 244 LYS D C   1 
ATOM   1466 O  O   . LYS D 1 27 ? 17.245  9.371   -11.696 1.00 48.31  ? 244 LYS D O   1 
ATOM   1467 C  CB  . LYS D 1 27 ? 17.232  9.981   -14.572 1.00 47.79  ? 244 LYS D CB  1 
ATOM   1468 C  CG  . LYS D 1 27 ? 17.128  9.952   -16.087 1.00 46.54  ? 244 LYS D CG  1 
ATOM   1469 C  CD  . LYS D 1 27 ? 17.632  8.647   -16.678 1.00 45.99  ? 244 LYS D CD  1 
ATOM   1470 C  CE  . LYS D 1 27 ? 16.732  8.168   -17.806 1.00 50.00  ? 244 LYS D CE  1 
ATOM   1471 N  NZ  . LYS D 1 27 ? 17.495  7.607   -18.953 1.00 65.56  ? 244 LYS D NZ  1 
ATOM   1472 N  N   . ASN D 1 28 ? 16.686  7.292   -12.366 1.00 50.47  ? 245 ASN D N   1 
ATOM   1473 C  CA  . ASN D 1 28 ? 17.148  6.523   -11.224 1.00 53.46  ? 245 ASN D CA  1 
ATOM   1474 C  C   . ASN D 1 28 ? 16.657  7.110   -9.906  1.00 46.29  ? 245 ASN D C   1 
ATOM   1475 O  O   . ASN D 1 28 ? 17.355  7.072   -8.891  1.00 39.39  ? 245 ASN D O   1 
ATOM   1476 C  CB  . ASN D 1 28 ? 18.677  6.406   -11.274 1.00 67.06  ? 245 ASN D CB  1 
ATOM   1477 C  CG  . ASN D 1 28 ? 19.137  5.946   -12.651 1.00 76.72  ? 245 ASN D CG  1 
ATOM   1478 O  OD1 . ASN D 1 28 ? 18.618  4.977   -13.211 1.00 77.97  ? 245 ASN D OD1 1 
ATOM   1479 N  ND2 . ASN D 1 28 ? 20.115  6.652   -13.210 1.00 81.74  ? 245 ASN D ND2 1 
ATOM   1480 N  N   . LEU D 1 29 ? 15.436  7.630   -9.946  1.00 42.65  ? 246 LEU D N   1 
ATOM   1481 C  CA  . LEU D 1 29 ? 14.655  8.066   -8.806  1.00 38.45  ? 246 LEU D CA  1 
ATOM   1482 C  C   . LEU D 1 29 ? 14.853  7.154   -7.590  1.00 47.33  ? 246 LEU D C   1 
ATOM   1483 O  O   . LEU D 1 29 ? 14.977  7.652   -6.474  1.00 50.69  ? 246 LEU D O   1 
ATOM   1484 C  CB  . LEU D 1 29 ? 13.166  8.047   -9.141  1.00 37.14  ? 246 LEU D CB  1 
ATOM   1485 C  CG  . LEU D 1 29 ? 12.396  9.359   -9.175  1.00 39.25  ? 246 LEU D CG  1 
ATOM   1486 C  CD1 . LEU D 1 29 ? 11.079  9.144   -9.908  1.00 24.85  ? 246 LEU D CD1 1 
ATOM   1487 C  CD2 . LEU D 1 29 ? 12.160  9.913   -7.780  1.00 30.59  ? 246 LEU D CD2 1 
ATOM   1488 N  N   . LEU D 1 30 ? 14.860  5.854   -7.847  1.00 45.21  ? 247 LEU D N   1 
ATOM   1489 C  CA  . LEU D 1 30 ? 14.958  4.773   -6.886  1.00 40.54  ? 247 LEU D CA  1 
ATOM   1490 C  C   . LEU D 1 30 ? 16.207  4.828   -6.025  1.00 48.62  ? 247 LEU D C   1 
ATOM   1491 O  O   . LEU D 1 30 ? 16.162  4.548   -4.822  1.00 48.77  ? 247 LEU D O   1 
ATOM   1492 C  CB  . LEU D 1 30 ? 14.905  3.425   -7.621  1.00 43.41  ? 247 LEU D CB  1 
ATOM   1493 C  CG  . LEU D 1 30 ? 13.567  2.684   -7.537  1.00 44.26  ? 247 LEU D CG  1 
ATOM   1494 C  CD1 . LEU D 1 30 ? 12.410  3.643   -7.771  1.00 45.86  ? 247 LEU D CD1 1 
ATOM   1495 C  CD2 . LEU D 1 30 ? 13.538  1.531   -8.526  1.00 39.72  ? 247 LEU D CD2 1 
ATOM   1496 N  N   . PHE D 1 31 ? 17.362  5.185   -6.591  1.00 54.86  ? 248 PHE D N   1 
ATOM   1497 C  CA  . PHE D 1 31 ? 18.519  5.333   -5.697  1.00 54.81  ? 248 PHE D CA  1 
ATOM   1498 C  C   . PHE D 1 31 ? 18.341  6.612   -4.886  1.00 49.08  ? 248 PHE D C   1 
ATOM   1499 O  O   . PHE D 1 31 ? 18.621  6.640   -3.690  1.00 42.16  ? 248 PHE D O   1 
ATOM   1500 C  CB  . PHE D 1 31 ? 19.833  5.345   -6.465  1.00 69.10  ? 248 PHE D CB  1 
ATOM   1501 C  CG  . PHE D 1 31 ? 21.046  4.874   -5.706  1.00 81.72  ? 248 PHE D CG  1 
ATOM   1502 C  CD1 . PHE D 1 31 ? 21.385  5.412   -4.474  1.00 86.08  ? 248 PHE D CD1 1 
ATOM   1503 C  CD2 . PHE D 1 31 ? 21.866  3.881   -6.226  1.00 85.65  ? 248 PHE D CD2 1 
ATOM   1504 C  CE1 . PHE D 1 31 ? 22.499  4.984   -3.779  1.00 86.44  ? 248 PHE D CE1 1 
ATOM   1505 C  CE2 . PHE D 1 31 ? 22.984  3.446   -5.540  1.00 87.53  ? 248 PHE D CE2 1 
ATOM   1506 C  CZ  . PHE D 1 31 ? 23.307  3.996   -4.313  1.00 86.80  ? 248 PHE D CZ  1 
ATOM   1507 N  N   . ARG D 1 32 ? 17.867  7.674   -5.541  1.00 51.77  ? 249 ARG D N   1 
ATOM   1508 C  CA  . ARG D 1 32 ? 17.636  8.912   -4.793  1.00 53.83  ? 249 ARG D CA  1 
ATOM   1509 C  C   . ARG D 1 32 ? 16.640  8.613   -3.670  1.00 52.15  ? 249 ARG D C   1 
ATOM   1510 O  O   . ARG D 1 32 ? 16.920  8.868   -2.505  1.00 57.50  ? 249 ARG D O   1 
ATOM   1511 C  CB  . ARG D 1 32 ? 17.124  10.043  -5.670  1.00 55.37  ? 249 ARG D CB  1 
ATOM   1512 C  CG  . ARG D 1 32 ? 17.965  10.395  -6.882  1.00 54.61  ? 249 ARG D CG  1 
ATOM   1513 C  CD  . ARG D 1 32 ? 18.161  11.900  -7.003  1.00 57.37  ? 249 ARG D CD  1 
ATOM   1514 N  NE  . ARG D 1 32 ? 18.206  12.347  -8.388  1.00 55.31  ? 249 ARG D NE  1 
ATOM   1515 C  CZ  . ARG D 1 32 ? 18.725  13.476  -8.846  1.00 44.74  ? 249 ARG D CZ  1 
ATOM   1516 N  NH1 . ARG D 1 32 ? 19.290  14.363  -8.040  1.00 16.46  ? 249 ARG D NH1 1 
ATOM   1517 N  NH2 . ARG D 1 32 ? 18.679  13.730  -10.151 1.00 36.60  ? 249 ARG D NH2 1 
ATOM   1518 N  N   . LEU D 1 33 ? 15.503  8.058   -4.070  1.00 48.69  ? 250 LEU D N   1 
ATOM   1519 C  CA  . LEU D 1 33 ? 14.459  7.643   -3.143  1.00 41.52  ? 250 LEU D CA  1 
ATOM   1520 C  C   . LEU D 1 33 ? 15.065  6.771   -2.054  1.00 40.26  ? 250 LEU D C   1 
ATOM   1521 O  O   . LEU D 1 33 ? 15.130  7.184   -0.895  1.00 46.12  ? 250 LEU D O   1 
ATOM   1522 C  CB  . LEU D 1 33 ? 13.335  6.912   -3.875  1.00 41.86  ? 250 LEU D CB  1 
ATOM   1523 C  CG  . LEU D 1 33 ? 12.399  7.799   -4.700  1.00 44.31  ? 250 LEU D CG  1 
ATOM   1524 C  CD1 . LEU D 1 33 ? 11.285  6.983   -5.336  1.00 43.82  ? 250 LEU D CD1 1 
ATOM   1525 C  CD2 . LEU D 1 33 ? 11.811  8.909   -3.842  1.00 47.11  ? 250 LEU D CD2 1 
ATOM   1526 N  N   . VAL D 1 34 ? 15.536  5.583   -2.413  1.00 39.68  ? 251 VAL D N   1 
ATOM   1527 C  CA  . VAL D 1 34 ? 16.180  4.701   -1.443  1.00 41.08  ? 251 VAL D CA  1 
ATOM   1528 C  C   . VAL D 1 34 ? 17.278  5.413   -0.662  1.00 51.89  ? 251 VAL D C   1 
ATOM   1529 O  O   . VAL D 1 34 ? 17.515  5.111   0.511   1.00 66.05  ? 251 VAL D O   1 
ATOM   1530 C  CB  . VAL D 1 34 ? 16.764  3.454   -2.126  1.00 40.18  ? 251 VAL D CB  1 
ATOM   1531 C  CG1 . VAL D 1 34 ? 17.580  2.648   -1.129  1.00 32.99  ? 251 VAL D CG1 1 
ATOM   1532 C  CG2 . VAL D 1 34 ? 15.643  2.613   -2.721  1.00 50.67  ? 251 VAL D CG2 1 
ATOM   1533 N  N   . ALA D 1 35 ? 17.934  6.378   -1.301  1.00 59.68  ? 252 ALA D N   1 
ATOM   1534 C  CA  . ALA D 1 35 ? 18.842  7.270   -0.592  1.00 66.13  ? 252 ALA D CA  1 
ATOM   1535 C  C   . ALA D 1 35 ? 18.056  8.107   0.418   1.00 72.53  ? 252 ALA D C   1 
ATOM   1536 O  O   . ALA D 1 35 ? 18.466  8.228   1.571   1.00 87.53  ? 252 ALA D O   1 
ATOM   1537 C  CB  . ALA D 1 35 ? 19.599  8.164   -1.557  1.00 65.84  ? 252 ALA D CB  1 
ATOM   1538 N  N   . ASN D 1 36 ? 16.937  8.670   -0.016  1.00 77.54  ? 253 ASN D N   1 
ATOM   1539 C  CA  . ASN D 1 36 ? 16.061  9.501   0.797   1.00 81.12  ? 253 ASN D CA  1 
ATOM   1540 C  C   . ASN D 1 36 ? 15.008  8.634   1.491   1.00 77.72  ? 253 ASN D C   1 
ATOM   1541 O  O   . ASN D 1 36 ? 13.825  8.969   1.540   1.00 58.97  ? 253 ASN D O   1 
ATOM   1542 C  CB  . ASN D 1 36 ? 15.379  10.575  -0.048  1.00 85.47  ? 253 ASN D CB  1 
ATOM   1543 C  CG  . ASN D 1 36 ? 16.318  11.705  -0.422  1.00 88.49  ? 253 ASN D CG  1 
ATOM   1544 O  OD1 . ASN D 1 36 ? 17.359  11.904  0.206   1.00 83.48  ? 253 ASN D OD1 1 
ATOM   1545 N  ND2 . ASN D 1 36 ? 15.948  12.456  -1.455  1.00 100.58 ? 253 ASN D ND2 1 
HETATM 1546 N  N   . MSE D 1 37 ? 15.518  7.519   1.991   1.00 75.16  ? 254 MSE D N   1 
HETATM 1547 C  CA  . MSE D 1 37 ? 14.735  6.449   2.598   1.00 70.50  ? 254 MSE D CA  1 
HETATM 1548 C  C   . MSE D 1 37 ? 15.518  5.800   3.737   1.00 67.75  ? 254 MSE D C   1 
HETATM 1549 O  O   . MSE D 1 37 ? 16.257  4.840   3.521   1.00 77.20  ? 254 MSE D O   1 
HETATM 1550 C  CB  . MSE D 1 37 ? 14.377  5.419   1.531   1.00 64.66  ? 254 MSE D CB  1 
HETATM 1551 C  CG  . MSE D 1 37 ? 13.496  4.303   2.091   1.00 62.31  ? 254 MSE D CG  1 
HETATM 1552 SE SE  . MSE D 1 37 ? 13.240  2.881   0.779   1.00 87.05  ? 254 MSE D SE  1 
HETATM 1553 C  CE  . MSE D 1 37 ? 12.747  4.201   -0.560  1.00 25.25  ? 254 MSE D CE  1 
ATOM   1554 N  N   . ASP D 1 38 ? 15.346  6.340   4.935   1.00 64.94  ? 255 ASP D N   1 
ATOM   1555 C  CA  . ASP D 1 38 ? 16.003  5.845   6.135   1.00 72.06  ? 255 ASP D CA  1 
ATOM   1556 C  C   . ASP D 1 38 ? 15.814  4.338   6.285   1.00 76.42  ? 255 ASP D C   1 
ATOM   1557 O  O   . ASP D 1 38 ? 14.924  3.762   5.661   1.00 84.78  ? 255 ASP D O   1 
ATOM   1558 C  CB  . ASP D 1 38 ? 15.468  6.564   7.377   1.00 77.48  ? 255 ASP D CB  1 
ATOM   1559 C  CG  . ASP D 1 38 ? 14.657  5.641   8.266   1.00 79.29  ? 255 ASP D CG  1 
ATOM   1560 O  OD1 . ASP D 1 38 ? 13.414  5.737   8.236   1.00 85.75  ? 255 ASP D OD1 1 
ATOM   1561 O  OD2 . ASP D 1 38 ? 15.267  4.822   8.988   1.00 78.15  ? 255 ASP D OD2 1 
ATOM   1562 N  N   . ARG D 1 39 ? 16.655  3.729   7.111   1.00 77.41  ? 256 ARG D N   1 
ATOM   1563 C  CA  . ARG D 1 39 ? 16.666  2.288   7.320   1.00 77.66  ? 256 ARG D CA  1 
ATOM   1564 C  C   . ARG D 1 39 ? 15.293  1.733   7.677   1.00 72.95  ? 256 ARG D C   1 
ATOM   1565 O  O   . ARG D 1 39 ? 14.953  0.622   7.260   1.00 83.68  ? 256 ARG D O   1 
ATOM   1566 C  CB  . ARG D 1 39 ? 17.680  1.920   8.409   1.00 81.47  ? 256 ARG D CB  1 
ATOM   1567 C  CG  . ARG D 1 39 ? 19.036  2.581   8.234   1.00 84.51  ? 256 ARG D CG  1 
ATOM   1568 C  CD  . ARG D 1 39 ? 20.136  1.568   7.969   1.00 84.91  ? 256 ARG D CD  1 
ATOM   1569 N  NE  . ARG D 1 39 ? 21.226  2.132   7.178   1.00 84.51  ? 256 ARG D NE  1 
ATOM   1570 C  CZ  . ARG D 1 39 ? 22.335  2.663   7.672   1.00 81.92  ? 256 ARG D CZ  1 
ATOM   1571 N  NH1 . ARG D 1 39 ? 23.262  3.149   6.855   1.00 78.27  ? 256 ARG D NH1 1 
ATOM   1572 N  NH2 . ARG D 1 39 ? 22.524  2.712   8.983   1.00 68.18  ? 256 ARG D NH2 1 
ATOM   1573 N  N   . SER D 1 40 ? 14.491  2.473   8.438   1.00 65.06  ? 257 SER D N   1 
ATOM   1574 C  CA  . SER D 1 40 ? 13.166  1.973   8.802   1.00 58.99  ? 257 SER D CA  1 
ATOM   1575 C  C   . SER D 1 40 ? 12.354  1.621   7.560   1.00 54.35  ? 257 SER D C   1 
ATOM   1576 O  O   . SER D 1 40 ? 11.993  0.465   7.339   1.00 53.92  ? 257 SER D O   1 
ATOM   1577 C  CB  . SER D 1 40 ? 12.418  3.006   9.644   1.00 59.84  ? 257 SER D CB  1 
ATOM   1578 O  OG  . SER D 1 40 ? 11.949  4.067   8.827   1.00 59.50  ? 257 SER D OG  1 
ATOM   1579 N  N   . GLU D 1 41 ? 12.080  2.637   6.751   1.00 51.75  ? 258 GLU D N   1 
ATOM   1580 C  CA  . GLU D 1 41 ? 11.414  2.472   5.466   1.00 48.01  ? 258 GLU D CA  1 
ATOM   1581 C  C   . GLU D 1 41 ? 12.053  1.332   4.678   1.00 47.03  ? 258 GLU D C   1 
ATOM   1582 O  O   . GLU D 1 41 ? 11.403  0.397   4.225   1.00 54.75  ? 258 GLU D O   1 
ATOM   1583 C  CB  . GLU D 1 41 ? 11.500  3.773   4.666   1.00 46.09  ? 258 GLU D CB  1 
ATOM   1584 C  CG  . GLU D 1 41 ? 11.092  5.001   5.463   1.00 51.85  ? 258 GLU D CG  1 
ATOM   1585 C  CD  . GLU D 1 41 ? 11.787  6.277   5.037   1.00 60.52  ? 258 GLU D CD  1 
ATOM   1586 O  OE1 . GLU D 1 41 ? 11.211  7.056   4.242   1.00 58.88  ? 258 GLU D OE1 1 
ATOM   1587 O  OE2 . GLU D 1 41 ? 12.921  6.512   5.509   1.00 77.76  ? 258 GLU D OE2 1 
ATOM   1588 N  N   . LEU D 1 42 ? 13.363  1.465   4.545   1.00 43.64  ? 259 LEU D N   1 
ATOM   1589 C  CA  . LEU D 1 42 ? 14.241  0.534   3.870   1.00 42.05  ? 259 LEU D CA  1 
ATOM   1590 C  C   . LEU D 1 42 ? 13.893  -0.906  4.203   1.00 32.79  ? 259 LEU D C   1 
ATOM   1591 O  O   . LEU D 1 42 ? 13.717  -1.779  3.353   1.00 37.45  ? 259 LEU D O   1 
ATOM   1592 C  CB  . LEU D 1 42 ? 15.685  0.833   4.288   1.00 50.62  ? 259 LEU D CB  1 
ATOM   1593 C  CG  . LEU D 1 42 ? 16.668  1.297   3.214   1.00 50.68  ? 259 LEU D CG  1 
ATOM   1594 C  CD1 . LEU D 1 42 ? 15.974  2.127   2.145   1.00 37.17  ? 259 LEU D CD1 1 
ATOM   1595 C  CD2 . LEU D 1 42 ? 17.815  2.074   3.854   1.00 42.79  ? 259 LEU D CD2 1 
ATOM   1596 N  N   . SER D 1 43 ? 13.803  -1.181  5.503   1.00 35.32  ? 260 SER D N   1 
ATOM   1597 C  CA  . SER D 1 43 ? 13.541  -2.567  5.903   1.00 41.83  ? 260 SER D CA  1 
ATOM   1598 C  C   . SER D 1 43 ? 12.129  -2.989  5.525   1.00 47.04  ? 260 SER D C   1 
ATOM   1599 O  O   . SER D 1 43 ? 11.934  -4.093  5.013   1.00 36.19  ? 260 SER D O   1 
ATOM   1600 C  CB  . SER D 1 43 ? 13.788  -2.709  7.402   1.00 48.24  ? 260 SER D CB  1 
ATOM   1601 O  OG  . SER D 1 43 ? 14.314  -1.487  7.908   1.00 66.44  ? 260 SER D OG  1 
ATOM   1602 N  N   . ASP D 1 44 ? 11.162  -2.111  5.770   1.00 57.11  ? 261 ASP D N   1 
ATOM   1603 C  CA  . ASP D 1 44 ? 9.768   -2.376  5.435   1.00 62.20  ? 261 ASP D CA  1 
ATOM   1604 C  C   . ASP D 1 44 ? 9.651   -2.844  3.987   1.00 54.25  ? 261 ASP D C   1 
ATOM   1605 O  O   . ASP D 1 44 ? 9.251   -3.980  3.734   1.00 66.81  ? 261 ASP D O   1 
ATOM   1606 C  CB  . ASP D 1 44 ? 8.895   -1.139  5.644   1.00 75.85  ? 261 ASP D CB  1 
ATOM   1607 C  CG  . ASP D 1 44 ? 8.617   -0.844  7.104   1.00 88.58  ? 261 ASP D CG  1 
ATOM   1608 O  OD1 . ASP D 1 44 ? 8.787   -1.753  7.946   1.00 101.18 ? 261 ASP D OD1 1 
ATOM   1609 O  OD2 . ASP D 1 44 ? 8.225   0.304   7.409   1.00 98.74  ? 261 ASP D OD2 1 
ATOM   1610 N  N   . LEU D 1 45 ? 10.013  -1.955  3.070   1.00 49.61  ? 262 LEU D N   1 
ATOM   1611 C  CA  . LEU D 1 45 ? 9.968   -2.266  1.641   1.00 45.26  ? 262 LEU D CA  1 
ATOM   1612 C  C   . LEU D 1 45 ? 10.953  -3.380  1.318   1.00 51.82  ? 262 LEU D C   1 
ATOM   1613 O  O   . LEU D 1 45 ? 10.762  -4.163  0.386   1.00 66.96  ? 262 LEU D O   1 
ATOM   1614 C  CB  . LEU D 1 45 ? 10.241  -1.006  0.831   1.00 40.44  ? 262 LEU D CB  1 
ATOM   1615 C  CG  . LEU D 1 45 ? 10.979  -1.155  -0.495  1.00 40.82  ? 262 LEU D CG  1 
ATOM   1616 C  CD1 . LEU D 1 45 ? 10.007  -1.177  -1.663  1.00 30.25  ? 262 LEU D CD1 1 
ATOM   1617 C  CD2 . LEU D 1 45 ? 11.994  -0.029  -0.646  1.00 50.52  ? 262 LEU D CD2 1 
ATOM   1618 N  N   . GLY D 1 46 ? 12.024  -3.476  2.108   1.00 53.48  ? 263 GLY D N   1 
ATOM   1619 C  CA  . GLY D 1 46 ? 12.937  -4.600  1.963   1.00 51.31  ? 263 GLY D CA  1 
ATOM   1620 C  C   . GLY D 1 46 ? 12.177  -5.922  2.041   1.00 48.51  ? 263 GLY D C   1 
ATOM   1621 O  O   . GLY D 1 46 ? 12.091  -6.628  1.035   1.00 58.13  ? 263 GLY D O   1 
ATOM   1622 N  N   . THR D 1 47 ? 11.640  -6.226  3.214   1.00 42.37  ? 264 THR D N   1 
ATOM   1623 C  CA  . THR D 1 47 ? 10.823  -7.391  3.496   1.00 41.32  ? 264 THR D CA  1 
ATOM   1624 C  C   . THR D 1 47 ? 9.816   -7.696  2.390   1.00 32.86  ? 264 THR D C   1 
ATOM   1625 O  O   . THR D 1 47 ? 9.724   -8.816  1.895   1.00 47.03  ? 264 THR D O   1 
ATOM   1626 C  CB  . THR D 1 47 ? 9.993   -7.216  4.789   1.00 50.67  ? 264 THR D CB  1 
ATOM   1627 O  OG1 . THR D 1 47 ? 10.782  -6.613  5.816   1.00 55.66  ? 264 THR D OG1 1 
ATOM   1628 C  CG2 . THR D 1 47 ? 9.551   -8.580  5.296   1.00 55.06  ? 264 THR D CG2 1 
ATOM   1629 N  N   . LEU D 1 48 ? 9.048   -6.674  2.028   1.00 23.45  ? 265 LEU D N   1 
ATOM   1630 C  CA  . LEU D 1 48 ? 8.030   -6.794  0.990   1.00 29.14  ? 265 LEU D CA  1 
ATOM   1631 C  C   . LEU D 1 48 ? 8.598   -7.365  -0.299  1.00 41.45  ? 265 LEU D C   1 
ATOM   1632 O  O   . LEU D 1 48 ? 7.989   -8.260  -0.890  1.00 61.20  ? 265 LEU D O   1 
ATOM   1633 C  CB  . LEU D 1 48 ? 7.389   -5.430  0.732   1.00 34.13  ? 265 LEU D CB  1 
ATOM   1634 C  CG  . LEU D 1 48 ? 6.659   -5.197  -0.587  1.00 36.43  ? 265 LEU D CG  1 
ATOM   1635 C  CD1 . LEU D 1 48 ? 5.279   -5.838  -0.566  1.00 48.28  ? 265 LEU D CD1 1 
ATOM   1636 C  CD2 . LEU D 1 48 ? 6.544   -3.705  -0.877  1.00 31.89  ? 265 LEU D CD2 1 
ATOM   1637 N  N   . ILE D 1 49 ? 9.751   -6.868  -0.759  1.00 44.26  ? 266 ILE D N   1 
ATOM   1638 C  CA  . ILE D 1 49 ? 10.260  -7.397  -2.029  1.00 34.17  ? 266 ILE D CA  1 
ATOM   1639 C  C   . ILE D 1 49 ? 10.525  -8.892  -1.884  1.00 22.32  ? 266 ILE D C   1 
ATOM   1640 O  O   . ILE D 1 49 ? 10.211  -9.681  -2.772  1.00 26.39  ? 266 ILE D O   1 
ATOM   1641 C  CB  . ILE D 1 49 ? 11.542  -6.700  -2.510  1.00 25.10  ? 266 ILE D CB  1 
ATOM   1642 C  CG1 . ILE D 1 49 ? 11.330  -5.276  -3.020  1.00 20.29  ? 266 ILE D CG1 1 
ATOM   1643 C  CG2 . ILE D 1 49 ? 12.239  -7.551  -3.562  1.00 21.03  ? 266 ILE D CG2 1 
ATOM   1644 C  CD1 . ILE D 1 49 ? 12.025  -4.245  -2.153  1.00 48.22  ? 266 ILE D CD1 1 
ATOM   1645 N  N   . LYS D 1 50 ? 11.103  -9.237  -0.740  1.00 21.37  ? 267 LYS D N   1 
ATOM   1646 C  CA  . LYS D 1 50 ? 11.372  -10.640 -0.433  1.00 38.93  ? 267 LYS D CA  1 
ATOM   1647 C  C   . LYS D 1 50 ? 10.128  -11.498 -0.655  1.00 44.02  ? 267 LYS D C   1 
ATOM   1648 O  O   . LYS D 1 50 ? 10.130  -12.361 -1.533  1.00 38.77  ? 267 LYS D O   1 
ATOM   1649 C  CB  . LYS D 1 50 ? 11.865  -10.794 1.010   1.00 44.78  ? 267 LYS D CB  1 
ATOM   1650 C  CG  . LYS D 1 50 ? 12.522  -12.133 1.292   1.00 52.15  ? 267 LYS D CG  1 
ATOM   1651 C  CD  . LYS D 1 50 ? 13.129  -12.189 2.683   1.00 55.67  ? 267 LYS D CD  1 
ATOM   1652 C  CE  . LYS D 1 50 ? 14.127  -13.334 2.796   1.00 57.14  ? 267 LYS D CE  1 
ATOM   1653 N  NZ  . LYS D 1 50 ? 14.580  -13.559 4.197   1.00 60.20  ? 267 LYS D NZ  1 
ATOM   1654 N  N   . ASP D 1 51 ? 9.099   -11.219 0.138   1.00 44.15  ? 268 ASP D N   1 
ATOM   1655 C  CA  . ASP D 1 51 ? 7.800   -11.864 0.028   1.00 42.77  ? 268 ASP D CA  1 
ATOM   1656 C  C   . ASP D 1 51 ? 7.369   -11.946 -1.432  1.00 41.12  ? 268 ASP D C   1 
ATOM   1657 O  O   . ASP D 1 51 ? 7.139   -13.032 -1.957  1.00 51.97  ? 268 ASP D O   1 
ATOM   1658 C  CB  . ASP D 1 51 ? 6.744   -11.104 0.830   1.00 47.73  ? 268 ASP D CB  1 
ATOM   1659 C  CG  . ASP D 1 51 ? 6.972   -11.162 2.326   1.00 56.15  ? 268 ASP D CG  1 
ATOM   1660 O  OD1 . ASP D 1 51 ? 7.213   -12.268 2.851   1.00 53.76  ? 268 ASP D OD1 1 
ATOM   1661 O  OD2 . ASP D 1 51 ? 6.908   -10.095 2.973   1.00 77.04  ? 268 ASP D OD2 1 
ATOM   1662 N  N   . ASN D 1 52 ? 7.282   -10.778 -2.054  1.00 46.56  ? 269 ASN D N   1 
ATOM   1663 C  CA  . ASN D 1 52 ? 6.963   -10.644 -3.467  1.00 51.65  ? 269 ASN D CA  1 
ATOM   1664 C  C   . ASN D 1 52 ? 7.786   -11.633 -4.292  1.00 58.69  ? 269 ASN D C   1 
ATOM   1665 O  O   . ASN D 1 52 ? 7.282   -12.217 -5.250  1.00 77.91  ? 269 ASN D O   1 
ATOM   1666 C  CB  . ASN D 1 52 ? 7.228   -9.223  -3.958  1.00 50.23  ? 269 ASN D CB  1 
ATOM   1667 C  CG  . ASN D 1 52 ? 6.018   -8.318  -4.003  1.00 49.76  ? 269 ASN D CG  1 
ATOM   1668 O  OD1 . ASN D 1 52 ? 5.971   -7.342  -4.760  1.00 45.50  ? 269 ASN D OD1 1 
ATOM   1669 N  ND2 . ASN D 1 52 ? 5.013   -8.611  -3.188  1.00 49.51  ? 269 ASN D ND2 1 
ATOM   1670 N  N   . LEU D 1 53 ? 9.048   -11.805 -3.912  1.00 56.34  ? 270 LEU D N   1 
ATOM   1671 C  CA  . LEU D 1 53 ? 9.948   -12.698 -4.637  1.00 54.71  ? 270 LEU D CA  1 
ATOM   1672 C  C   . LEU D 1 53 ? 9.720   -14.151 -4.225  1.00 64.39  ? 270 LEU D C   1 
ATOM   1673 O  O   . LEU D 1 53 ? 9.504   -15.018 -5.074  1.00 66.76  ? 270 LEU D O   1 
ATOM   1674 C  CB  . LEU D 1 53 ? 11.395  -12.293 -4.388  1.00 46.78  ? 270 LEU D CB  1 
ATOM   1675 C  CG  . LEU D 1 53 ? 12.267  -11.788 -5.531  1.00 40.98  ? 270 LEU D CG  1 
ATOM   1676 C  CD1 . LEU D 1 53 ? 11.637  -12.019 -6.894  1.00 34.19  ? 270 LEU D CD1 1 
ATOM   1677 C  CD2 . LEU D 1 53 ? 12.578  -10.306 -5.344  1.00 50.71  ? 270 LEU D CD2 1 
ATOM   1678 N  N   . LYS D 1 54 ? 9.768   -14.406 -2.924  1.00 71.86  ? 271 LYS D N   1 
ATOM   1679 C  CA  . LYS D 1 54 ? 9.658   -15.724 -2.327  1.00 72.33  ? 271 LYS D CA  1 
ATOM   1680 C  C   . LYS D 1 54 ? 8.536   -16.578 -2.906  1.00 73.24  ? 271 LYS D C   1 
ATOM   1681 O  O   . LYS D 1 54 ? 8.677   -17.802 -2.934  1.00 54.60  ? 271 LYS D O   1 
ATOM   1682 C  CB  . LYS D 1 54 ? 9.419   -15.617 -0.812  1.00 73.04  ? 271 LYS D CB  1 
ATOM   1683 C  CG  . LYS D 1 54 ? 8.170   -16.371 -0.375  1.00 75.80  ? 271 LYS D CG  1 
ATOM   1684 C  CD  . LYS D 1 54 ? 7.764   -15.998 1.041   1.00 81.15  ? 271 LYS D CD  1 
ATOM   1685 C  CE  . LYS D 1 54 ? 7.613   -17.227 1.924   1.00 82.87  ? 271 LYS D CE  1 
ATOM   1686 N  NZ  . LYS D 1 54 ? 7.758   -16.887 3.368   1.00 81.27  ? 271 LYS D NZ  1 
ATOM   1687 N  N   . ARG D 1 55 ? 7.447   -15.961 -3.341  1.00 82.49  ? 272 ARG D N   1 
ATOM   1688 C  CA  . ARG D 1 55 ? 6.287   -16.685 -3.836  1.00 93.40  ? 272 ARG D CA  1 
ATOM   1689 C  C   . ARG D 1 55 ? 6.650   -17.765 -4.856  1.00 99.95  ? 272 ARG D C   1 
ATOM   1690 O  O   . ARG D 1 55 ? 7.132   -17.477 -5.947  1.00 97.80  ? 272 ARG D O   1 
ATOM   1691 C  CB  . ARG D 1 55 ? 5.274   -15.722 -4.468  1.00 97.56  ? 272 ARG D CB  1 
ATOM   1692 C  CG  . ARG D 1 55 ? 3.839   -16.216 -4.321  1.00 102.40 ? 272 ARG D CG  1 
ATOM   1693 C  CD  . ARG D 1 55 ? 3.589   -16.672 -2.887  1.00 106.83 ? 272 ARG D CD  1 
ATOM   1694 N  NE  . ARG D 1 55 ? 3.604   -15.530 -1.969  1.00 111.04 ? 272 ARG D NE  1 
ATOM   1695 C  CZ  . ARG D 1 55 ? 2.734   -14.528 -2.039  1.00 114.04 ? 272 ARG D CZ  1 
ATOM   1696 N  NH1 . ARG D 1 55 ? 1.790   -14.531 -2.976  1.00 115.10 ? 272 ARG D NH1 1 
ATOM   1697 N  NH2 . ARG D 1 55 ? 2.807   -13.523 -1.176  1.00 120.52 ? 272 ARG D NH2 1 
ATOM   1698 N  N   . ASP D 1 56 ? 6.402   -19.007 -4.459  1.00 106.27 ? 273 ASP D N   1 
ATOM   1699 C  CA  . ASP D 1 56 ? 6.656   -20.184 -5.272  1.00 110.61 ? 273 ASP D CA  1 
ATOM   1700 C  C   . ASP D 1 56 ? 6.029   -20.055 -6.656  1.00 114.58 ? 273 ASP D C   1 
ATOM   1701 O  O   . ASP D 1 56 ? 4.850   -20.363 -6.841  1.00 118.41 ? 273 ASP D O   1 
ATOM   1702 C  CB  . ASP D 1 56 ? 6.110   -21.433 -4.570  1.00 106.51 ? 273 ASP D CB  1 
ATOM   1703 C  CG  . ASP D 1 56 ? 4.655   -21.249 -4.179  1.00 104.64 ? 273 ASP D CG  1 
ATOM   1704 O  OD1 . ASP D 1 56 ? 3.779   -21.792 -4.884  1.00 104.55 ? 273 ASP D OD1 1 
ATOM   1705 O  OD2 . ASP D 1 56 ? 4.389   -20.560 -3.172  1.00 103.51 ? 273 ASP D OD2 1 
HETATM 1706 O  O   . HOH E 2 .  ? -21.159 -6.969  22.274  1.00 21.99  ? 3   HOH A O   1 
HETATM 1707 O  O   . HOH E 2 .  ? -22.634 -5.040  -6.259  1.00 30.33  ? 9   HOH A O   1 
HETATM 1708 O  O   . HOH E 2 .  ? -15.420 -8.343  -1.977  1.00 45.36  ? 12  HOH A O   1 
HETATM 1709 O  O   . HOH E 2 .  ? -11.683 -1.487  19.449  1.00 36.50  ? 14  HOH A O   1 
HETATM 1710 O  O   . HOH E 2 .  ? -17.789 -3.830  -14.722 1.00 68.02  ? 15  HOH A O   1 
HETATM 1711 O  O   . HOH E 2 .  ? -7.278  -6.950  23.761  1.00 17.23  ? 16  HOH A O   1 
HETATM 1712 O  O   . HOH E 2 .  ? -22.992 -3.706  19.952  1.00 22.23  ? 17  HOH A O   1 
HETATM 1713 O  O   . HOH E 2 .  ? -14.497 -10.339 -1.311  1.00 53.25  ? 21  HOH A O   1 
HETATM 1714 O  O   . HOH E 2 .  ? -17.950 -16.693 18.511  1.00 43.11  ? 23  HOH A O   1 
HETATM 1715 O  O   . HOH E 2 .  ? -15.331 -11.426 -11.957 1.00 52.09  ? 25  HOH A O   1 
HETATM 1716 O  O   . HOH E 2 .  ? -6.020  -9.838  19.710  1.00 51.90  ? 27  HOH A O   1 
HETATM 1717 O  O   . HOH E 2 .  ? -24.763 2.372   -3.232  1.00 30.51  ? 30  HOH A O   1 
HETATM 1718 O  O   . HOH E 2 .  ? -15.267 -7.405  -16.946 1.00 45.22  ? 33  HOH A O   1 
HETATM 1719 O  O   . HOH F 2 .  ? -8.610  7.661   -12.264 1.00 25.95  ? 18  HOH B O   1 
HETATM 1720 O  O   . HOH F 2 .  ? -19.987 -10.402 10.919  1.00 38.52  ? 19  HOH B O   1 
HETATM 1721 O  O   . HOH F 2 .  ? -16.602 -9.915  4.436   1.00 52.66  ? 22  HOH B O   1 
HETATM 1722 O  O   . HOH F 2 .  ? -7.993  -15.526 19.592  1.00 31.56  ? 29  HOH B O   1 
HETATM 1723 O  O   . HOH F 2 .  ? -15.648 2.853   -4.825  1.00 44.65  ? 37  HOH B O   1 
HETATM 1724 O  O   . HOH G 2 .  ? 15.334  -7.925  -0.499  1.00 33.56  ? 1   HOH C O   1 
HETATM 1725 O  O   . HOH G 2 .  ? 16.675  -6.376  0.516   1.00 34.47  ? 2   HOH C O   1 
HETATM 1726 O  O   . HOH G 2 .  ? 15.125  -6.579  -14.779 1.00 53.16  ? 4   HOH C O   1 
HETATM 1727 O  O   . HOH G 2 .  ? 13.085  17.410  -0.758  1.00 51.63  ? 5   HOH C O   1 
HETATM 1728 O  O   . HOH G 2 .  ? 13.832  15.387  -1.832  1.00 23.10  ? 6   HOH C O   1 
HETATM 1729 O  O   . HOH G 2 .  ? 19.565  19.674  -13.190 1.00 24.18  ? 7   HOH C O   1 
HETATM 1730 O  O   . HOH G 2 .  ? 16.091  -2.795  -12.252 1.00 23.37  ? 8   HOH C O   1 
HETATM 1731 O  O   . HOH G 2 .  ? 5.689   -6.525  -7.718  1.00 53.30  ? 11  HOH C O   1 
HETATM 1732 O  O   . HOH G 2 .  ? 14.397  -2.708  -9.046  1.00 53.38  ? 13  HOH C O   1 
HETATM 1733 O  O   . HOH G 2 .  ? 22.592  12.304  -6.416  1.00 48.12  ? 26  HOH C O   1 
HETATM 1734 O  O   . HOH G 2 .  ? 8.776   -2.256  -13.667 1.00 42.45  ? 32  HOH C O   1 
HETATM 1735 O  O   . HOH G 2 .  ? -0.420  17.945  0.684   1.00 52.41  ? 34  HOH C O   1 
HETATM 1736 O  O   . HOH G 2 .  ? 15.251  -1.929  -14.361 1.00 39.27  ? 35  HOH C O   1 
HETATM 1737 O  O   . HOH G 2 .  ? 15.482  -15.371 -8.838  1.00 70.08  ? 36  HOH C O   1 
HETATM 1738 O  O   . HOH H 2 .  ? 18.145  12.725  -12.374 1.00 50.18  ? 10  HOH D O   1 
HETATM 1739 O  O   . HOH H 2 .  ? -7.253  11.344  0.474   1.00 61.95  ? 20  HOH D O   1 
HETATM 1740 O  O   . HOH H 2 .  ? 14.232  17.207  -17.932 1.00 71.32  ? 24  HOH D O   1 
HETATM 1741 O  O   . HOH H 2 .  ? 3.593   17.341  -11.430 1.00 43.12  ? 28  HOH D O   1 
HETATM 1742 O  O   . HOH H 2 .  ? -8.793  12.653  -10.551 1.00 50.55  ? 31  HOH D O   1 
# 
